data_3D2F
#
_entry.id   3D2F
#
_cell.length_a   129.500
_cell.length_b   141.902
_cell.length_c   151.680
_cell.angle_alpha   90.000
_cell.angle_beta   90.000
_cell.angle_gamma   90.000
#
_symmetry.space_group_name_H-M   'P 21 21 21'
#
loop_
_entity.id
_entity.type
_entity.pdbx_description
1 polymer 'Heat shock protein homolog SSE1'
2 polymer 'Heat shock 70 kDa protein 1'
3 non-polymer 'MAGNESIUM ION'
4 non-polymer 'POTASSIUM ION'
5 non-polymer "ADENOSINE-5'-TRIPHOSPHATE"
6 non-polymer GLYCEROL
7 water water
#
loop_
_entity_poly.entity_id
_entity_poly.type
_entity_poly.pdbx_seq_one_letter_code
_entity_poly.pdbx_strand_id
1 'polypeptide(L)'
;MSTPFGLDLGNNNSVLAVARNRGIDIVVNEVSNRSTPSVVGFGPKNRYLGETGKNKQTSNIKNTVANLKRIIGLDYHHPD
FEQESKHFTSKLVELDDKKTGAEVRFAGEKHVFSATQLAAMFIDKVKDTVKQDTKANITDVCIAVPPWYTEEQRYNIADA
ARIAGLNPVRIVNDVTAAGVSYGIFKTDLPEGEEKPRIVAFVDIGHSSYTCSIMAFKKGQLKVLGTACDKHFGGRDFDLA
ITEHFADEFKTKYKIDIRENPKAYNRILTAAEKLKKVLSANTNAPFSVESVMNDVDVSSQLSREELEELVKPLLERVTEP
VTKALAQAKLSAEEVDFVEIIGGTTRIPTLKQSISEAFGKPLSTTLNQDEAIAKGAAFICAIHSPTLRVRPFKFEDIHPY
SVSYSWDKQVEDEDHMEVFPAGSSFPSTKLITLNRTGDFSMAASYTDITQLPPNTPEQIANWEITGVQLPEGQDSVPVKL
KLRCDPSGLHTIEEAYTIEDIEAGSDTKTVKKDDLTIVAHTFGLDAKKLNELIEKENEMLAQDKLVAETEDRKNTLEEYI
YTLRGKLEEEYAPFASDAEKTKLQGMLNKAEEWLYDEGFDSIKAKYIAKYEELASLGNIIRGRYLAKEEEKKQAIRSKQE
ASQMAAMAEKLAAQRKAEAEKKEEKKDTEGDVDMD
;
A,C
2 'polypeptide(L)'
;MAKAAAIGIDLGTTYSCVGVFQHGKVEIIANDQGNRTTPSYVAFTDTERLIGDAAKNQVALNPQNTVFDAKRLIGRKFGD
PVVQSDMKHWPFQVINDGDKPKVQVSYKGETKAFYPEEISSMVLTKMKEIAEAYLGYPVTNAVITVPAYFNDSQRQATKD
AGVIAGLNVLRIINEPTAAAIAYGLDRTGKGERNVLIFDLGGGTFDVSILTIDDGIFEVKATAGDTHLGGEDFDNRLVNH
FVEEFKRKHKKDISQNKRAVRRLRTACERAKRTLSSSTQASLEIDSLFEGIDFYTSITRARFEELCSDLFRSTLEPVEKA
LRDAKLDKAQIHDLVLVGGSTRIPKVQKLLQDFFNGRDLNKSINPDEAVAYGAAVQAAILMG
;
B,D
#
loop_
_chem_comp.id
_chem_comp.type
_chem_comp.name
_chem_comp.formula
ATP non-polymer ADENOSINE-5'-TRIPHOSPHATE 'C10 H16 N5 O13 P3'
GOL non-polymer GLYCEROL 'C3 H8 O3'
K non-polymer 'POTASSIUM ION' 'K 1'
MG non-polymer 'MAGNESIUM ION' 'Mg 2'
#
# COMPACT_ATOMS: atom_id res chain seq x y z
N SER A 2 -46.69 25.55 -32.25
CA SER A 2 -46.65 24.07 -32.00
C SER A 2 -45.30 23.48 -32.46
N THR A 3 -44.61 22.81 -31.54
CA THR A 3 -43.29 22.24 -31.84
C THR A 3 -43.36 20.70 -31.97
N PRO A 4 -42.85 20.17 -33.10
CA PRO A 4 -42.87 18.72 -33.35
C PRO A 4 -42.15 17.95 -32.24
N PHE A 5 -42.74 16.81 -31.86
CA PHE A 5 -42.36 16.05 -30.70
C PHE A 5 -42.29 14.56 -31.08
N GLY A 6 -41.11 13.98 -30.88
CA GLY A 6 -40.88 12.58 -31.12
C GLY A 6 -40.71 11.85 -29.80
N LEU A 7 -41.39 10.71 -29.67
CA LEU A 7 -41.38 9.90 -28.45
C LEU A 7 -40.88 8.48 -28.73
N ASP A 8 -39.70 8.14 -28.21
CA ASP A 8 -39.26 6.76 -28.20
C ASP A 8 -39.84 6.21 -26.93
N LEU A 9 -40.86 5.36 -27.03
CA LEU A 9 -41.51 4.85 -25.84
C LEU A 9 -40.90 3.49 -25.51
N GLY A 10 -39.96 3.47 -24.57
CA GLY A 10 -39.28 2.22 -24.24
C GLY A 10 -39.94 1.51 -23.08
N ASN A 11 -39.73 0.21 -23.01
CA ASN A 11 -40.22 -0.56 -21.87
C ASN A 11 -39.59 -0.15 -20.52
N ASN A 12 -38.31 0.21 -20.56
CA ASN A 12 -37.63 0.63 -19.37
C ASN A 12 -37.59 2.18 -19.27
N ASN A 13 -37.18 2.82 -20.36
CA ASN A 13 -37.17 4.28 -20.32
C ASN A 13 -37.59 4.91 -21.64
N SER A 14 -38.03 6.16 -21.59
CA SER A 14 -38.45 6.84 -22.78
C SER A 14 -37.61 8.09 -23.05
N VAL A 15 -37.34 8.35 -24.33
CA VAL A 15 -36.57 9.51 -24.74
C VAL A 15 -37.46 10.52 -25.52
N LEU A 16 -37.25 11.80 -25.23
CA LEU A 16 -38.09 12.89 -25.68
C LEU A 16 -37.22 13.79 -26.54
N ALA A 17 -37.65 13.98 -27.78
CA ALA A 17 -36.98 14.86 -28.72
C ALA A 17 -37.99 15.79 -29.38
N VAL A 18 -37.49 16.94 -29.79
CA VAL A 18 -38.30 18.02 -30.24
C VAL A 18 -37.57 18.62 -31.48
N ALA A 19 -38.32 19.11 -32.46
CA ALA A 19 -37.75 19.77 -33.64
C ALA A 19 -37.82 21.29 -33.49
N ARG A 20 -36.66 21.93 -33.30
CA ARG A 20 -36.57 23.40 -33.12
C ARG A 20 -35.18 23.96 -33.41
N ASN A 21 -35.15 25.26 -33.73
CA ASN A 21 -33.91 25.99 -34.01
C ASN A 21 -33.19 25.36 -35.21
N ARG A 22 -31.91 25.04 -35.01
CA ARG A 22 -31.17 24.31 -36.04
C ARG A 22 -31.91 23.03 -36.43
N GLY A 23 -32.30 22.25 -35.44
CA GLY A 23 -32.81 20.94 -35.75
C GLY A 23 -33.51 20.26 -34.61
N ILE A 24 -32.89 19.18 -34.14
N ILE A 24 -32.90 19.16 -34.15
CA ILE A 24 -33.54 18.28 -33.21
CA ILE A 24 -33.53 18.24 -33.22
C ILE A 24 -32.78 18.21 -31.89
C ILE A 24 -32.77 18.23 -31.89
N ASP A 25 -33.52 18.46 -30.79
CA ASP A 25 -32.95 18.50 -29.42
C ASP A 25 -33.52 17.39 -28.56
N ILE A 26 -32.72 16.90 -27.62
CA ILE A 26 -33.21 16.02 -26.57
C ILE A 26 -33.79 16.88 -25.45
N VAL A 27 -35.02 16.58 -25.05
CA VAL A 27 -35.65 17.23 -23.89
C VAL A 27 -35.30 16.46 -22.61
N VAL A 28 -34.87 17.22 -21.61
CA VAL A 28 -34.42 16.75 -20.32
C VAL A 28 -35.61 16.86 -19.34
N ASN A 29 -35.77 15.88 -18.43
CA ASN A 29 -36.86 15.92 -17.42
C ASN A 29 -36.56 16.74 -16.17
N GLU A 30 -37.46 16.69 -15.18
CA GLU A 30 -37.39 17.56 -13.98
C GLU A 30 -36.21 17.19 -13.08
N VAL A 31 -35.75 15.94 -13.20
CA VAL A 31 -34.52 15.54 -12.51
C VAL A 31 -33.23 15.75 -13.33
N SER A 32 -33.37 16.39 -14.49
CA SER A 32 -32.27 16.61 -15.45
C SER A 32 -31.85 15.40 -16.29
N ASN A 33 -32.62 14.33 -16.21
CA ASN A 33 -32.32 13.15 -16.98
C ASN A 33 -32.75 13.23 -18.43
N ARG A 34 -31.97 12.58 -19.28
CA ARG A 34 -32.17 12.55 -20.74
C ARG A 34 -33.08 11.41 -21.19
N SER A 35 -33.48 10.56 -20.25
CA SER A 35 -34.52 9.58 -20.47
C SER A 35 -35.39 9.59 -19.22
N THR A 36 -36.64 9.16 -19.33
CA THR A 36 -37.50 9.05 -18.18
C THR A 36 -38.02 7.65 -18.01
N PRO A 37 -37.98 7.15 -16.76
CA PRO A 37 -38.45 5.79 -16.53
C PRO A 37 -39.91 5.64 -16.96
N SER A 38 -40.20 4.56 -17.69
CA SER A 38 -41.51 4.31 -18.28
C SER A 38 -42.46 3.69 -17.26
N VAL A 39 -42.76 4.47 -16.24
CA VAL A 39 -43.43 3.97 -15.03
C VAL A 39 -44.64 4.81 -14.67
N VAL A 40 -45.72 4.11 -14.34
CA VAL A 40 -46.96 4.70 -13.86
C VAL A 40 -47.30 4.04 -12.51
N GLY A 41 -47.20 4.80 -11.41
CA GLY A 41 -47.56 4.32 -10.07
C GLY A 41 -48.74 5.07 -9.45
N PHE A 42 -49.30 4.53 -8.38
CA PHE A 42 -50.50 5.11 -7.76
C PHE A 42 -50.38 5.19 -6.26
N GLY A 43 -50.92 6.28 -5.70
CA GLY A 43 -50.91 6.50 -4.25
C GLY A 43 -52.25 6.96 -3.72
N PRO A 44 -52.33 7.21 -2.39
CA PRO A 44 -53.57 7.66 -1.75
C PRO A 44 -54.11 9.00 -2.25
N LYS A 45 -53.28 9.82 -2.87
CA LYS A 45 -53.66 11.20 -3.19
C LYS A 45 -53.49 11.56 -4.66
N ASN A 46 -52.61 10.84 -5.34
CA ASN A 46 -52.20 11.20 -6.70
C ASN A 46 -51.46 10.07 -7.36
N ARG A 47 -51.14 10.27 -8.64
CA ARG A 47 -50.33 9.33 -9.39
C ARG A 47 -48.85 9.66 -9.30
N TYR A 48 -48.02 8.64 -9.47
CA TYR A 48 -46.58 8.80 -9.49
C TYR A 48 -46.12 8.44 -10.89
N LEU A 49 -45.87 9.46 -11.70
CA LEU A 49 -45.59 9.25 -13.13
C LEU A 49 -44.14 9.55 -13.50
N GLY A 50 -43.49 8.61 -14.19
CA GLY A 50 -42.13 8.87 -14.66
C GLY A 50 -41.14 8.70 -13.52
N GLU A 51 -40.24 9.67 -13.37
CA GLU A 51 -39.20 9.65 -12.33
C GLU A 51 -39.78 9.39 -10.92
N THR A 52 -40.89 10.06 -10.60
CA THR A 52 -41.56 9.86 -9.30
C THR A 52 -42.15 8.47 -9.14
N GLY A 53 -42.70 7.93 -10.23
CA GLY A 53 -43.15 6.55 -10.26
C GLY A 53 -42.01 5.60 -9.90
N LYS A 54 -40.85 5.82 -10.51
CA LYS A 54 -39.65 5.04 -10.21
C LYS A 54 -39.13 5.24 -8.79
N ASN A 55 -39.12 6.49 -8.31
CA ASN A 55 -38.75 6.82 -6.92
C ASN A 55 -39.57 6.05 -5.89
N LYS A 56 -40.88 6.01 -6.11
CA LYS A 56 -41.83 5.37 -5.20
C LYS A 56 -41.98 3.88 -5.46
N GLN A 57 -41.42 3.40 -6.56
CA GLN A 57 -41.58 2.01 -7.00
C GLN A 57 -41.31 0.97 -5.89
N THR A 58 -40.12 1.02 -5.29
CA THR A 58 -39.70 -0.06 -4.37
C THR A 58 -40.54 -0.18 -3.09
N SER A 59 -41.20 0.91 -2.69
CA SER A 59 -42.05 0.93 -1.52
C SER A 59 -43.52 0.83 -1.89
N ASN A 60 -43.82 0.57 -3.16
CA ASN A 60 -45.19 0.63 -3.66
C ASN A 60 -45.32 -0.30 -4.87
N ILE A 61 -44.68 -1.47 -4.77
CA ILE A 61 -44.60 -2.42 -5.88
C ILE A 61 -45.94 -2.92 -6.38
N LYS A 62 -46.93 -3.06 -5.50
CA LYS A 62 -48.21 -3.64 -5.90
C LYS A 62 -49.07 -2.65 -6.70
N ASN A 63 -48.71 -1.36 -6.64
CA ASN A 63 -49.45 -0.29 -7.33
C ASN A 63 -48.60 0.46 -8.35
N THR A 64 -47.55 -0.20 -8.81
CA THR A 64 -46.64 0.38 -9.79
C THR A 64 -46.65 -0.45 -11.05
N VAL A 65 -47.12 0.16 -12.13
CA VAL A 65 -47.07 -0.51 -13.40
C VAL A 65 -45.94 -0.01 -14.32
N ALA A 66 -45.17 -0.98 -14.78
CA ALA A 66 -44.13 -0.75 -15.77
C ALA A 66 -44.51 -1.68 -16.92
N ASN A 67 -43.57 -2.04 -17.78
CA ASN A 67 -43.93 -2.80 -18.98
C ASN A 67 -45.18 -2.29 -19.75
N LEU A 68 -45.42 -0.98 -19.72
CA LEU A 68 -46.60 -0.35 -20.38
C LEU A 68 -46.80 -0.78 -21.84
N LYS A 69 -45.70 -0.77 -22.60
CA LYS A 69 -45.56 -1.22 -24.00
C LYS A 69 -46.08 -2.60 -24.29
N ARG A 70 -45.79 -3.51 -23.35
CA ARG A 70 -45.97 -4.94 -23.56
C ARG A 70 -47.41 -5.38 -23.35
N ILE A 71 -48.18 -4.63 -22.56
CA ILE A 71 -49.58 -5.00 -22.29
C ILE A 71 -50.62 -4.32 -23.19
N ILE A 72 -50.17 -3.33 -23.96
CA ILE A 72 -50.96 -2.74 -25.04
C ILE A 72 -51.41 -3.86 -26.00
N GLY A 73 -52.72 -4.03 -26.16
CA GLY A 73 -53.30 -4.95 -27.13
C GLY A 73 -53.24 -6.42 -26.72
N LEU A 74 -52.82 -6.69 -25.49
CA LEU A 74 -52.52 -8.06 -25.03
C LEU A 74 -53.79 -8.75 -24.54
N ASP A 75 -54.22 -9.79 -25.27
CA ASP A 75 -55.24 -10.71 -24.82
C ASP A 75 -54.84 -11.30 -23.48
N TYR A 76 -55.75 -11.26 -22.50
CA TYR A 76 -55.52 -11.82 -21.18
C TYR A 76 -55.18 -13.33 -21.19
N HIS A 77 -55.77 -14.07 -22.13
CA HIS A 77 -55.53 -15.49 -22.26
C HIS A 77 -54.63 -15.81 -23.46
N HIS A 78 -53.81 -14.83 -23.87
CA HIS A 78 -52.80 -15.04 -24.91
C HIS A 78 -51.83 -16.13 -24.50
N PRO A 79 -51.56 -17.08 -25.42
CA PRO A 79 -50.69 -18.23 -25.09
C PRO A 79 -49.38 -17.82 -24.42
N ASP A 80 -48.87 -16.64 -24.76
CA ASP A 80 -47.61 -16.15 -24.18
C ASP A 80 -47.81 -15.10 -23.11
N PHE A 81 -48.99 -15.08 -22.48
CA PHE A 81 -49.31 -14.08 -21.44
C PHE A 81 -48.31 -14.16 -20.28
N GLU A 82 -47.95 -15.39 -19.89
CA GLU A 82 -47.04 -15.65 -18.77
C GLU A 82 -45.64 -15.07 -18.96
N GLN A 83 -45.14 -15.10 -20.19
CA GLN A 83 -43.88 -14.41 -20.50
C GLN A 83 -43.93 -12.91 -20.25
N GLU A 84 -45.11 -12.30 -20.40
CA GLU A 84 -45.31 -10.89 -20.03
C GLU A 84 -45.52 -10.64 -18.53
N SER A 85 -46.39 -11.43 -17.92
CA SER A 85 -46.86 -11.19 -16.55
C SER A 85 -45.81 -11.51 -15.48
N LYS A 86 -44.92 -12.47 -15.76
CA LYS A 86 -43.76 -12.72 -14.88
C LYS A 86 -42.91 -11.45 -14.57
N HIS A 87 -43.05 -10.41 -15.40
CA HIS A 87 -42.25 -9.18 -15.24
C HIS A 87 -43.05 -8.10 -14.52
N PHE A 88 -44.32 -8.42 -14.21
CA PHE A 88 -45.19 -7.52 -13.47
C PHE A 88 -45.22 -7.82 -11.99
N THR A 89 -45.25 -6.74 -11.25
CA THR A 89 -45.22 -6.73 -9.81
C THR A 89 -46.68 -6.36 -9.37
N SER A 90 -47.42 -5.72 -10.26
CA SER A 90 -48.77 -5.29 -9.94
C SER A 90 -49.78 -6.34 -10.41
N LYS A 91 -51.02 -6.16 -9.98
CA LYS A 91 -52.10 -7.05 -10.30
C LYS A 91 -52.64 -6.73 -11.71
N LEU A 92 -52.68 -7.75 -12.56
CA LEU A 92 -53.25 -7.67 -13.90
C LEU A 92 -54.60 -8.35 -13.88
N VAL A 93 -55.57 -7.79 -14.62
CA VAL A 93 -56.92 -8.34 -14.71
C VAL A 93 -57.46 -8.30 -16.15
N GLU A 94 -58.42 -9.17 -16.45
CA GLU A 94 -59.09 -9.16 -17.73
C GLU A 94 -60.12 -8.03 -17.76
N LEU A 95 -60.16 -7.37 -18.92
CA LEU A 95 -61.08 -6.27 -19.19
C LEU A 95 -62.29 -6.81 -19.94
N ASP A 96 -63.33 -6.00 -20.08
CA ASP A 96 -64.56 -6.41 -20.78
C ASP A 96 -64.38 -6.83 -22.24
N ASP A 97 -63.28 -6.39 -22.86
CA ASP A 97 -63.00 -6.73 -24.25
C ASP A 97 -62.00 -7.89 -24.40
N LYS A 98 -61.70 -8.58 -23.30
CA LYS A 98 -60.74 -9.72 -23.26
C LYS A 98 -59.26 -9.29 -23.29
N LYS A 99 -59.01 -7.99 -23.17
CA LYS A 99 -57.65 -7.47 -23.10
C LYS A 99 -57.16 -7.38 -21.66
N THR A 100 -55.95 -6.90 -21.45
CA THR A 100 -55.43 -6.82 -20.10
C THR A 100 -55.32 -5.41 -19.52
N GLY A 101 -55.73 -5.27 -18.26
CA GLY A 101 -55.53 -4.02 -17.53
C GLY A 101 -54.84 -4.28 -16.22
N ALA A 102 -54.63 -3.20 -15.47
CA ALA A 102 -54.01 -3.26 -14.17
C ALA A 102 -55.04 -2.87 -13.15
N GLU A 103 -55.07 -3.62 -12.04
CA GLU A 103 -55.89 -3.24 -10.89
C GLU A 103 -54.97 -2.70 -9.82
N VAL A 104 -55.38 -1.62 -9.19
CA VAL A 104 -54.47 -0.76 -8.48
C VAL A 104 -55.25 -0.06 -7.35
N ARG A 105 -54.62 0.10 -6.17
CA ARG A 105 -55.19 0.94 -5.12
C ARG A 105 -54.77 2.37 -5.40
N PHE A 106 -55.75 3.24 -5.54
CA PHE A 106 -55.53 4.60 -5.98
C PHE A 106 -56.60 5.47 -5.36
N ALA A 107 -56.17 6.54 -4.70
CA ALA A 107 -57.09 7.52 -4.10
C ALA A 107 -58.12 6.85 -3.19
N GLY A 108 -57.66 5.87 -2.41
CA GLY A 108 -58.51 5.17 -1.45
C GLY A 108 -59.46 4.13 -2.02
N GLU A 109 -59.30 3.79 -3.30
CA GLU A 109 -60.23 2.85 -3.94
C GLU A 109 -59.51 1.83 -4.82
N LYS A 110 -60.22 0.77 -5.18
CA LYS A 110 -59.70 -0.18 -6.16
C LYS A 110 -60.10 0.32 -7.54
N HIS A 111 -59.10 0.50 -8.39
CA HIS A 111 -59.32 1.02 -9.73
C HIS A 111 -58.81 0.02 -10.75
N VAL A 112 -59.57 -0.19 -11.81
CA VAL A 112 -59.06 -0.90 -12.99
C VAL A 112 -58.78 0.07 -14.16
N PHE A 113 -57.56 0.00 -14.68
CA PHE A 113 -57.19 0.76 -15.86
C PHE A 113 -56.73 -0.15 -16.99
N SER A 114 -57.19 0.15 -18.21
CA SER A 114 -56.71 -0.57 -19.38
C SER A 114 -55.29 -0.16 -19.76
N ALA A 115 -54.64 -1.01 -20.55
CA ALA A 115 -53.29 -0.72 -21.03
C ALA A 115 -53.22 0.57 -21.82
N THR A 116 -54.25 0.85 -22.63
CA THR A 116 -54.38 2.13 -23.35
C THR A 116 -54.42 3.35 -22.41
N GLN A 117 -55.25 3.26 -21.36
CA GLN A 117 -55.34 4.26 -20.31
C GLN A 117 -54.01 4.53 -19.61
N LEU A 118 -53.34 3.46 -19.21
CA LEU A 118 -52.06 3.50 -18.53
C LEU A 118 -50.99 4.14 -19.38
N ALA A 119 -50.91 3.75 -20.64
CA ALA A 119 -50.00 4.41 -21.59
C ALA A 119 -50.29 5.91 -21.76
N ALA A 120 -51.57 6.28 -21.83
CA ALA A 120 -52.01 7.69 -21.85
C ALA A 120 -51.54 8.54 -20.66
N MET A 121 -51.54 7.95 -19.46
CA MET A 121 -51.06 8.63 -18.25
C MET A 121 -49.59 9.00 -18.40
N PHE A 122 -48.79 8.05 -18.91
CA PHE A 122 -47.37 8.27 -19.11
C PHE A 122 -47.07 9.30 -20.21
N ILE A 123 -47.74 9.14 -21.35
CA ILE A 123 -47.68 10.13 -22.44
C ILE A 123 -48.06 11.54 -21.96
N ASP A 124 -49.07 11.63 -21.13
CA ASP A 124 -49.46 12.92 -20.57
C ASP A 124 -48.35 13.56 -19.74
N LYS A 125 -47.68 12.77 -18.88
CA LYS A 125 -46.60 13.29 -18.02
C LYS A 125 -45.47 13.86 -18.85
N VAL A 126 -45.07 13.05 -19.81
CA VAL A 126 -43.95 13.27 -20.70
C VAL A 126 -44.26 14.43 -21.69
N LYS A 127 -45.52 14.55 -22.09
CA LYS A 127 -45.99 15.76 -22.79
C LYS A 127 -45.80 17.04 -21.95
N ASP A 128 -46.05 16.94 -20.64
CA ASP A 128 -45.86 18.09 -19.74
C ASP A 128 -44.37 18.44 -19.54
N THR A 129 -43.52 17.42 -19.46
CA THR A 129 -42.06 17.65 -19.46
C THR A 129 -41.67 18.52 -20.67
N VAL A 130 -42.10 18.11 -21.86
CA VAL A 130 -41.81 18.83 -23.10
C VAL A 130 -42.32 20.27 -23.12
N LYS A 131 -43.55 20.50 -22.66
CA LYS A 131 -44.01 21.89 -22.68
C LYS A 131 -43.43 22.73 -21.59
N GLN A 132 -42.94 22.09 -20.55
CA GLN A 132 -42.21 22.82 -19.51
C GLN A 132 -40.89 23.29 -20.10
N ASP A 133 -40.26 22.44 -20.90
CA ASP A 133 -38.99 22.74 -21.50
C ASP A 133 -39.12 23.74 -22.66
N THR A 134 -40.11 23.57 -23.53
CA THR A 134 -40.27 24.42 -24.71
C THR A 134 -41.04 25.72 -24.44
N LYS A 135 -41.83 25.75 -23.37
CA LYS A 135 -42.70 26.91 -23.06
C LYS A 135 -43.76 27.11 -24.16
N ALA A 136 -43.93 26.10 -25.00
CA ALA A 136 -44.77 26.16 -26.19
C ALA A 136 -45.91 25.14 -26.14
N ASN A 137 -46.78 25.20 -27.14
CA ASN A 137 -47.86 24.23 -27.26
C ASN A 137 -47.39 22.95 -27.90
N ILE A 138 -47.80 21.84 -27.31
CA ILE A 138 -47.50 20.52 -27.84
C ILE A 138 -48.85 19.87 -28.18
N THR A 139 -49.12 19.70 -29.46
CA THR A 139 -50.40 19.13 -29.89
C THR A 139 -50.25 17.85 -30.73
N ASP A 140 -49.04 17.58 -31.18
CA ASP A 140 -48.74 16.53 -32.16
C ASP A 140 -47.59 15.69 -31.63
N VAL A 141 -47.69 14.36 -31.80
CA VAL A 141 -46.57 13.45 -31.53
C VAL A 141 -46.32 12.44 -32.64
N CYS A 142 -45.08 12.00 -32.74
CA CYS A 142 -44.74 10.81 -33.48
C CYS A 142 -44.20 9.82 -32.46
N ILE A 143 -44.88 8.70 -32.31
CA ILE A 143 -44.48 7.66 -31.38
C ILE A 143 -43.77 6.50 -32.10
N ALA A 144 -42.61 6.12 -31.59
CA ALA A 144 -41.88 5.00 -32.16
C ALA A 144 -42.25 3.73 -31.39
N VAL A 145 -42.50 2.63 -32.10
CA VAL A 145 -42.92 1.36 -31.46
C VAL A 145 -42.09 0.23 -32.07
N PRO A 146 -42.07 -0.94 -31.43
CA PRO A 146 -41.31 -2.06 -32.03
C PRO A 146 -41.94 -2.54 -33.31
N PRO A 147 -41.12 -2.98 -34.28
CA PRO A 147 -41.68 -3.43 -35.55
C PRO A 147 -42.65 -4.61 -35.42
N TRP A 148 -42.60 -5.33 -34.30
CA TRP A 148 -43.52 -6.44 -34.06
C TRP A 148 -44.91 -6.01 -33.56
N TYR A 149 -45.07 -4.74 -33.21
CA TYR A 149 -46.41 -4.20 -32.95
C TYR A 149 -47.37 -4.59 -34.06
N THR A 150 -48.51 -5.00 -33.57
CA THR A 150 -49.61 -5.49 -34.32
C THR A 150 -50.36 -4.26 -34.86
N GLU A 151 -51.18 -4.45 -35.90
CA GLU A 151 -52.12 -3.40 -36.36
C GLU A 151 -52.98 -2.81 -35.22
N GLU A 152 -53.57 -3.70 -34.42
CA GLU A 152 -54.33 -3.35 -33.25
C GLU A 152 -53.54 -2.49 -32.24
N GLN A 153 -52.33 -2.94 -31.90
CA GLN A 153 -51.47 -2.27 -30.92
C GLN A 153 -51.14 -0.84 -31.33
N ARG A 154 -50.90 -0.63 -32.64
CA ARG A 154 -50.66 0.70 -33.21
C ARG A 154 -51.85 1.61 -33.06
N TYR A 155 -53.03 1.11 -33.38
CA TYR A 155 -54.28 1.85 -33.08
C TYR A 155 -54.42 2.20 -31.62
N ASN A 156 -54.08 1.23 -30.74
CA ASN A 156 -54.19 1.39 -29.28
C ASN A 156 -53.26 2.49 -28.75
N ILE A 157 -51.99 2.46 -29.17
CA ILE A 157 -51.03 3.47 -28.75
C ILE A 157 -51.37 4.87 -29.33
N ALA A 158 -51.89 4.90 -30.57
CA ALA A 158 -52.39 6.14 -31.15
C ALA A 158 -53.58 6.72 -30.34
N ASP A 159 -54.50 5.86 -29.90
CA ASP A 159 -55.58 6.29 -29.02
C ASP A 159 -55.09 6.76 -27.63
N ALA A 160 -54.12 6.05 -27.04
CA ALA A 160 -53.40 6.53 -25.82
C ALA A 160 -52.88 7.96 -26.00
N ALA A 161 -52.28 8.27 -27.15
CA ALA A 161 -51.86 9.64 -27.43
C ALA A 161 -53.02 10.61 -27.40
N ARG A 162 -54.18 10.19 -27.92
CA ARG A 162 -55.36 11.07 -28.02
C ARG A 162 -55.98 11.37 -26.67
N ILE A 163 -55.99 10.36 -25.80
CA ILE A 163 -56.45 10.51 -24.41
C ILE A 163 -55.57 11.52 -23.63
N ALA A 164 -54.29 11.58 -23.99
CA ALA A 164 -53.32 12.55 -23.45
C ALA A 164 -53.36 13.92 -24.16
N GLY A 165 -54.32 14.12 -25.06
CA GLY A 165 -54.53 15.39 -25.75
C GLY A 165 -53.60 15.65 -26.92
N LEU A 166 -53.02 14.58 -27.48
CA LEU A 166 -52.11 14.70 -28.62
C LEU A 166 -52.66 14.04 -29.88
N ASN A 167 -52.31 14.64 -31.02
CA ASN A 167 -52.58 14.07 -32.30
C ASN A 167 -51.40 13.16 -32.70
N PRO A 168 -51.65 11.84 -32.78
CA PRO A 168 -50.61 10.89 -33.18
C PRO A 168 -50.45 10.95 -34.70
N VAL A 169 -49.54 11.81 -35.11
CA VAL A 169 -49.26 12.12 -36.51
C VAL A 169 -48.77 10.90 -37.30
N ARG A 170 -47.93 10.06 -36.68
CA ARG A 170 -47.52 8.77 -37.24
C ARG A 170 -47.15 7.87 -36.08
N ILE A 171 -47.41 6.58 -36.21
CA ILE A 171 -46.85 5.56 -35.31
C ILE A 171 -45.78 4.86 -36.17
N VAL A 172 -44.51 5.06 -35.82
CA VAL A 172 -43.41 4.64 -36.67
C VAL A 172 -42.69 3.41 -36.05
N ASN A 173 -42.16 2.54 -36.91
CA ASN A 173 -41.30 1.46 -36.42
C ASN A 173 -40.00 2.06 -35.88
N ASP A 174 -39.62 1.69 -34.66
CA ASP A 174 -38.56 2.39 -33.94
C ASP A 174 -37.22 2.33 -34.66
N VAL A 175 -36.85 1.17 -35.17
CA VAL A 175 -35.54 1.07 -35.86
C VAL A 175 -35.56 1.81 -37.20
N THR A 176 -36.74 1.97 -37.80
CA THR A 176 -36.92 2.84 -38.98
C THR A 176 -36.65 4.32 -38.66
N ALA A 177 -37.19 4.79 -37.53
CA ALA A 177 -36.90 6.13 -37.00
C ALA A 177 -35.38 6.36 -36.77
N ALA A 178 -34.69 5.39 -36.20
CA ALA A 178 -33.24 5.43 -36.07
C ALA A 178 -32.54 5.53 -37.42
N GLY A 179 -33.09 4.84 -38.43
CA GLY A 179 -32.56 4.89 -39.80
C GLY A 179 -32.73 6.25 -40.46
N VAL A 180 -33.88 6.87 -40.22
CA VAL A 180 -34.15 8.24 -40.63
C VAL A 180 -33.16 9.19 -39.97
N SER A 181 -32.89 9.04 -38.67
CA SER A 181 -31.89 9.91 -38.05
C SER A 181 -30.47 9.66 -38.60
N TYR A 182 -30.15 8.41 -38.95
CA TYR A 182 -28.91 8.10 -39.66
C TYR A 182 -28.83 8.79 -41.03
N GLY A 183 -29.93 8.78 -41.79
CA GLY A 183 -30.00 9.38 -43.11
C GLY A 183 -29.98 10.90 -43.17
N ILE A 184 -30.52 11.56 -42.14
CA ILE A 184 -30.53 13.03 -42.10
C ILE A 184 -29.26 13.65 -41.49
N PHE A 185 -28.40 12.78 -40.93
N PHE A 185 -28.40 12.82 -40.87
CA PHE A 185 -27.21 13.20 -40.18
CA PHE A 185 -27.17 13.37 -40.28
C PHE A 185 -25.90 12.96 -40.97
C PHE A 185 -25.90 13.03 -41.08
N LYS A 186 -25.85 11.85 -41.71
CA LYS A 186 -24.68 11.49 -42.54
C LYS A 186 -24.63 12.38 -43.78
N THR A 187 -23.43 12.80 -44.18
CA THR A 187 -23.23 13.85 -45.19
C THR A 187 -22.61 13.39 -46.52
N ASP A 188 -22.28 12.10 -46.61
CA ASP A 188 -21.60 11.53 -47.79
C ASP A 188 -22.30 10.32 -48.41
N LEU A 189 -23.63 10.28 -48.33
CA LEU A 189 -24.40 9.16 -48.88
C LEU A 189 -24.34 9.13 -50.43
N PRO A 190 -24.36 7.92 -51.04
CA PRO A 190 -24.37 7.76 -52.52
C PRO A 190 -25.49 8.56 -53.17
N GLU A 191 -25.24 9.10 -54.36
CA GLU A 191 -26.03 10.23 -54.86
C GLU A 191 -26.86 10.07 -56.13
N GLY A 192 -26.41 9.26 -57.08
CA GLY A 192 -27.10 9.24 -58.37
C GLY A 192 -27.51 7.86 -58.84
N GLU A 193 -26.81 7.38 -59.86
CA GLU A 193 -26.91 6.00 -60.32
C GLU A 193 -26.09 5.11 -59.38
N GLU A 194 -25.40 5.75 -58.42
CA GLU A 194 -24.57 5.07 -57.43
C GLU A 194 -25.31 3.99 -56.62
N LYS A 195 -24.59 2.91 -56.32
CA LYS A 195 -25.09 1.82 -55.48
C LYS A 195 -25.45 2.34 -54.07
N PRO A 196 -26.68 2.05 -53.58
CA PRO A 196 -27.04 2.41 -52.21
C PRO A 196 -26.05 1.87 -51.17
N ARG A 197 -25.90 2.63 -50.08
CA ARG A 197 -25.23 2.17 -48.88
C ARG A 197 -26.17 1.27 -48.11
N ILE A 198 -25.73 0.04 -47.83
CA ILE A 198 -26.53 -0.93 -47.07
C ILE A 198 -26.05 -0.97 -45.63
N VAL A 199 -26.93 -0.57 -44.72
CA VAL A 199 -26.63 -0.50 -43.31
C VAL A 199 -27.61 -1.39 -42.57
N ALA A 200 -27.08 -2.32 -41.79
CA ALA A 200 -27.89 -3.12 -40.86
C ALA A 200 -27.95 -2.40 -39.51
N PHE A 201 -29.14 -2.33 -38.92
CA PHE A 201 -29.32 -1.76 -37.59
C PHE A 201 -29.72 -2.88 -36.64
N VAL A 202 -29.06 -2.94 -35.49
CA VAL A 202 -29.45 -3.88 -34.45
C VAL A 202 -29.76 -3.11 -33.17
N ASP A 203 -31.03 -3.14 -32.75
CA ASP A 203 -31.45 -2.59 -31.46
C ASP A 203 -31.82 -3.73 -30.51
N ILE A 204 -31.16 -3.76 -29.35
CA ILE A 204 -31.56 -4.62 -28.23
C ILE A 204 -31.74 -3.74 -27.01
N GLY A 205 -32.97 -3.72 -26.49
CA GLY A 205 -33.35 -2.87 -25.40
C GLY A 205 -33.63 -3.68 -24.13
N HIS A 206 -34.60 -3.22 -23.36
CA HIS A 206 -35.00 -3.88 -22.12
C HIS A 206 -35.75 -5.20 -22.37
N SER A 207 -36.47 -5.29 -23.49
CA SER A 207 -37.35 -6.39 -23.74
C SER A 207 -37.25 -6.98 -25.15
N SER A 208 -36.80 -6.19 -26.14
CA SER A 208 -36.83 -6.60 -27.56
C SER A 208 -35.49 -6.55 -28.28
N TYR A 209 -35.35 -7.44 -29.26
CA TYR A 209 -34.21 -7.48 -30.15
C TYR A 209 -34.68 -7.32 -31.61
N THR A 210 -34.34 -6.21 -32.24
CA THR A 210 -34.71 -5.94 -33.61
C THR A 210 -33.50 -5.81 -34.55
N CYS A 211 -33.54 -6.52 -35.68
CA CYS A 211 -32.57 -6.29 -36.74
C CYS A 211 -33.28 -5.78 -37.98
N SER A 212 -32.79 -4.67 -38.52
CA SER A 212 -33.42 -4.10 -39.71
C SER A 212 -32.36 -3.53 -40.68
N ILE A 213 -32.37 -4.05 -41.90
CA ILE A 213 -31.39 -3.73 -42.96
C ILE A 213 -31.99 -2.75 -44.01
N MET A 214 -31.27 -1.67 -44.31
CA MET A 214 -31.80 -0.55 -45.12
C MET A 214 -30.83 -0.09 -46.19
N ALA A 215 -31.40 0.36 -47.31
CA ALA A 215 -30.63 0.95 -48.41
C ALA A 215 -30.69 2.47 -48.32
N PHE A 216 -29.52 3.11 -48.39
CA PHE A 216 -29.40 4.56 -48.27
C PHE A 216 -28.82 5.22 -49.49
N LYS A 217 -29.53 6.24 -49.97
CA LYS A 217 -28.96 7.24 -50.86
C LYS A 217 -29.23 8.59 -50.21
N LYS A 218 -28.51 9.63 -50.64
CA LYS A 218 -28.79 10.99 -50.14
C LYS A 218 -30.28 11.28 -50.29
N GLY A 219 -30.91 11.75 -49.22
CA GLY A 219 -32.32 12.09 -49.20
C GLY A 219 -33.31 10.93 -49.13
N GLN A 220 -32.84 9.71 -48.92
CA GLN A 220 -33.76 8.55 -48.95
C GLN A 220 -33.29 7.26 -48.28
N LEU A 221 -34.24 6.53 -47.72
CA LEU A 221 -33.98 5.17 -47.36
C LEU A 221 -35.16 4.25 -47.74
N LYS A 222 -34.85 2.99 -47.98
CA LYS A 222 -35.84 1.93 -48.09
C LYS A 222 -35.48 0.81 -47.11
N VAL A 223 -36.41 0.35 -46.29
CA VAL A 223 -36.07 -0.84 -45.50
C VAL A 223 -36.23 -2.17 -46.27
N LEU A 224 -35.19 -2.98 -46.22
CA LEU A 224 -35.09 -4.18 -47.05
C LEU A 224 -35.60 -5.44 -46.32
N GLY A 225 -35.41 -5.48 -45.00
CA GLY A 225 -35.68 -6.68 -44.22
C GLY A 225 -35.66 -6.34 -42.74
N THR A 226 -36.65 -6.85 -42.01
CA THR A 226 -36.74 -6.62 -40.57
C THR A 226 -37.16 -7.90 -39.85
N ALA A 227 -36.41 -8.30 -38.84
CA ALA A 227 -36.83 -9.41 -37.98
C ALA A 227 -36.67 -9.02 -36.51
N CYS A 228 -37.55 -9.59 -35.67
CA CYS A 228 -37.62 -9.29 -34.26
C CYS A 228 -37.65 -10.54 -33.40
N ASP A 229 -36.99 -10.48 -32.25
CA ASP A 229 -37.27 -11.34 -31.11
C ASP A 229 -37.81 -10.45 -29.99
N LYS A 230 -39.12 -10.48 -29.80
CA LYS A 230 -39.79 -9.72 -28.73
C LYS A 230 -39.53 -10.28 -27.32
N HIS A 231 -38.89 -11.44 -27.25
CA HIS A 231 -38.55 -12.06 -25.97
C HIS A 231 -37.05 -12.16 -25.74
N PHE A 232 -36.32 -11.11 -26.13
CA PHE A 232 -34.87 -11.06 -26.01
C PHE A 232 -34.43 -9.64 -25.62
N GLY A 233 -34.09 -9.45 -24.35
CA GLY A 233 -33.67 -8.13 -23.87
C GLY A 233 -33.05 -8.14 -22.49
N GLY A 234 -32.68 -6.95 -22.02
CA GLY A 234 -32.05 -6.72 -20.74
C GLY A 234 -32.74 -7.41 -19.58
N ARG A 235 -34.08 -7.34 -19.56
CA ARG A 235 -34.87 -7.92 -18.47
C ARG A 235 -34.70 -9.43 -18.35
N ASP A 236 -34.33 -10.07 -19.45
CA ASP A 236 -34.16 -11.52 -19.47
C ASP A 236 -32.82 -11.91 -18.82
N PHE A 237 -31.83 -11.04 -18.98
CA PHE A 237 -30.54 -11.10 -18.31
C PHE A 237 -30.68 -10.85 -16.79
N ASP A 238 -31.31 -9.74 -16.39
CA ASP A 238 -31.62 -9.46 -14.96
C ASP A 238 -32.31 -10.63 -14.27
N LEU A 239 -33.24 -11.28 -14.99
CA LEU A 239 -34.05 -12.34 -14.39
C LEU A 239 -33.23 -13.62 -14.21
N ALA A 240 -32.41 -13.94 -15.20
CA ALA A 240 -31.50 -15.09 -15.10
C ALA A 240 -30.50 -14.93 -13.94
N ILE A 241 -30.04 -13.70 -13.72
CA ILE A 241 -29.16 -13.38 -12.58
C ILE A 241 -29.86 -13.53 -11.23
N THR A 242 -31.08 -13.02 -11.15
CA THR A 242 -31.91 -13.10 -9.95
C THR A 242 -32.27 -14.56 -9.59
N GLU A 243 -32.58 -15.38 -10.59
CA GLU A 243 -32.89 -16.80 -10.37
C GLU A 243 -31.66 -17.61 -9.95
N HIS A 244 -30.51 -17.27 -10.52
CA HIS A 244 -29.24 -17.84 -10.09
C HIS A 244 -29.02 -17.58 -8.60
N PHE A 245 -29.23 -16.33 -8.18
CA PHE A 245 -29.01 -15.97 -6.78
C PHE A 245 -30.10 -16.49 -5.87
N ALA A 246 -31.35 -16.50 -6.35
CA ALA A 246 -32.42 -17.19 -5.61
C ALA A 246 -31.97 -18.59 -5.20
N ASP A 247 -31.44 -19.39 -6.15
CA ASP A 247 -30.93 -20.73 -5.81
C ASP A 247 -29.73 -20.69 -4.89
N GLU A 248 -28.79 -19.79 -5.16
CA GLU A 248 -27.56 -19.74 -4.37
C GLU A 248 -27.82 -19.39 -2.90
N PHE A 249 -28.76 -18.48 -2.67
CA PHE A 249 -29.05 -17.99 -1.32
C PHE A 249 -29.82 -19.01 -0.47
N LYS A 250 -30.60 -19.87 -1.11
CA LYS A 250 -31.26 -20.99 -0.40
C LYS A 250 -30.23 -21.89 0.25
N THR A 251 -29.15 -22.17 -0.47
CA THR A 251 -28.07 -23.02 0.04
C THR A 251 -27.18 -22.26 1.01
N LYS A 252 -26.80 -21.05 0.60
CA LYS A 252 -25.76 -20.26 1.29
C LYS A 252 -26.29 -19.59 2.56
N TYR A 253 -27.49 -19.04 2.49
CA TYR A 253 -28.04 -18.24 3.58
C TYR A 253 -29.26 -18.85 4.23
N LYS A 254 -29.80 -19.91 3.62
CA LYS A 254 -31.01 -20.59 4.10
C LYS A 254 -32.26 -19.72 3.96
N ILE A 255 -32.20 -18.79 3.01
CA ILE A 255 -33.30 -17.86 2.74
C ILE A 255 -33.91 -18.18 1.36
N ASP A 256 -35.21 -17.94 1.24
CA ASP A 256 -35.93 -18.26 0.00
C ASP A 256 -36.62 -17.02 -0.52
N ILE A 257 -35.88 -16.20 -1.27
CA ILE A 257 -36.43 -14.96 -1.81
C ILE A 257 -37.68 -15.11 -2.69
N ARG A 258 -37.93 -16.32 -3.19
CA ARG A 258 -39.07 -16.57 -4.07
C ARG A 258 -40.39 -16.57 -3.30
N GLU A 259 -40.29 -16.80 -2.00
CA GLU A 259 -41.43 -16.77 -1.06
C GLU A 259 -41.65 -15.39 -0.44
N ASN A 260 -40.84 -14.43 -0.86
CA ASN A 260 -40.80 -13.10 -0.28
C ASN A 260 -40.65 -12.13 -1.43
N PRO A 261 -41.77 -11.68 -2.01
CA PRO A 261 -41.80 -10.74 -3.15
C PRO A 261 -40.93 -9.48 -3.00
N LYS A 262 -40.91 -8.90 -1.81
CA LYS A 262 -40.13 -7.69 -1.52
C LYS A 262 -38.60 -7.98 -1.52
N ALA A 263 -38.19 -9.05 -0.84
CA ALA A 263 -36.83 -9.54 -0.91
C ALA A 263 -36.41 -9.85 -2.35
N TYR A 264 -37.30 -10.51 -3.10
CA TYR A 264 -37.01 -10.89 -4.48
C TYR A 264 -36.82 -9.66 -5.34
N ASN A 265 -37.59 -8.62 -5.05
CA ASN A 265 -37.54 -7.40 -5.87
C ASN A 265 -36.23 -6.62 -5.64
N ARG A 266 -35.74 -6.66 -4.40
CA ARG A 266 -34.44 -6.07 -4.06
C ARG A 266 -33.25 -6.69 -4.81
N ILE A 267 -33.26 -8.02 -4.91
CA ILE A 267 -32.27 -8.77 -5.66
C ILE A 267 -32.38 -8.46 -7.14
N LEU A 268 -33.60 -8.41 -7.65
CA LEU A 268 -33.86 -8.08 -9.05
C LEU A 268 -33.28 -6.72 -9.41
N THR A 269 -33.56 -5.71 -8.60
CA THR A 269 -33.01 -4.37 -8.77
C THR A 269 -31.48 -4.35 -8.70
N ALA A 270 -30.91 -5.05 -7.73
CA ALA A 270 -29.46 -5.12 -7.63
C ALA A 270 -28.84 -5.87 -8.83
N ALA A 271 -29.58 -6.80 -9.40
CA ALA A 271 -29.05 -7.68 -10.46
C ALA A 271 -28.80 -6.89 -11.76
N GLU A 272 -29.64 -5.88 -12.03
CA GLU A 272 -29.40 -5.05 -13.20
C GLU A 272 -28.07 -4.32 -13.09
N LYS A 273 -27.70 -3.89 -11.88
CA LYS A 273 -26.47 -3.15 -11.69
C LYS A 273 -25.25 -4.06 -11.83
N LEU A 274 -25.38 -5.30 -11.38
CA LEU A 274 -24.29 -6.26 -11.48
C LEU A 274 -24.07 -6.58 -12.98
N LYS A 275 -25.16 -6.81 -13.68
CA LYS A 275 -25.17 -7.01 -15.13
C LYS A 275 -24.35 -5.91 -15.86
N LYS A 276 -24.63 -4.64 -15.56
CA LYS A 276 -23.93 -3.52 -16.19
C LYS A 276 -22.42 -3.50 -15.87
N VAL A 277 -22.05 -3.71 -14.60
CA VAL A 277 -20.63 -3.88 -14.22
C VAL A 277 -19.92 -4.97 -15.09
N LEU A 278 -20.65 -6.04 -15.42
CA LEU A 278 -20.13 -7.15 -16.21
C LEU A 278 -19.96 -6.85 -17.70
N SER A 279 -20.46 -5.71 -18.17
CA SER A 279 -20.16 -5.23 -19.52
C SER A 279 -18.79 -4.54 -19.54
N ALA A 280 -18.33 -4.10 -18.37
CA ALA A 280 -17.04 -3.41 -18.28
C ALA A 280 -15.97 -4.28 -17.61
N ASN A 281 -16.38 -5.08 -16.63
CA ASN A 281 -15.43 -5.89 -15.88
C ASN A 281 -15.73 -7.36 -16.07
N THR A 282 -14.71 -8.16 -15.86
CA THR A 282 -14.76 -9.57 -16.12
C THR A 282 -15.29 -10.34 -14.90
N ASN A 283 -15.27 -9.67 -13.76
CA ASN A 283 -15.72 -10.21 -12.47
C ASN A 283 -16.40 -9.08 -11.70
N ALA A 284 -17.35 -9.41 -10.85
CA ALA A 284 -18.06 -8.38 -10.07
C ALA A 284 -18.62 -8.94 -8.76
N PRO A 285 -18.47 -8.20 -7.64
CA PRO A 285 -19.12 -8.62 -6.40
C PRO A 285 -20.62 -8.34 -6.40
N PHE A 286 -21.38 -9.15 -5.66
CA PHE A 286 -22.81 -8.92 -5.50
C PHE A 286 -23.08 -8.77 -3.99
N SER A 287 -23.46 -7.56 -3.59
CA SER A 287 -23.71 -7.25 -2.18
C SER A 287 -25.07 -6.58 -2.02
N VAL A 288 -25.91 -7.13 -1.16
CA VAL A 288 -27.22 -6.54 -0.84
C VAL A 288 -27.47 -6.65 0.67
N GLU A 289 -27.71 -5.50 1.28
CA GLU A 289 -27.86 -5.38 2.73
C GLU A 289 -29.30 -5.56 3.15
N SER A 290 -29.50 -6.38 4.19
CA SER A 290 -30.84 -6.71 4.70
C SER A 290 -31.84 -7.00 3.59
N VAL A 291 -31.51 -7.96 2.71
CA VAL A 291 -32.45 -8.38 1.66
C VAL A 291 -33.73 -8.92 2.34
N MET A 292 -33.53 -9.55 3.50
CA MET A 292 -34.61 -9.82 4.44
C MET A 292 -34.31 -9.18 5.81
N ASN A 293 -35.10 -9.53 6.83
CA ASN A 293 -34.84 -9.09 8.21
C ASN A 293 -33.44 -9.58 8.65
N ASP A 294 -32.50 -8.63 8.73
CA ASP A 294 -31.19 -8.84 9.33
C ASP A 294 -30.16 -9.56 8.43
N VAL A 295 -30.57 -10.05 7.27
CA VAL A 295 -29.65 -10.83 6.45
C VAL A 295 -28.99 -10.07 5.29
N ASP A 296 -27.67 -9.88 5.41
CA ASP A 296 -26.85 -9.27 4.36
C ASP A 296 -26.24 -10.36 3.53
N VAL A 297 -26.38 -10.26 2.21
CA VAL A 297 -25.82 -11.26 1.31
C VAL A 297 -24.59 -10.71 0.61
N SER A 298 -23.62 -11.57 0.38
CA SER A 298 -22.36 -11.13 -0.18
C SER A 298 -21.78 -12.19 -1.09
N SER A 299 -21.97 -12.04 -2.38
CA SER A 299 -21.50 -13.03 -3.34
C SER A 299 -20.75 -12.38 -4.50
N GLN A 300 -20.64 -13.09 -5.61
CA GLN A 300 -20.09 -12.51 -6.83
C GLN A 300 -20.53 -13.29 -8.06
N LEU A 301 -20.17 -12.76 -9.22
CA LEU A 301 -20.49 -13.38 -10.49
C LEU A 301 -19.45 -12.92 -11.50
N SER A 302 -18.92 -13.87 -12.28
CA SER A 302 -18.03 -13.55 -13.39
C SER A 302 -18.82 -13.37 -14.69
N ARG A 303 -18.23 -12.70 -15.67
CA ARG A 303 -18.84 -12.56 -17.00
C ARG A 303 -19.09 -13.95 -17.58
N GLU A 304 -18.11 -14.85 -17.41
CA GLU A 304 -18.23 -16.22 -17.91
C GLU A 304 -19.45 -16.93 -17.33
N GLU A 305 -19.68 -16.76 -16.03
CA GLU A 305 -20.83 -17.35 -15.36
C GLU A 305 -22.12 -16.77 -15.87
N LEU A 306 -22.17 -15.46 -16.08
CA LEU A 306 -23.35 -14.78 -16.67
C LEU A 306 -23.74 -15.37 -18.03
N GLU A 307 -22.74 -15.53 -18.89
CA GLU A 307 -22.92 -16.05 -20.26
C GLU A 307 -23.52 -17.46 -20.27
N GLU A 308 -23.04 -18.29 -19.35
CA GLU A 308 -23.59 -19.63 -19.12
C GLU A 308 -25.03 -19.56 -18.59
N LEU A 309 -25.35 -18.55 -17.80
CA LEU A 309 -26.71 -18.38 -17.25
C LEU A 309 -27.74 -18.13 -18.33
N VAL A 310 -27.34 -17.40 -19.37
CA VAL A 310 -28.27 -17.06 -20.46
C VAL A 310 -28.02 -17.91 -21.72
N LYS A 311 -27.38 -19.06 -21.54
CA LYS A 311 -27.09 -19.94 -22.65
C LYS A 311 -28.33 -20.27 -23.52
N PRO A 312 -29.48 -20.66 -22.91
CA PRO A 312 -30.71 -20.94 -23.67
C PRO A 312 -31.24 -19.79 -24.52
N LEU A 313 -31.11 -18.57 -24.02
CA LEU A 313 -31.51 -17.36 -24.74
C LEU A 313 -30.55 -17.09 -25.89
N LEU A 314 -29.26 -17.34 -25.62
CA LEU A 314 -28.20 -17.01 -26.58
C LEU A 314 -28.22 -17.94 -27.78
N GLU A 315 -28.97 -19.04 -27.65
CA GLU A 315 -29.16 -20.01 -28.73
C GLU A 315 -29.93 -19.40 -29.89
N ARG A 316 -30.64 -18.31 -29.58
CA ARG A 316 -31.44 -17.56 -30.54
C ARG A 316 -30.72 -16.30 -31.06
N VAL A 317 -29.48 -16.09 -30.65
CA VAL A 317 -28.81 -14.79 -30.86
C VAL A 317 -28.64 -14.33 -32.32
N THR A 318 -28.53 -15.28 -33.26
CA THR A 318 -28.27 -14.92 -34.65
C THR A 318 -29.54 -14.91 -35.50
N GLU A 319 -30.64 -15.40 -34.95
CA GLU A 319 -31.89 -15.53 -35.71
C GLU A 319 -32.41 -14.23 -36.38
N PRO A 320 -32.54 -13.12 -35.62
CA PRO A 320 -33.01 -11.89 -36.27
C PRO A 320 -32.11 -11.38 -37.39
N VAL A 321 -30.80 -11.62 -37.27
CA VAL A 321 -29.86 -11.27 -38.32
C VAL A 321 -30.10 -12.11 -39.58
N THR A 322 -30.08 -13.44 -39.42
CA THR A 322 -30.28 -14.36 -40.54
C THR A 322 -31.67 -14.19 -41.20
N LYS A 323 -32.71 -13.93 -40.40
CA LYS A 323 -34.07 -13.70 -40.93
C LYS A 323 -34.22 -12.37 -41.67
N ALA A 324 -33.62 -11.30 -41.16
CA ALA A 324 -33.68 -10.01 -41.82
C ALA A 324 -32.90 -10.01 -43.15
N LEU A 325 -31.75 -10.70 -43.18
CA LEU A 325 -30.99 -10.93 -44.42
C LEU A 325 -31.77 -11.73 -45.47
N ALA A 326 -32.50 -12.76 -45.05
CA ALA A 326 -33.27 -13.59 -45.98
C ALA A 326 -34.42 -12.81 -46.60
N GLN A 327 -35.12 -12.02 -45.78
CA GLN A 327 -36.16 -11.11 -46.24
C GLN A 327 -35.61 -10.10 -47.26
N ALA A 328 -34.47 -9.48 -46.94
CA ALA A 328 -33.78 -8.53 -47.82
C ALA A 328 -33.23 -9.19 -49.09
N LYS A 329 -33.14 -10.52 -49.06
CA LYS A 329 -32.58 -11.32 -50.16
C LYS A 329 -31.09 -11.03 -50.34
N LEU A 330 -30.39 -10.91 -49.20
CA LEU A 330 -28.99 -10.53 -49.19
C LEU A 330 -28.16 -11.56 -48.43
N SER A 331 -26.91 -11.69 -48.85
CA SER A 331 -25.92 -12.36 -48.02
C SER A 331 -25.28 -11.31 -47.11
N ALA A 332 -24.73 -11.78 -45.99
CA ALA A 332 -24.07 -10.94 -45.01
C ALA A 332 -23.02 -9.99 -45.61
N GLU A 333 -22.28 -10.48 -46.61
CA GLU A 333 -21.18 -9.72 -47.25
C GLU A 333 -21.64 -8.46 -48.04
N GLU A 334 -22.91 -8.44 -48.43
CA GLU A 334 -23.54 -7.27 -49.10
C GLU A 334 -23.88 -6.12 -48.12
N VAL A 335 -23.88 -6.39 -46.83
CA VAL A 335 -24.02 -5.30 -45.85
C VAL A 335 -22.70 -4.48 -45.75
N ASP A 336 -22.81 -3.15 -45.88
CA ASP A 336 -21.64 -2.28 -45.78
C ASP A 336 -21.26 -1.99 -44.32
N PHE A 337 -22.23 -1.66 -43.48
CA PHE A 337 -21.98 -1.25 -42.09
C PHE A 337 -23.05 -1.80 -41.16
N VAL A 338 -22.64 -2.22 -39.98
CA VAL A 338 -23.57 -2.65 -38.94
C VAL A 338 -23.57 -1.63 -37.82
N GLU A 339 -24.71 -0.95 -37.63
CA GLU A 339 -24.86 -0.01 -36.51
C GLU A 339 -25.64 -0.65 -35.36
N ILE A 340 -25.08 -0.56 -34.15
CA ILE A 340 -25.77 -0.97 -32.93
C ILE A 340 -26.32 0.24 -32.14
N ILE A 341 -27.53 0.05 -31.63
CA ILE A 341 -28.19 0.97 -30.68
C ILE A 341 -28.84 0.11 -29.60
N GLY A 342 -29.40 0.75 -28.58
CA GLY A 342 -30.10 0.02 -27.51
C GLY A 342 -29.15 -0.36 -26.41
N GLY A 343 -29.59 -0.25 -25.16
CA GLY A 343 -28.67 -0.40 -24.04
C GLY A 343 -28.06 -1.78 -23.89
N THR A 344 -28.77 -2.81 -24.36
CA THR A 344 -28.35 -4.21 -24.16
C THR A 344 -27.28 -4.71 -25.15
N THR A 345 -27.13 -4.02 -26.27
CA THR A 345 -26.03 -4.19 -27.19
C THR A 345 -24.64 -3.83 -26.62
N ARG A 346 -24.59 -3.33 -25.39
CA ARG A 346 -23.34 -3.07 -24.69
C ARG A 346 -22.78 -4.33 -24.03
N ILE A 347 -23.56 -5.42 -23.96
CA ILE A 347 -23.07 -6.70 -23.41
C ILE A 347 -22.10 -7.29 -24.41
N PRO A 348 -20.82 -7.51 -24.01
CA PRO A 348 -19.80 -8.06 -24.94
C PRO A 348 -20.15 -9.35 -25.69
N THR A 349 -20.84 -10.31 -25.08
CA THR A 349 -21.18 -11.53 -25.81
C THR A 349 -22.13 -11.26 -26.96
N LEU A 350 -23.05 -10.33 -26.78
CA LEU A 350 -23.96 -9.91 -27.84
C LEU A 350 -23.20 -9.24 -28.99
N LYS A 351 -22.27 -8.36 -28.64
CA LYS A 351 -21.44 -7.67 -29.63
C LYS A 351 -20.64 -8.63 -30.49
N GLN A 352 -19.99 -9.59 -29.85
CA GLN A 352 -19.28 -10.67 -30.54
C GLN A 352 -20.20 -11.43 -31.52
N SER A 353 -21.38 -11.83 -31.06
CA SER A 353 -22.30 -12.59 -31.90
C SER A 353 -22.87 -11.85 -33.11
N ILE A 354 -23.14 -10.55 -32.92
CA ILE A 354 -23.64 -9.70 -34.01
C ILE A 354 -22.54 -9.51 -35.05
N SER A 355 -21.34 -9.20 -34.57
CA SER A 355 -20.18 -9.01 -35.44
C SER A 355 -19.92 -10.28 -36.26
N GLU A 356 -19.91 -11.43 -35.59
CA GLU A 356 -19.68 -12.70 -36.26
C GLU A 356 -20.77 -13.07 -37.25
N ALA A 357 -22.03 -12.74 -36.94
CA ALA A 357 -23.15 -13.07 -37.85
C ALA A 357 -23.08 -12.28 -39.17
N PHE A 358 -22.65 -11.03 -39.11
CA PHE A 358 -22.45 -10.22 -40.31
C PHE A 358 -21.05 -10.37 -40.91
N GLY A 359 -20.11 -10.91 -40.14
CA GLY A 359 -18.71 -10.97 -40.55
C GLY A 359 -18.12 -9.58 -40.72
N LYS A 360 -18.56 -8.65 -39.87
CA LYS A 360 -18.11 -7.25 -39.92
C LYS A 360 -17.83 -6.68 -38.53
N PRO A 361 -16.94 -5.66 -38.45
CA PRO A 361 -16.86 -4.90 -37.22
C PRO A 361 -18.16 -4.08 -37.01
N LEU A 362 -18.42 -3.69 -35.77
CA LEU A 362 -19.61 -2.92 -35.43
C LEU A 362 -19.31 -1.44 -35.48
N SER A 363 -20.27 -0.66 -35.98
CA SER A 363 -20.14 0.80 -36.03
C SER A 363 -20.99 1.38 -34.92
N THR A 364 -20.50 2.44 -34.27
CA THR A 364 -21.25 3.12 -33.21
C THR A 364 -21.26 4.64 -33.46
N THR A 365 -21.74 5.05 -34.64
CA THR A 365 -21.66 6.46 -35.06
C THR A 365 -22.92 7.28 -34.82
N LEU A 366 -23.91 6.68 -34.18
CA LEU A 366 -25.08 7.38 -33.66
C LEU A 366 -24.96 7.40 -32.14
N ASN A 367 -25.59 8.38 -31.50
CA ASN A 367 -25.92 8.25 -30.08
C ASN A 367 -26.96 7.16 -29.94
N GLN A 368 -26.61 6.09 -29.23
CA GLN A 368 -27.42 4.88 -29.19
C GLN A 368 -28.74 5.05 -28.43
N ASP A 369 -28.74 5.92 -27.42
CA ASP A 369 -29.93 6.20 -26.59
C ASP A 369 -30.91 7.16 -27.29
N GLU A 370 -30.38 8.04 -28.14
CA GLU A 370 -31.14 9.16 -28.69
C GLU A 370 -31.67 9.00 -30.12
N ALA A 371 -31.10 8.07 -30.90
CA ALA A 371 -31.35 7.97 -32.36
C ALA A 371 -32.82 7.76 -32.73
N ILE A 372 -33.48 6.81 -32.07
CA ILE A 372 -34.91 6.58 -32.29
C ILE A 372 -35.75 7.83 -31.98
N ALA A 373 -35.59 8.42 -30.80
CA ALA A 373 -36.31 9.66 -30.47
C ALA A 373 -36.09 10.79 -31.47
N LYS A 374 -34.84 10.98 -31.90
CA LYS A 374 -34.51 12.05 -32.85
C LYS A 374 -35.17 11.88 -34.21
N GLY A 375 -35.18 10.64 -34.69
CA GLY A 375 -35.85 10.31 -35.95
C GLY A 375 -37.34 10.50 -35.81
N ALA A 376 -37.93 10.08 -34.69
CA ALA A 376 -39.37 10.34 -34.46
C ALA A 376 -39.72 11.84 -34.46
N ALA A 377 -38.85 12.68 -33.89
CA ALA A 377 -39.11 14.13 -33.91
C ALA A 377 -38.97 14.70 -35.32
N PHE A 378 -38.01 14.18 -36.09
CA PHE A 378 -37.90 14.57 -37.50
C PHE A 378 -39.17 14.19 -38.29
N ILE A 379 -39.66 12.97 -38.07
CA ILE A 379 -40.87 12.51 -38.74
C ILE A 379 -42.12 13.32 -38.35
N CYS A 380 -42.28 13.65 -37.07
CA CYS A 380 -43.33 14.58 -36.63
C CYS A 380 -43.29 15.93 -37.33
N ALA A 381 -42.07 16.41 -37.64
CA ALA A 381 -41.87 17.66 -38.35
C ALA A 381 -42.26 17.60 -39.83
N ILE A 382 -42.03 16.44 -40.47
CA ILE A 382 -42.51 16.14 -41.82
C ILE A 382 -44.02 16.40 -41.90
N HIS A 383 -44.76 15.93 -40.88
CA HIS A 383 -46.21 16.08 -40.85
C HIS A 383 -46.71 17.47 -40.45
N SER A 384 -45.80 18.33 -40.00
CA SER A 384 -46.19 19.67 -39.57
C SER A 384 -46.58 20.48 -40.80
N PRO A 385 -47.77 21.13 -40.76
CA PRO A 385 -48.15 21.95 -41.91
C PRO A 385 -47.33 23.24 -41.99
N THR A 386 -46.68 23.58 -40.89
CA THR A 386 -46.00 24.88 -40.78
C THR A 386 -44.46 24.83 -40.70
N LEU A 387 -43.90 23.74 -40.18
CA LEU A 387 -42.43 23.61 -40.13
C LEU A 387 -41.87 22.94 -41.39
N ARG A 388 -41.29 23.75 -42.28
CA ARG A 388 -40.56 23.23 -43.42
C ARG A 388 -39.27 22.56 -42.95
N VAL A 389 -39.07 21.31 -43.35
CA VAL A 389 -37.87 20.54 -43.00
C VAL A 389 -37.18 20.07 -44.27
N ARG A 390 -35.86 19.89 -44.21
CA ARG A 390 -35.10 19.32 -45.34
C ARG A 390 -35.72 17.98 -45.72
N PRO A 391 -35.98 17.76 -47.03
CA PRO A 391 -36.82 16.59 -47.31
C PRO A 391 -36.02 15.28 -47.25
N PHE A 392 -36.65 14.26 -46.69
CA PHE A 392 -36.09 12.93 -46.64
C PHE A 392 -37.23 11.97 -46.93
N LYS A 393 -36.99 11.01 -47.81
CA LYS A 393 -38.04 10.06 -48.16
C LYS A 393 -37.65 8.69 -47.62
N PHE A 394 -38.64 7.98 -47.08
CA PHE A 394 -38.40 6.62 -46.62
C PHE A 394 -39.60 5.70 -46.88
N GLU A 395 -39.32 4.42 -47.06
CA GLU A 395 -40.33 3.38 -47.28
C GLU A 395 -40.03 2.31 -46.26
N ASP A 396 -41.06 1.74 -45.65
CA ASP A 396 -40.86 0.66 -44.70
C ASP A 396 -41.42 -0.64 -45.28
N ILE A 397 -40.98 -1.77 -44.75
CA ILE A 397 -41.40 -3.05 -45.29
C ILE A 397 -42.76 -3.48 -44.76
N HIS A 398 -43.55 -4.04 -45.67
CA HIS A 398 -44.89 -4.51 -45.42
C HIS A 398 -44.84 -6.06 -45.48
N PRO A 399 -44.63 -6.70 -44.32
CA PRO A 399 -44.18 -8.10 -44.39
C PRO A 399 -45.25 -9.12 -44.82
N TYR A 400 -46.53 -8.79 -44.64
CA TYR A 400 -47.64 -9.73 -44.93
C TYR A 400 -48.55 -9.26 -46.05
N SER A 401 -49.03 -10.23 -46.82
CA SER A 401 -50.05 -9.99 -47.83
C SER A 401 -51.40 -9.67 -47.17
N VAL A 402 -51.99 -8.56 -47.64
CA VAL A 402 -53.32 -8.10 -47.24
C VAL A 402 -54.26 -8.05 -48.46
N SER A 403 -55.43 -8.67 -48.32
CA SER A 403 -56.48 -8.61 -49.34
C SER A 403 -57.64 -7.76 -48.86
N TYR A 404 -58.41 -7.21 -49.79
CA TYR A 404 -59.70 -6.59 -49.49
C TYR A 404 -60.81 -7.39 -50.18
N SER A 405 -61.97 -7.46 -49.52
CA SER A 405 -63.13 -8.14 -50.06
C SER A 405 -64.31 -7.19 -50.13
N TRP A 406 -65.27 -7.49 -50.99
CA TRP A 406 -66.48 -6.69 -51.15
C TRP A 406 -67.68 -7.59 -51.44
N ASP A 407 -68.88 -7.07 -51.23
CA ASP A 407 -70.09 -7.78 -51.67
C ASP A 407 -69.98 -8.11 -53.15
N LYS A 408 -70.14 -9.39 -53.48
CA LYS A 408 -69.93 -9.86 -54.86
C LYS A 408 -70.77 -9.09 -55.87
N GLN A 409 -72.08 -9.04 -55.61
CA GLN A 409 -73.04 -8.35 -56.48
C GLN A 409 -72.86 -8.77 -57.95
N VAL A 410 -72.45 -7.83 -58.80
CA VAL A 410 -72.30 -8.12 -60.25
C VAL A 410 -70.85 -8.38 -60.68
N GLU A 411 -69.91 -8.17 -59.77
CA GLU A 411 -68.50 -8.49 -60.02
C GLU A 411 -68.27 -9.99 -60.15
N ASP A 412 -67.30 -10.38 -60.98
CA ASP A 412 -66.88 -11.78 -61.10
C ASP A 412 -66.16 -12.27 -59.84
N GLU A 413 -65.27 -11.42 -59.33
CA GLU A 413 -64.54 -11.72 -58.08
C GLU A 413 -65.17 -10.99 -56.90
N ASP A 414 -64.92 -11.46 -55.69
CA ASP A 414 -65.40 -10.78 -54.47
C ASP A 414 -64.28 -10.38 -53.48
N HIS A 415 -63.03 -10.59 -53.90
CA HIS A 415 -61.85 -10.22 -53.13
C HIS A 415 -60.68 -10.11 -54.11
N MET A 416 -59.58 -9.51 -53.65
CA MET A 416 -58.31 -9.49 -54.39
C MET A 416 -57.17 -9.13 -53.43
N GLU A 417 -55.97 -9.60 -53.74
CA GLU A 417 -54.76 -9.14 -53.05
C GLU A 417 -54.49 -7.68 -53.44
N VAL A 418 -54.34 -6.82 -52.43
CA VAL A 418 -54.12 -5.39 -52.62
C VAL A 418 -52.69 -4.96 -52.24
N PHE A 419 -52.25 -5.38 -51.05
CA PHE A 419 -50.92 -5.04 -50.51
C PHE A 419 -50.15 -6.34 -50.30
N PRO A 420 -49.23 -6.66 -51.24
CA PRO A 420 -48.49 -7.93 -51.21
C PRO A 420 -47.48 -8.02 -50.08
N ALA A 421 -47.09 -9.26 -49.74
CA ALA A 421 -46.04 -9.52 -48.77
C ALA A 421 -44.71 -9.01 -49.34
N GLY A 422 -44.01 -8.20 -48.55
CA GLY A 422 -42.70 -7.70 -48.95
C GLY A 422 -42.76 -6.47 -49.85
N SER A 423 -43.94 -5.86 -49.94
CA SER A 423 -44.04 -4.53 -50.55
C SER A 423 -43.68 -3.45 -49.53
N SER A 424 -43.87 -2.19 -49.90
CA SER A 424 -43.53 -1.07 -49.03
C SER A 424 -44.77 -0.34 -48.55
N PHE A 425 -44.62 0.34 -47.41
CA PHE A 425 -45.64 1.30 -46.99
C PHE A 425 -44.98 2.66 -46.68
N PRO A 426 -45.74 3.78 -46.82
CA PRO A 426 -47.16 3.84 -47.20
C PRO A 426 -47.39 3.47 -48.67
N SER A 427 -48.59 3.00 -48.98
CA SER A 427 -48.97 2.66 -50.34
C SER A 427 -50.46 2.93 -50.62
N THR A 428 -50.77 3.40 -51.83
CA THR A 428 -52.16 3.61 -52.26
C THR A 428 -52.47 2.78 -53.51
N LYS A 429 -53.59 2.08 -53.46
CA LYS A 429 -54.10 1.31 -54.60
C LYS A 429 -55.50 1.78 -55.00
N LEU A 430 -55.69 1.93 -56.30
CA LEU A 430 -56.93 2.42 -56.90
C LEU A 430 -57.70 1.28 -57.57
N ILE A 431 -58.93 1.05 -57.11
CA ILE A 431 -59.81 0.08 -57.76
C ILE A 431 -61.13 0.75 -58.19
N THR A 432 -61.72 0.23 -59.25
CA THR A 432 -63.11 0.57 -59.55
C THR A 432 -63.95 -0.70 -59.59
N LEU A 433 -65.07 -0.71 -58.86
CA LEU A 433 -66.00 -1.83 -58.83
C LEU A 433 -67.38 -1.47 -59.38
N ASN A 434 -67.98 -2.39 -60.12
CA ASN A 434 -69.36 -2.25 -60.57
C ASN A 434 -70.32 -2.66 -59.45
N ARG A 435 -71.34 -1.83 -59.21
CA ARG A 435 -72.11 -1.86 -57.98
C ARG A 435 -73.61 -1.73 -58.23
N THR A 436 -74.41 -2.56 -57.55
CA THR A 436 -75.88 -2.53 -57.68
C THR A 436 -76.58 -1.68 -56.60
N GLY A 437 -75.86 -1.40 -55.52
CA GLY A 437 -76.37 -0.64 -54.39
C GLY A 437 -75.32 -0.48 -53.32
N ASP A 438 -75.76 -0.20 -52.09
CA ASP A 438 -74.85 -0.12 -50.94
C ASP A 438 -74.16 -1.45 -50.73
N PHE A 439 -73.00 -1.44 -50.07
CA PHE A 439 -72.20 -2.64 -49.96
C PHE A 439 -71.20 -2.63 -48.80
N SER A 440 -70.81 -3.82 -48.39
CA SER A 440 -69.84 -3.98 -47.34
C SER A 440 -68.48 -4.22 -47.98
N MET A 441 -67.43 -3.84 -47.24
CA MET A 441 -66.07 -4.25 -47.56
C MET A 441 -65.30 -4.69 -46.31
N ALA A 442 -64.12 -5.27 -46.52
CA ALA A 442 -63.27 -5.72 -45.42
C ALA A 442 -61.85 -5.92 -45.92
N ALA A 443 -60.88 -5.75 -45.02
CA ALA A 443 -59.48 -6.03 -45.29
C ALA A 443 -59.10 -7.19 -44.40
N SER A 444 -58.26 -8.08 -44.94
CA SER A 444 -57.84 -9.28 -44.21
C SER A 444 -56.47 -9.75 -44.65
N TYR A 445 -55.84 -10.61 -43.84
CA TYR A 445 -54.61 -11.29 -44.22
C TYR A 445 -54.89 -12.43 -45.21
N THR A 446 -54.21 -12.38 -46.35
CA THR A 446 -54.41 -13.33 -47.42
C THR A 446 -54.04 -14.75 -46.97
N ASP A 447 -52.92 -14.87 -46.26
CA ASP A 447 -52.49 -16.17 -45.77
C ASP A 447 -52.13 -16.07 -44.29
N ILE A 448 -53.06 -16.53 -43.46
CA ILE A 448 -53.00 -16.37 -42.01
C ILE A 448 -51.93 -17.25 -41.34
N THR A 449 -51.52 -18.33 -42.04
CA THR A 449 -50.41 -19.18 -41.57
C THR A 449 -49.08 -18.40 -41.51
N GLN A 450 -49.03 -17.25 -42.17
CA GLN A 450 -47.82 -16.43 -42.24
C GLN A 450 -47.76 -15.38 -41.12
N LEU A 451 -48.79 -15.35 -40.29
CA LEU A 451 -48.87 -14.39 -39.18
C LEU A 451 -48.56 -15.08 -37.86
N PRO A 452 -48.26 -14.30 -36.79
CA PRO A 452 -48.13 -14.88 -35.45
C PRO A 452 -49.33 -15.75 -35.05
N PRO A 453 -49.11 -16.79 -34.24
CA PRO A 453 -50.23 -17.64 -33.80
C PRO A 453 -51.36 -16.81 -33.15
N ASN A 454 -52.60 -17.22 -33.38
CA ASN A 454 -53.79 -16.56 -32.79
C ASN A 454 -54.03 -15.11 -33.25
N THR A 455 -53.70 -14.82 -34.51
CA THR A 455 -54.01 -13.52 -35.15
C THR A 455 -55.36 -13.65 -35.87
N PRO A 456 -56.31 -12.73 -35.60
CA PRO A 456 -57.55 -12.86 -36.37
C PRO A 456 -57.27 -12.46 -37.82
N GLU A 457 -57.92 -13.17 -38.73
CA GLU A 457 -57.72 -12.99 -40.16
C GLU A 457 -58.15 -11.59 -40.63
N GLN A 458 -59.22 -11.10 -40.03
CA GLN A 458 -59.83 -9.85 -40.42
C GLN A 458 -59.14 -8.68 -39.74
N ILE A 459 -58.76 -7.68 -40.53
CA ILE A 459 -58.09 -6.45 -40.05
C ILE A 459 -59.09 -5.31 -39.77
N ALA A 460 -60.03 -5.10 -40.70
CA ALA A 460 -60.98 -3.99 -40.68
C ALA A 460 -62.15 -4.26 -41.64
N ASN A 461 -63.23 -3.50 -41.49
CA ASN A 461 -64.38 -3.63 -42.31
C ASN A 461 -65.14 -2.30 -42.41
N TRP A 462 -65.87 -2.14 -43.51
CA TRP A 462 -66.51 -0.88 -43.84
C TRP A 462 -67.89 -1.13 -44.45
N GLU A 463 -68.81 -0.19 -44.23
CA GLU A 463 -70.05 -0.09 -45.02
C GLU A 463 -70.00 1.15 -45.89
N ILE A 464 -70.25 0.99 -47.18
CA ILE A 464 -70.33 2.11 -48.10
C ILE A 464 -71.78 2.31 -48.51
N THR A 465 -72.28 3.53 -48.31
CA THR A 465 -73.69 3.85 -48.56
C THR A 465 -73.80 5.14 -49.37
N GLY A 466 -74.94 5.29 -50.04
CA GLY A 466 -75.18 6.46 -50.90
C GLY A 466 -75.05 6.10 -52.37
N VAL A 467 -75.02 4.79 -52.65
CA VAL A 467 -74.94 4.31 -54.03
C VAL A 467 -76.29 4.49 -54.73
N GLN A 468 -76.28 5.28 -55.80
CA GLN A 468 -77.47 5.53 -56.59
C GLN A 468 -77.23 5.22 -58.08
N LEU A 469 -78.02 4.29 -58.61
CA LEU A 469 -77.94 3.93 -60.04
C LEU A 469 -78.53 5.04 -60.93
N PRO A 470 -77.81 5.41 -62.02
CA PRO A 470 -78.34 6.25 -63.10
C PRO A 470 -79.39 5.49 -63.92
N GLU A 471 -80.14 6.21 -64.77
CA GLU A 471 -81.26 5.70 -65.61
C GLU A 471 -81.12 4.26 -66.19
N GLY A 472 -80.08 4.10 -67.10
CA GLY A 472 -79.56 2.75 -67.39
C GLY A 472 -79.25 2.07 -66.06
N GLN A 473 -80.28 1.43 -65.49
CA GLN A 473 -80.35 1.06 -64.08
C GLN A 473 -79.77 -0.32 -63.78
N ASP A 474 -78.69 -0.69 -64.46
CA ASP A 474 -78.08 -2.00 -64.24
C ASP A 474 -77.11 -1.92 -63.06
N SER A 475 -75.97 -1.28 -63.30
CA SER A 475 -74.99 -1.06 -62.26
C SER A 475 -74.37 0.32 -62.42
N VAL A 476 -73.52 0.69 -61.47
CA VAL A 476 -72.74 1.93 -61.52
C VAL A 476 -71.31 1.68 -61.00
N PRO A 477 -70.29 2.18 -61.71
CA PRO A 477 -68.91 2.03 -61.22
C PRO A 477 -68.61 2.89 -59.99
N VAL A 478 -68.08 2.26 -58.95
CA VAL A 478 -67.56 2.98 -57.78
C VAL A 478 -66.04 2.91 -57.78
N LYS A 479 -65.40 4.08 -57.70
CA LYS A 479 -63.95 4.19 -57.58
C LYS A 479 -63.60 4.22 -56.10
N LEU A 480 -62.62 3.40 -55.73
CA LEU A 480 -62.19 3.29 -54.34
C LEU A 480 -60.70 3.58 -54.19
N LYS A 481 -60.36 4.25 -53.10
CA LYS A 481 -58.99 4.55 -52.77
C LYS A 481 -58.62 3.73 -51.52
N LEU A 482 -57.79 2.73 -51.74
CA LEU A 482 -57.37 1.80 -50.68
C LEU A 482 -55.97 2.21 -50.30
N ARG A 483 -55.73 2.31 -49.00
CA ARG A 483 -54.53 2.95 -48.49
C ARG A 483 -53.91 2.13 -47.36
N CYS A 484 -52.62 1.82 -47.50
CA CYS A 484 -51.83 1.39 -46.35
C CYS A 484 -51.09 2.65 -45.98
N ASP A 485 -51.44 3.22 -44.83
CA ASP A 485 -51.03 4.57 -44.48
C ASP A 485 -49.60 4.61 -43.89
N PRO A 486 -49.03 5.80 -43.65
CA PRO A 486 -47.65 5.86 -43.13
C PRO A 486 -47.37 5.11 -41.81
N SER A 487 -48.42 4.73 -41.08
CA SER A 487 -48.27 3.91 -39.88
C SER A 487 -48.45 2.42 -40.20
N GLY A 488 -48.70 2.11 -41.47
CA GLY A 488 -48.98 0.76 -41.91
C GLY A 488 -50.39 0.31 -41.60
N LEU A 489 -51.31 1.26 -41.50
CA LEU A 489 -52.67 0.91 -41.19
C LEU A 489 -53.50 0.87 -42.48
N HIS A 490 -54.37 -0.13 -42.55
CA HIS A 490 -55.12 -0.44 -43.74
C HIS A 490 -56.48 0.24 -43.74
N THR A 491 -56.67 1.17 -44.66
CA THR A 491 -57.86 2.01 -44.69
C THR A 491 -58.55 1.98 -46.06
N ILE A 492 -59.70 2.64 -46.12
CA ILE A 492 -60.35 3.06 -47.35
C ILE A 492 -60.56 4.55 -47.15
N GLU A 493 -59.94 5.38 -48.00
CA GLU A 493 -60.11 6.81 -47.78
C GLU A 493 -61.06 7.60 -48.65
N GLU A 494 -61.51 6.96 -49.72
CA GLU A 494 -62.37 7.60 -50.71
C GLU A 494 -63.16 6.52 -51.42
N ALA A 495 -64.45 6.76 -51.57
CA ALA A 495 -65.28 5.99 -52.48
C ALA A 495 -66.26 6.95 -53.13
N TYR A 496 -66.38 6.88 -54.45
CA TYR A 496 -67.35 7.71 -55.18
C TYR A 496 -67.93 7.02 -56.43
N THR A 497 -69.14 7.43 -56.80
CA THR A 497 -69.82 6.97 -57.99
C THR A 497 -69.37 7.76 -59.23
N ILE A 498 -69.23 7.04 -60.35
CA ILE A 498 -68.80 7.60 -61.63
C ILE A 498 -69.95 7.93 -62.59
N GLU A 499 -69.68 8.89 -63.48
CA GLU A 499 -70.60 9.46 -64.49
C GLU A 499 -72.01 9.83 -64.01
N ASP A 500 -72.25 11.13 -63.88
CA ASP A 500 -73.46 11.67 -63.25
C ASP A 500 -74.68 11.49 -64.14
N THR A 507 -69.35 11.13 -74.10
CA THR A 507 -68.18 11.93 -74.40
C THR A 507 -67.22 12.05 -73.21
N LYS A 508 -67.77 12.27 -72.00
CA LYS A 508 -66.94 12.43 -70.81
C LYS A 508 -67.44 11.59 -69.63
N THR A 509 -66.50 11.09 -68.82
CA THR A 509 -66.83 10.26 -67.66
C THR A 509 -66.39 10.90 -66.34
N VAL A 510 -67.30 11.68 -65.73
CA VAL A 510 -67.04 12.47 -64.52
C VAL A 510 -67.40 11.74 -63.21
N LYS A 511 -67.14 12.37 -62.07
CA LYS A 511 -67.61 11.84 -60.78
C LYS A 511 -69.05 12.27 -60.52
N LYS A 512 -69.81 11.41 -59.84
CA LYS A 512 -71.24 11.67 -59.57
C LYS A 512 -71.54 11.98 -58.10
N ASP A 513 -71.33 10.99 -57.22
CA ASP A 513 -71.61 11.14 -55.78
C ASP A 513 -70.43 10.66 -54.96
N ASP A 514 -69.96 11.51 -54.04
CA ASP A 514 -69.05 11.07 -52.99
C ASP A 514 -69.83 10.20 -52.01
N LEU A 515 -69.30 9.02 -51.71
CA LEU A 515 -70.02 8.06 -50.90
C LEU A 515 -69.60 8.16 -49.44
N THR A 516 -70.52 7.82 -48.56
CA THR A 516 -70.19 7.83 -47.14
C THR A 516 -69.67 6.46 -46.71
N ILE A 517 -68.59 6.48 -45.93
CA ILE A 517 -67.91 5.30 -45.45
C ILE A 517 -67.99 5.23 -43.91
N VAL A 518 -68.54 4.13 -43.40
CA VAL A 518 -68.48 3.83 -41.96
C VAL A 518 -67.38 2.79 -41.72
N ALA A 519 -66.37 3.19 -40.93
CA ALA A 519 -65.20 2.38 -40.69
C ALA A 519 -65.27 1.64 -39.35
N HIS A 520 -64.91 0.37 -39.36
CA HIS A 520 -64.75 -0.37 -38.12
C HIS A 520 -63.31 -0.86 -38.06
N THR A 521 -62.55 -0.26 -37.16
CA THR A 521 -61.13 -0.56 -37.02
C THR A 521 -60.85 -0.90 -35.57
N PHE A 522 -59.59 -1.14 -35.24
CA PHE A 522 -59.18 -1.28 -33.84
C PHE A 522 -59.18 0.04 -33.08
N GLY A 523 -59.42 1.14 -33.78
CA GLY A 523 -59.45 2.47 -33.16
C GLY A 523 -60.73 2.66 -32.37
N LEU A 524 -60.64 3.40 -31.28
CA LEU A 524 -61.83 3.69 -30.47
C LEU A 524 -62.80 4.62 -31.16
N ASP A 525 -64.10 4.41 -30.94
CA ASP A 525 -65.17 5.37 -31.22
C ASP A 525 -64.94 6.71 -30.54
N ALA A 526 -65.49 7.76 -31.13
CA ALA A 526 -65.51 9.11 -30.56
C ALA A 526 -66.10 9.18 -29.16
N LYS A 527 -67.12 8.35 -28.91
CA LYS A 527 -67.84 8.34 -27.61
C LYS A 527 -66.94 7.82 -26.49
N LYS A 528 -66.41 6.62 -26.69
CA LYS A 528 -65.51 5.98 -25.74
C LYS A 528 -64.25 6.82 -25.54
N LEU A 529 -63.65 7.28 -26.65
CA LEU A 529 -62.47 8.13 -26.61
C LEU A 529 -62.68 9.36 -25.72
N ASN A 530 -63.79 10.06 -25.92
CA ASN A 530 -64.13 11.23 -25.11
C ASN A 530 -64.37 10.92 -23.62
N GLU A 531 -64.90 9.73 -23.32
CA GLU A 531 -65.08 9.29 -21.94
C GLU A 531 -63.73 9.07 -21.26
N LEU A 532 -62.76 8.54 -22.00
CA LEU A 532 -61.43 8.27 -21.45
C LEU A 532 -60.57 9.53 -21.34
N ILE A 533 -60.79 10.45 -22.27
CA ILE A 533 -60.19 11.78 -22.25
C ILE A 533 -60.60 12.54 -20.97
N GLU A 534 -61.87 12.40 -20.61
CA GLU A 534 -62.45 12.99 -19.41
C GLU A 534 -61.83 12.45 -18.13
N LYS A 535 -61.74 11.12 -18.03
CA LYS A 535 -61.09 10.44 -16.91
C LYS A 535 -59.64 10.92 -16.72
N GLU A 536 -58.90 11.04 -17.82
CA GLU A 536 -57.52 11.49 -17.78
C GLU A 536 -57.41 12.96 -17.32
N ASN A 537 -58.26 13.84 -17.84
CA ASN A 537 -58.34 15.22 -17.33
C ASN A 537 -58.60 15.34 -15.81
N GLU A 538 -59.40 14.43 -15.26
CA GLU A 538 -59.74 14.47 -13.83
C GLU A 538 -58.54 14.08 -12.99
N MET A 539 -57.85 13.04 -13.42
CA MET A 539 -56.66 12.55 -12.74
C MET A 539 -55.51 13.55 -12.82
N LEU A 540 -55.39 14.22 -13.97
CA LEU A 540 -54.43 15.33 -14.18
C LEU A 540 -54.65 16.52 -13.27
N ALA A 541 -55.89 17.00 -13.21
CA ALA A 541 -56.27 18.07 -12.32
C ALA A 541 -56.01 17.71 -10.85
N GLN A 542 -56.32 16.47 -10.47
CA GLN A 542 -56.06 15.98 -9.12
C GLN A 542 -54.55 15.95 -8.76
N ASP A 543 -53.72 15.44 -9.67
CA ASP A 543 -52.26 15.43 -9.48
C ASP A 543 -51.68 16.84 -9.32
N LYS A 544 -52.15 17.75 -10.17
CA LYS A 544 -51.70 19.13 -10.22
C LYS A 544 -52.09 19.89 -8.94
N LEU A 545 -53.33 19.71 -8.49
CA LEU A 545 -53.75 20.28 -7.22
C LEU A 545 -52.85 19.81 -6.05
N VAL A 546 -52.58 18.50 -5.96
CA VAL A 546 -51.70 17.97 -4.91
C VAL A 546 -50.26 18.51 -5.02
N ALA A 547 -49.72 18.60 -6.24
CA ALA A 547 -48.36 19.10 -6.44
C ALA A 547 -48.28 20.57 -6.06
N GLU A 548 -49.31 21.34 -6.41
CA GLU A 548 -49.38 22.77 -6.08
C GLU A 548 -49.54 23.02 -4.58
N THR A 549 -50.37 22.24 -3.91
CA THR A 549 -50.52 22.45 -2.49
C THR A 549 -49.26 22.05 -1.69
N GLU A 550 -48.60 20.98 -2.13
CA GLU A 550 -47.28 20.54 -1.66
C GLU A 550 -46.21 21.60 -1.85
N ASP A 551 -46.24 22.25 -3.00
CA ASP A 551 -45.32 23.33 -3.31
C ASP A 551 -45.54 24.54 -2.39
N ARG A 552 -46.78 24.99 -2.26
CA ARG A 552 -47.13 26.14 -1.40
C ARG A 552 -46.82 25.88 0.07
N LYS A 553 -46.85 24.61 0.48
CA LYS A 553 -46.58 24.31 1.86
C LYS A 553 -45.07 24.32 2.13
N ASN A 554 -44.30 23.87 1.14
CA ASN A 554 -42.85 23.93 1.21
C ASN A 554 -42.32 25.37 1.14
N THR A 555 -43.00 26.18 0.34
CA THR A 555 -42.62 27.56 0.14
C THR A 555 -42.85 28.36 1.42
N LEU A 556 -43.94 28.05 2.12
CA LEU A 556 -44.26 28.66 3.41
C LEU A 556 -43.21 28.31 4.47
N GLU A 557 -42.93 27.02 4.60
CA GLU A 557 -41.92 26.54 5.54
C GLU A 557 -40.54 27.18 5.30
N GLU A 558 -40.11 27.24 4.03
CA GLU A 558 -38.84 27.89 3.66
C GLU A 558 -38.81 29.38 4.03
N TYR A 559 -39.94 30.06 3.79
CA TYR A 559 -40.03 31.47 4.07
C TYR A 559 -39.91 31.77 5.57
N ILE A 560 -40.51 30.89 6.39
CA ILE A 560 -40.39 30.98 7.84
C ILE A 560 -38.92 30.99 8.30
N TYR A 561 -38.12 30.03 7.82
CA TYR A 561 -36.73 29.91 8.24
C TYR A 561 -35.91 31.08 7.70
N THR A 562 -36.24 31.48 6.47
CA THR A 562 -35.55 32.55 5.75
C THR A 562 -35.79 33.93 6.37
N LEU A 563 -37.06 34.27 6.59
CA LEU A 563 -37.43 35.53 7.22
C LEU A 563 -36.98 35.60 8.70
N ARG A 564 -37.11 34.50 9.43
CA ARG A 564 -36.55 34.45 10.79
C ARG A 564 -35.05 34.76 10.80
N GLY A 565 -34.29 34.13 9.92
CA GLY A 565 -32.84 34.34 9.88
C GLY A 565 -32.42 35.76 9.52
N LYS A 566 -33.16 36.37 8.60
CA LYS A 566 -32.84 37.73 8.14
C LYS A 566 -33.15 38.78 9.19
N LEU A 567 -34.23 38.56 9.95
CA LEU A 567 -34.64 39.46 11.02
C LEU A 567 -33.54 39.59 12.07
N GLU A 568 -32.73 38.54 12.16
CA GLU A 568 -31.62 38.50 13.09
C GLU A 568 -30.32 39.05 12.52
N GLU A 569 -30.29 39.26 11.20
CA GLU A 569 -29.09 39.68 10.50
C GLU A 569 -29.31 40.96 9.73
N GLU A 570 -29.32 40.90 8.39
CA GLU A 570 -29.38 42.13 7.58
C GLU A 570 -30.63 43.00 7.81
N TYR A 571 -31.71 42.40 8.32
CA TYR A 571 -32.94 43.16 8.61
C TYR A 571 -32.98 43.76 10.00
N ALA A 572 -32.05 43.35 10.87
CA ALA A 572 -32.02 43.79 12.28
C ALA A 572 -32.11 45.31 12.48
N PRO A 573 -31.30 46.11 11.73
CA PRO A 573 -31.45 47.57 11.82
C PRO A 573 -32.76 48.17 11.29
N PHE A 574 -33.66 47.36 10.75
CA PHE A 574 -34.76 47.93 9.96
C PHE A 574 -36.18 47.67 10.49
N ALA A 575 -36.27 47.26 11.76
CA ALA A 575 -37.58 46.98 12.38
C ALA A 575 -37.60 47.41 13.83
N SER A 576 -38.70 48.05 14.26
CA SER A 576 -38.88 48.38 15.67
C SER A 576 -38.95 47.12 16.52
N ASP A 577 -38.93 47.29 17.84
CA ASP A 577 -39.07 46.15 18.76
C ASP A 577 -40.42 45.50 18.56
N ALA A 578 -41.48 46.32 18.53
CA ALA A 578 -42.84 45.82 18.35
C ALA A 578 -43.07 45.08 17.03
N GLU A 579 -42.46 45.58 15.95
CA GLU A 579 -42.57 44.93 14.64
C GLU A 579 -41.88 43.57 14.60
N LYS A 580 -40.69 43.52 15.17
CA LYS A 580 -39.86 42.30 15.17
C LYS A 580 -40.49 41.19 16.02
N THR A 581 -40.83 41.50 17.29
CA THR A 581 -41.40 40.48 18.18
C THR A 581 -42.75 39.98 17.66
N LYS A 582 -43.55 40.88 17.09
CA LYS A 582 -44.81 40.52 16.47
C LYS A 582 -44.59 39.51 15.32
N LEU A 583 -43.64 39.83 14.43
CA LEU A 583 -43.30 38.93 13.32
C LEU A 583 -42.69 37.61 13.80
N GLN A 584 -41.83 37.66 14.82
CA GLN A 584 -41.29 36.43 15.44
C GLN A 584 -42.37 35.54 16.04
N GLY A 585 -43.35 36.15 16.70
CA GLY A 585 -44.50 35.43 17.25
C GLY A 585 -45.27 34.68 16.15
N MET A 586 -45.61 35.37 15.06
CA MET A 586 -46.33 34.71 13.97
C MET A 586 -45.51 33.71 13.17
N LEU A 587 -44.20 33.92 13.08
CA LEU A 587 -43.31 32.92 12.49
C LEU A 587 -43.34 31.65 13.32
N ASN A 588 -43.19 31.80 14.64
CA ASN A 588 -43.25 30.65 15.55
C ASN A 588 -44.58 29.89 15.51
N LYS A 589 -45.68 30.64 15.47
CA LYS A 589 -47.05 30.10 15.32
C LYS A 589 -47.27 29.40 13.98
N ALA A 590 -46.74 29.97 12.89
CA ALA A 590 -46.85 29.36 11.57
C ALA A 590 -46.06 28.05 11.51
N GLU A 591 -44.87 28.04 12.10
CA GLU A 591 -44.06 26.84 12.19
C GLU A 591 -44.75 25.71 12.98
N GLU A 592 -45.31 26.02 14.15
CA GLU A 592 -46.05 25.03 14.95
C GLU A 592 -47.30 24.53 14.22
N TRP A 593 -47.96 25.43 13.50
CA TRP A 593 -49.13 25.08 12.69
C TRP A 593 -48.80 23.99 11.66
N LEU A 594 -47.62 24.09 11.04
CA LEU A 594 -47.14 23.10 10.04
C LEU A 594 -47.03 21.68 10.60
N TYR A 595 -46.95 21.55 11.93
CA TYR A 595 -46.97 20.24 12.59
C TYR A 595 -48.37 19.83 13.01
N ASP A 596 -49.30 20.78 13.01
CA ASP A 596 -50.65 20.51 13.51
C ASP A 596 -51.67 20.47 12.36
N GLU A 597 -52.63 21.40 12.37
CA GLU A 597 -53.61 21.53 11.30
C GLU A 597 -52.96 21.68 9.91
N GLY A 598 -51.82 22.35 9.84
CA GLY A 598 -51.13 22.60 8.58
C GLY A 598 -50.28 21.45 8.08
N PHE A 599 -50.27 20.34 8.80
CA PHE A 599 -49.55 19.15 8.38
C PHE A 599 -50.08 18.62 7.05
N ASP A 600 -51.38 18.80 6.85
CA ASP A 600 -52.10 18.20 5.74
C ASP A 600 -53.32 19.08 5.50
N SER A 601 -53.08 20.25 4.94
CA SER A 601 -54.11 21.27 4.80
C SER A 601 -54.40 21.55 3.32
N ILE A 602 -55.16 22.60 3.04
CA ILE A 602 -55.52 22.96 1.66
C ILE A 602 -54.65 24.10 1.15
N LYS A 603 -54.51 24.17 -0.17
CA LYS A 603 -53.72 25.18 -0.88
C LYS A 603 -53.94 26.64 -0.45
N ALA A 604 -55.21 27.06 -0.33
CA ALA A 604 -55.54 28.44 0.01
C ALA A 604 -54.95 28.84 1.36
N LYS A 605 -54.92 27.89 2.30
CA LYS A 605 -54.43 28.16 3.66
C LYS A 605 -52.90 28.31 3.74
N TYR A 606 -52.17 27.53 2.95
CA TYR A 606 -50.71 27.68 2.86
C TYR A 606 -50.36 29.02 2.22
N ILE A 607 -51.20 29.43 1.27
CA ILE A 607 -51.04 30.72 0.61
C ILE A 607 -51.36 31.87 1.58
N ALA A 608 -52.49 31.77 2.28
CA ALA A 608 -52.88 32.79 3.25
C ALA A 608 -51.85 32.95 4.37
N LYS A 609 -51.38 31.82 4.92
CA LYS A 609 -50.41 31.86 6.01
C LYS A 609 -49.15 32.53 5.55
N TYR A 610 -48.80 32.34 4.27
CA TYR A 610 -47.64 32.98 3.67
C TYR A 610 -47.82 34.49 3.47
N GLU A 611 -49.01 34.90 3.03
CA GLU A 611 -49.31 36.30 2.74
C GLU A 611 -49.35 37.18 3.99
N GLU A 612 -49.79 36.60 5.10
CA GLU A 612 -49.76 37.24 6.42
C GLU A 612 -48.35 37.60 6.85
N LEU A 613 -47.44 36.63 6.72
CA LEU A 613 -46.06 36.79 7.09
C LEU A 613 -45.35 37.77 6.18
N ALA A 614 -45.45 37.51 4.87
CA ALA A 614 -44.79 38.28 3.81
C ALA A 614 -45.19 39.74 3.79
N SER A 615 -46.47 39.99 4.04
CA SER A 615 -47.02 41.33 4.14
C SER A 615 -46.28 42.18 5.20
N LEU A 616 -45.90 41.54 6.31
CA LEU A 616 -45.06 42.19 7.32
C LEU A 616 -43.57 42.13 6.95
N GLY A 617 -43.12 40.99 6.44
CA GLY A 617 -41.73 40.82 6.05
C GLY A 617 -41.25 41.81 5.01
N ASN A 618 -42.13 42.16 4.06
CA ASN A 618 -41.81 43.02 2.93
C ASN A 618 -41.65 44.50 3.31
N ILE A 619 -42.39 44.91 4.35
CA ILE A 619 -42.25 46.26 4.92
C ILE A 619 -40.83 46.48 5.44
N ILE A 620 -40.31 45.48 6.10
CA ILE A 620 -38.95 45.51 6.64
C ILE A 620 -37.91 45.37 5.51
N ARG A 621 -38.08 44.38 4.63
CA ARG A 621 -37.24 44.24 3.42
C ARG A 621 -37.15 45.55 2.59
N GLY A 622 -38.29 46.21 2.42
CA GLY A 622 -38.36 47.50 1.73
C GLY A 622 -37.42 48.55 2.31
N ARG A 623 -37.33 48.62 3.64
CA ARG A 623 -36.46 49.59 4.31
C ARG A 623 -35.01 49.18 4.13
N TYR A 624 -34.75 47.87 4.21
CA TYR A 624 -33.42 47.33 3.98
C TYR A 624 -32.91 47.68 2.57
N LEU A 625 -33.73 47.41 1.55
CA LEU A 625 -33.38 47.69 0.17
C LEU A 625 -33.17 49.18 -0.11
N ALA A 626 -33.98 50.03 0.54
CA ALA A 626 -33.88 51.49 0.36
C ALA A 626 -32.56 52.05 0.85
N LYS A 627 -32.10 51.59 2.01
CA LYS A 627 -30.77 51.98 2.53
C LYS A 627 -29.65 51.38 1.69
N GLU A 628 -29.92 50.26 1.01
CA GLU A 628 -28.96 49.64 0.09
C GLU A 628 -28.69 50.53 -1.14
N GLU A 629 -29.77 51.01 -1.76
CA GLU A 629 -29.69 51.95 -2.88
C GLU A 629 -29.05 53.29 -2.47
N GLU A 630 -29.29 53.72 -1.23
CA GLU A 630 -28.70 54.96 -0.69
C GLU A 630 -27.19 54.89 -0.57
N LYS A 631 -26.68 53.71 -0.22
CA LYS A 631 -25.23 53.47 -0.13
C LYS A 631 -24.59 53.56 -1.51
N LYS A 632 -25.38 53.18 -2.54
CA LYS A 632 -24.96 53.22 -3.93
C LYS A 632 -25.12 54.62 -4.53
N GLN A 633 -26.00 55.41 -3.93
CA GLN A 633 -26.16 56.81 -4.28
C GLN A 633 -24.98 57.61 -3.76
N ALA A 634 -24.50 57.24 -2.56
CA ALA A 634 -23.30 57.82 -1.97
C ALA A 634 -22.04 57.43 -2.76
N ILE A 635 -22.07 56.24 -3.35
CA ILE A 635 -21.02 55.80 -4.30
C ILE A 635 -20.98 56.75 -5.51
N ARG A 636 -21.97 56.63 -6.41
CA ARG A 636 -22.06 57.45 -7.62
C ARG A 636 -22.43 58.89 -7.30
N ALA B 4 -11.74 15.84 -40.75
CA ALA B 4 -11.53 15.50 -39.31
C ALA B 4 -11.82 16.68 -38.36
N ALA B 5 -12.75 16.44 -37.43
CA ALA B 5 -13.06 17.40 -36.40
C ALA B 5 -12.01 17.35 -35.27
N ALA B 6 -11.87 18.46 -34.56
CA ALA B 6 -11.12 18.50 -33.34
C ALA B 6 -12.11 18.23 -32.21
N ILE B 7 -11.61 17.70 -31.09
CA ILE B 7 -12.46 17.42 -29.95
C ILE B 7 -12.12 18.31 -28.76
N GLY B 8 -13.07 18.50 -27.86
CA GLY B 8 -12.81 19.24 -26.64
C GLY B 8 -12.87 18.24 -25.53
N ILE B 9 -11.84 18.25 -24.68
CA ILE B 9 -11.76 17.39 -23.49
C ILE B 9 -11.67 18.15 -22.17
N ASP B 10 -12.70 17.99 -21.34
CA ASP B 10 -12.61 18.30 -19.92
C ASP B 10 -11.87 17.15 -19.20
N LEU B 11 -10.59 17.39 -18.84
CA LEU B 11 -9.81 16.43 -18.06
C LEU B 11 -10.03 16.69 -16.57
N GLY B 12 -11.03 16.04 -15.99
CA GLY B 12 -11.45 16.30 -14.63
C GLY B 12 -10.66 15.51 -13.61
N THR B 13 -10.66 16.01 -12.38
CA THR B 13 -9.98 15.38 -11.27
C THR B 13 -10.59 14.00 -10.97
N THR B 14 -11.91 13.90 -10.99
CA THR B 14 -12.62 12.63 -10.74
C THR B 14 -13.22 11.99 -12.02
N TYR B 15 -13.81 12.82 -12.89
N TYR B 15 -13.84 12.80 -12.89
CA TYR B 15 -14.47 12.39 -14.15
CA TYR B 15 -14.41 12.32 -14.15
C TYR B 15 -14.04 13.23 -15.34
C TYR B 15 -13.94 13.19 -15.32
N SER B 16 -13.97 12.62 -16.52
CA SER B 16 -13.64 13.36 -17.75
C SER B 16 -14.82 13.31 -18.75
N CYS B 17 -14.81 14.26 -19.69
CA CYS B 17 -15.92 14.45 -20.63
C CYS B 17 -15.34 14.94 -21.95
N VAL B 18 -15.80 14.36 -23.06
CA VAL B 18 -15.37 14.75 -24.38
C VAL B 18 -16.58 15.13 -25.25
N GLY B 19 -16.42 16.22 -26.02
CA GLY B 19 -17.42 16.63 -26.98
C GLY B 19 -16.81 16.99 -28.31
N VAL B 20 -17.66 17.12 -29.31
CA VAL B 20 -17.24 17.53 -30.63
C VAL B 20 -18.33 18.40 -31.24
N PHE B 21 -17.89 19.48 -31.88
CA PHE B 21 -18.80 20.38 -32.58
C PHE B 21 -19.03 19.80 -33.97
N GLN B 22 -20.28 19.44 -34.26
CA GLN B 22 -20.64 18.88 -35.57
C GLN B 22 -22.05 19.29 -35.95
N HIS B 23 -22.23 19.65 -37.23
CA HIS B 23 -23.49 20.17 -37.76
C HIS B 23 -24.08 21.31 -36.91
N GLY B 24 -23.24 22.32 -36.64
CA GLY B 24 -23.68 23.53 -35.93
C GLY B 24 -23.88 23.44 -34.42
N LYS B 25 -23.54 22.28 -33.83
CA LYS B 25 -23.79 22.04 -32.40
C LYS B 25 -22.77 21.14 -31.73
N VAL B 26 -22.66 21.27 -30.41
CA VAL B 26 -21.82 20.38 -29.63
C VAL B 26 -22.56 19.07 -29.29
N GLU B 27 -21.94 17.96 -29.66
CA GLU B 27 -22.37 16.65 -29.23
C GLU B 27 -21.41 16.14 -28.12
N ILE B 28 -21.94 15.92 -26.92
CA ILE B 28 -21.22 15.22 -25.87
C ILE B 28 -21.30 13.71 -26.18
N ILE B 29 -20.18 13.02 -26.11
CA ILE B 29 -20.10 11.64 -26.58
C ILE B 29 -20.11 10.64 -25.40
N ALA B 30 -21.06 9.72 -25.42
CA ALA B 30 -21.15 8.64 -24.43
C ALA B 30 -20.09 7.58 -24.69
N ASN B 31 -19.52 7.04 -23.61
CA ASN B 31 -18.55 5.96 -23.74
C ASN B 31 -19.27 4.63 -24.09
N ASP B 32 -18.53 3.53 -24.13
CA ASP B 32 -19.13 2.29 -24.61
C ASP B 32 -20.06 1.62 -23.58
N GLN B 33 -20.07 2.16 -22.36
CA GLN B 33 -21.04 1.77 -21.32
C GLN B 33 -22.25 2.69 -21.33
N GLY B 34 -22.20 3.69 -22.20
CA GLY B 34 -23.29 4.66 -22.37
C GLY B 34 -23.21 5.87 -21.46
N ASN B 35 -22.08 6.06 -20.81
CA ASN B 35 -21.93 7.15 -19.85
C ASN B 35 -21.29 8.35 -20.52
N ARG B 36 -21.87 9.52 -20.26
CA ARG B 36 -21.48 10.81 -20.88
C ARG B 36 -20.29 11.47 -20.19
N THR B 37 -19.93 10.92 -19.01
CA THR B 37 -18.64 11.20 -18.37
C THR B 37 -17.96 9.87 -18.05
N THR B 38 -16.64 9.92 -17.95
CA THR B 38 -15.79 8.75 -17.70
C THR B 38 -14.87 9.02 -16.51
N PRO B 39 -14.85 8.12 -15.52
CA PRO B 39 -13.94 8.29 -14.38
C PRO B 39 -12.48 8.43 -14.80
N SER B 40 -11.80 9.40 -14.19
CA SER B 40 -10.37 9.64 -14.40
C SER B 40 -9.58 8.65 -13.52
N TYR B 41 -9.83 7.35 -13.75
CA TYR B 41 -9.28 6.27 -12.94
C TYR B 41 -8.48 5.35 -13.83
N VAL B 42 -7.38 4.80 -13.30
CA VAL B 42 -6.54 3.82 -13.99
C VAL B 42 -6.14 2.76 -12.97
N ALA B 43 -6.55 1.51 -13.22
CA ALA B 43 -6.24 0.42 -12.34
C ALA B 43 -5.22 -0.53 -12.94
N PHE B 44 -4.36 -1.08 -12.07
CA PHE B 44 -3.41 -2.08 -12.48
C PHE B 44 -3.71 -3.38 -11.71
N THR B 45 -3.69 -4.49 -12.45
CA THR B 45 -3.97 -5.82 -11.89
C THR B 45 -2.89 -6.81 -12.33
N ASP B 46 -3.03 -8.07 -11.93
CA ASP B 46 -2.07 -9.13 -12.28
C ASP B 46 -1.94 -9.34 -13.80
N THR B 47 -3.02 -9.08 -14.54
CA THR B 47 -3.05 -9.38 -15.98
C THR B 47 -3.15 -8.16 -16.89
N GLU B 48 -3.98 -7.19 -16.51
CA GLU B 48 -4.32 -6.07 -17.40
C GLU B 48 -4.30 -4.68 -16.75
N ARG B 49 -4.41 -3.67 -17.60
CA ARG B 49 -4.60 -2.29 -17.17
C ARG B 49 -6.02 -1.85 -17.53
N LEU B 50 -6.72 -1.25 -16.56
CA LEU B 50 -8.12 -0.84 -16.73
C LEU B 50 -8.22 0.67 -16.63
N ILE B 51 -9.03 1.27 -17.50
CA ILE B 51 -9.15 2.72 -17.58
C ILE B 51 -10.63 3.08 -17.58
N GLY B 52 -11.00 4.11 -16.83
CA GLY B 52 -12.38 4.58 -16.84
C GLY B 52 -13.33 3.86 -15.90
N ASP B 53 -14.49 3.48 -16.41
CA ASP B 53 -15.50 2.77 -15.60
C ASP B 53 -15.01 1.44 -15.03
N ALA B 54 -14.34 0.62 -15.85
CA ALA B 54 -13.76 -0.65 -15.38
C ALA B 54 -12.80 -0.42 -14.20
N ALA B 55 -11.94 0.59 -14.32
CA ALA B 55 -11.04 0.96 -13.25
C ALA B 55 -11.84 1.32 -12.01
N LYS B 56 -12.81 2.23 -12.16
CA LYS B 56 -13.60 2.62 -11.01
C LYS B 56 -14.47 1.51 -10.38
N ASN B 57 -14.99 0.59 -11.19
CA ASN B 57 -15.80 -0.52 -10.68
C ASN B 57 -15.07 -1.41 -9.68
N GLN B 58 -13.78 -1.63 -9.86
CA GLN B 58 -13.04 -2.57 -9.01
C GLN B 58 -12.17 -1.91 -7.91
N VAL B 59 -12.37 -0.62 -7.64
CA VAL B 59 -11.51 0.12 -6.72
C VAL B 59 -11.48 -0.47 -5.29
N ALA B 60 -12.65 -0.78 -4.74
CA ALA B 60 -12.78 -1.31 -3.39
C ALA B 60 -11.98 -2.59 -3.18
N LEU B 61 -11.77 -3.36 -4.25
CA LEU B 61 -11.16 -4.68 -4.13
C LEU B 61 -9.69 -4.64 -4.53
N ASN B 62 -9.27 -3.50 -5.08
CA ASN B 62 -7.90 -3.28 -5.53
C ASN B 62 -7.46 -1.81 -5.27
N PRO B 63 -7.64 -1.32 -4.03
CA PRO B 63 -7.49 0.12 -3.72
C PRO B 63 -6.06 0.66 -3.82
N GLN B 64 -5.07 -0.20 -3.65
CA GLN B 64 -3.68 0.24 -3.71
C GLN B 64 -3.17 0.42 -5.14
N ASN B 65 -3.79 -0.29 -6.08
CA ASN B 65 -3.32 -0.26 -7.45
C ASN B 65 -4.29 0.49 -8.38
N THR B 66 -5.26 1.18 -7.78
CA THR B 66 -6.20 1.96 -8.57
C THR B 66 -5.90 3.44 -8.34
N VAL B 67 -5.43 4.09 -9.40
CA VAL B 67 -4.98 5.48 -9.31
C VAL B 67 -6.08 6.41 -9.82
N PHE B 68 -6.26 7.48 -9.04
CA PHE B 68 -7.19 8.60 -9.31
C PHE B 68 -6.54 9.86 -8.70
N ASP B 69 -7.11 11.02 -8.99
CA ASP B 69 -6.57 12.31 -8.50
C ASP B 69 -5.17 12.66 -9.03
N ALA B 70 -4.74 12.07 -10.15
CA ALA B 70 -3.43 12.42 -10.71
C ALA B 70 -3.34 13.92 -11.08
N LYS B 71 -4.50 14.53 -11.33
CA LYS B 71 -4.66 15.97 -11.55
C LYS B 71 -4.08 16.82 -10.40
N ARG B 72 -4.20 16.34 -9.17
CA ARG B 72 -3.62 17.00 -7.99
C ARG B 72 -2.09 16.96 -7.95
N LEU B 73 -1.50 15.99 -8.63
CA LEU B 73 -0.04 15.86 -8.72
C LEU B 73 0.58 16.50 -9.96
N ILE B 74 -0.21 16.64 -11.03
CA ILE B 74 0.36 16.92 -12.36
C ILE B 74 1.13 18.27 -12.40
N GLY B 75 2.39 18.24 -12.84
CA GLY B 75 3.19 19.47 -12.96
C GLY B 75 3.75 20.00 -11.64
N ARG B 76 3.51 19.27 -10.55
CA ARG B 76 3.97 19.63 -9.22
C ARG B 76 5.26 18.93 -8.81
N LYS B 77 5.94 19.53 -7.82
CA LYS B 77 7.13 18.95 -7.21
C LYS B 77 6.73 18.03 -6.06
N PHE B 78 7.54 17.02 -5.78
CA PHE B 78 7.29 16.12 -4.63
C PHE B 78 7.25 16.86 -3.28
N GLY B 79 8.18 17.80 -3.08
CA GLY B 79 8.24 18.62 -1.87
C GLY B 79 7.18 19.72 -1.76
N ASP B 80 6.31 19.81 -2.77
CA ASP B 80 5.17 20.72 -2.74
C ASP B 80 4.26 20.33 -1.55
N PRO B 81 4.02 21.26 -0.59
CA PRO B 81 3.23 20.96 0.61
C PRO B 81 1.85 20.38 0.30
N VAL B 82 1.30 20.73 -0.87
CA VAL B 82 0.06 20.19 -1.43
C VAL B 82 0.18 18.68 -1.73
N VAL B 83 1.25 18.29 -2.42
CA VAL B 83 1.56 16.88 -2.68
C VAL B 83 1.67 16.08 -1.39
N GLN B 84 2.51 16.58 -0.46
CA GLN B 84 2.73 15.94 0.85
C GLN B 84 1.43 15.81 1.66
N SER B 85 0.64 16.88 1.63
CA SER B 85 -0.65 16.92 2.30
C SER B 85 -1.61 15.90 1.68
N ASP B 86 -1.73 15.93 0.36
CA ASP B 86 -2.67 15.06 -0.39
C ASP B 86 -2.42 13.57 -0.18
N MET B 87 -1.14 13.20 -0.11
CA MET B 87 -0.71 11.81 0.04
C MET B 87 -1.40 11.08 1.19
N LYS B 88 -1.63 11.81 2.29
CA LYS B 88 -2.23 11.28 3.52
C LYS B 88 -3.63 10.68 3.30
N HIS B 89 -4.25 11.02 2.17
CA HIS B 89 -5.61 10.63 1.85
C HIS B 89 -5.71 9.55 0.75
N TRP B 90 -4.61 9.24 0.08
CA TRP B 90 -4.62 8.27 -1.02
C TRP B 90 -4.16 6.89 -0.52
N PRO B 91 -4.87 5.81 -0.93
CA PRO B 91 -4.48 4.44 -0.56
C PRO B 91 -3.38 3.85 -1.45
N PHE B 92 -3.06 4.54 -2.55
CA PHE B 92 -1.90 4.16 -3.37
C PHE B 92 -0.64 4.90 -2.90
N GLN B 93 0.51 4.39 -3.34
CA GLN B 93 1.81 4.91 -2.94
C GLN B 93 2.27 6.01 -3.89
N VAL B 94 2.82 7.10 -3.34
CA VAL B 94 3.50 8.13 -4.13
C VAL B 94 4.97 8.25 -3.71
N ILE B 95 5.89 8.06 -4.67
CA ILE B 95 7.32 8.12 -4.41
C ILE B 95 7.99 9.37 -4.98
N ASN B 96 9.26 9.56 -4.65
CA ASN B 96 10.07 10.71 -5.05
C ASN B 96 11.16 10.30 -6.05
N ASP B 97 11.12 10.89 -7.24
CA ASP B 97 12.10 10.61 -8.29
C ASP B 97 12.79 11.89 -8.77
N GLY B 98 13.83 12.31 -8.06
CA GLY B 98 14.51 13.59 -8.33
C GLY B 98 13.58 14.78 -8.16
N ASP B 99 12.82 14.76 -7.06
CA ASP B 99 11.77 15.77 -6.74
C ASP B 99 10.55 15.79 -7.67
N LYS B 100 10.43 14.78 -8.54
CA LYS B 100 9.19 14.56 -9.31
C LYS B 100 8.40 13.41 -8.67
N PRO B 101 7.13 13.65 -8.29
CA PRO B 101 6.31 12.56 -7.76
C PRO B 101 5.94 11.51 -8.82
N LYS B 102 6.02 10.24 -8.43
CA LYS B 102 5.53 9.13 -9.25
C LYS B 102 4.59 8.30 -8.40
N VAL B 103 3.49 7.88 -8.99
CA VAL B 103 2.59 6.94 -8.34
C VAL B 103 3.14 5.53 -8.50
N GLN B 104 3.23 4.81 -7.38
CA GLN B 104 3.80 3.47 -7.36
C GLN B 104 2.77 2.38 -7.07
N VAL B 105 2.84 1.34 -7.88
CA VAL B 105 1.75 0.40 -8.07
C VAL B 105 2.33 -1.02 -8.29
N SER B 106 1.56 -2.06 -7.99
CA SER B 106 1.85 -3.42 -8.50
C SER B 106 1.10 -3.65 -9.82
N TYR B 107 1.86 -3.98 -10.86
CA TYR B 107 1.34 -4.23 -12.20
C TYR B 107 1.95 -5.52 -12.78
N LYS B 108 1.09 -6.50 -13.03
CA LYS B 108 1.47 -7.79 -13.63
C LYS B 108 2.52 -8.55 -12.80
N GLY B 109 2.39 -8.46 -11.47
CA GLY B 109 3.33 -9.09 -10.55
C GLY B 109 4.65 -8.36 -10.37
N GLU B 110 4.69 -7.09 -10.76
CA GLU B 110 5.88 -6.22 -10.62
C GLU B 110 5.53 -4.86 -10.02
N THR B 111 6.50 -4.25 -9.35
CA THR B 111 6.38 -2.87 -8.89
C THR B 111 6.69 -1.93 -10.05
N LYS B 112 5.78 -0.98 -10.30
CA LYS B 112 5.91 0.02 -11.35
C LYS B 112 5.54 1.39 -10.83
N ALA B 113 6.28 2.40 -11.28
CA ALA B 113 5.98 3.80 -10.99
C ALA B 113 5.66 4.58 -12.29
N PHE B 114 4.76 5.55 -12.16
CA PHE B 114 4.28 6.33 -13.30
C PHE B 114 4.27 7.82 -12.94
N TYR B 115 4.76 8.65 -13.85
CA TYR B 115 4.55 10.09 -13.68
C TYR B 115 3.06 10.43 -13.73
N PRO B 116 2.65 11.51 -13.04
CA PRO B 116 1.24 11.90 -13.08
C PRO B 116 0.78 12.08 -14.51
N GLU B 117 1.63 12.64 -15.37
CA GLU B 117 1.22 12.92 -16.73
C GLU B 117 1.09 11.64 -17.58
N GLU B 118 1.69 10.54 -17.13
CA GLU B 118 1.50 9.24 -17.76
C GLU B 118 0.12 8.68 -17.44
N ILE B 119 -0.29 8.74 -16.17
CA ILE B 119 -1.66 8.34 -15.78
C ILE B 119 -2.70 9.16 -16.55
N SER B 120 -2.53 10.47 -16.58
CA SER B 120 -3.43 11.36 -17.32
C SER B 120 -3.45 11.10 -18.84
N SER B 121 -2.31 10.71 -19.42
CA SER B 121 -2.29 10.36 -20.84
C SER B 121 -3.17 9.15 -21.15
N MET B 122 -3.27 8.22 -20.19
CA MET B 122 -4.08 7.02 -20.34
C MET B 122 -5.57 7.36 -20.31
N VAL B 123 -5.94 8.33 -19.45
CA VAL B 123 -7.30 8.88 -19.42
C VAL B 123 -7.62 9.62 -20.72
N LEU B 124 -6.67 10.41 -21.22
CA LEU B 124 -6.83 11.13 -22.49
C LEU B 124 -6.88 10.21 -23.72
N THR B 125 -6.13 9.12 -23.68
CA THR B 125 -6.22 8.09 -24.72
C THR B 125 -7.62 7.47 -24.74
N LYS B 126 -8.17 7.19 -23.56
CA LYS B 126 -9.53 6.71 -23.44
C LYS B 126 -10.57 7.68 -24.06
N MET B 127 -10.50 8.97 -23.71
CA MET B 127 -11.42 9.97 -24.24
C MET B 127 -11.30 10.14 -25.75
N LYS B 128 -10.07 10.10 -26.24
CA LYS B 128 -9.76 10.07 -27.65
C LYS B 128 -10.39 8.86 -28.35
N GLU B 129 -10.30 7.67 -27.75
CA GLU B 129 -10.87 6.46 -28.36
C GLU B 129 -12.39 6.50 -28.34
N ILE B 130 -12.96 7.13 -27.32
CA ILE B 130 -14.40 7.32 -27.24
C ILE B 130 -14.85 8.20 -28.41
N ALA B 131 -14.16 9.31 -28.62
CA ALA B 131 -14.46 10.21 -29.73
C ALA B 131 -14.31 9.52 -31.09
N GLU B 132 -13.26 8.71 -31.25
CA GLU B 132 -13.01 7.98 -32.50
C GLU B 132 -14.06 6.92 -32.84
N ALA B 133 -14.58 6.23 -31.84
CA ALA B 133 -15.62 5.20 -32.05
C ALA B 133 -16.91 5.87 -32.54
N TYR B 134 -17.22 7.02 -31.95
CA TYR B 134 -18.38 7.82 -32.34
C TYR B 134 -18.22 8.47 -33.74
N LEU B 135 -17.02 8.99 -34.04
CA LEU B 135 -16.81 9.67 -35.32
C LEU B 135 -16.58 8.70 -36.47
N GLY B 136 -15.96 7.56 -36.18
CA GLY B 136 -15.69 6.56 -37.22
C GLY B 136 -14.36 6.77 -37.93
N TYR B 137 -13.54 7.70 -37.44
CA TYR B 137 -12.23 7.98 -38.03
C TYR B 137 -11.24 8.42 -36.94
N PRO B 138 -9.92 8.38 -37.24
CA PRO B 138 -8.92 8.88 -36.28
C PRO B 138 -9.07 10.35 -35.90
N VAL B 139 -8.95 10.63 -34.61
CA VAL B 139 -8.98 11.99 -34.07
C VAL B 139 -7.56 12.37 -33.63
N THR B 140 -7.13 13.57 -34.00
CA THR B 140 -5.74 13.95 -33.85
C THR B 140 -5.53 15.36 -33.28
N ASN B 141 -6.63 16.07 -33.05
CA ASN B 141 -6.60 17.46 -32.62
C ASN B 141 -7.57 17.67 -31.47
N ALA B 142 -7.11 18.34 -30.42
CA ALA B 142 -7.91 18.50 -29.20
C ALA B 142 -7.63 19.82 -28.49
N VAL B 143 -8.69 20.44 -27.95
CA VAL B 143 -8.51 21.42 -26.88
C VAL B 143 -8.67 20.67 -25.54
N ILE B 144 -7.70 20.87 -24.64
CA ILE B 144 -7.81 20.31 -23.29
C ILE B 144 -7.91 21.44 -22.24
N THR B 145 -8.79 21.28 -21.27
CA THR B 145 -9.00 22.31 -20.22
C THR B 145 -8.24 22.00 -18.93
N VAL B 146 -7.85 23.07 -18.22
CA VAL B 146 -7.22 23.00 -16.90
C VAL B 146 -7.84 24.05 -15.96
N PRO B 147 -7.64 23.92 -14.62
CA PRO B 147 -8.12 25.02 -13.75
C PRO B 147 -7.42 26.33 -14.00
N ALA B 148 -8.12 27.43 -13.71
CA ALA B 148 -7.57 28.78 -13.87
C ALA B 148 -6.32 29.03 -13.02
N TYR B 149 -6.22 28.33 -11.90
CA TYR B 149 -5.08 28.51 -11.01
C TYR B 149 -3.82 27.72 -11.43
N PHE B 150 -3.92 26.87 -12.46
CA PHE B 150 -2.76 26.13 -12.96
C PHE B 150 -1.63 27.06 -13.39
N ASN B 151 -0.43 26.82 -12.88
CA ASN B 151 0.79 27.47 -13.34
C ASN B 151 1.31 26.87 -14.68
N ASP B 152 2.35 27.48 -15.26
CA ASP B 152 2.97 27.01 -16.50
C ASP B 152 3.35 25.52 -16.48
N SER B 153 3.96 25.09 -15.38
CA SER B 153 4.41 23.72 -15.26
C SER B 153 3.25 22.71 -15.29
N GLN B 154 2.17 23.04 -14.59
CA GLN B 154 0.96 22.23 -14.57
C GLN B 154 0.23 22.20 -15.89
N ARG B 155 0.18 23.35 -16.55
CA ARG B 155 -0.33 23.47 -17.94
C ARG B 155 0.49 22.66 -18.94
N GLN B 156 1.83 22.79 -18.88
CA GLN B 156 2.73 22.06 -19.78
C GLN B 156 2.72 20.54 -19.58
N ALA B 157 2.65 20.09 -18.32
CA ALA B 157 2.53 18.65 -18.03
C ALA B 157 1.22 18.07 -18.58
N THR B 158 0.14 18.86 -18.52
CA THR B 158 -1.15 18.47 -19.08
C THR B 158 -1.08 18.36 -20.62
N LYS B 159 -0.33 19.27 -21.22
CA LYS B 159 -0.08 19.27 -22.66
C LYS B 159 0.77 18.07 -23.06
N ASP B 160 1.79 17.74 -22.24
CA ASP B 160 2.61 16.53 -22.43
C ASP B 160 1.78 15.25 -22.38
N ALA B 161 0.85 15.16 -21.43
CA ALA B 161 -0.09 14.04 -21.33
C ALA B 161 -0.89 13.90 -22.62
N GLY B 162 -1.31 15.04 -23.16
CA GLY B 162 -1.99 15.10 -24.45
C GLY B 162 -1.18 14.46 -25.56
N VAL B 163 0.08 14.89 -25.66
CA VAL B 163 1.04 14.49 -26.69
C VAL B 163 1.41 13.01 -26.57
N ILE B 164 1.54 12.51 -25.34
CA ILE B 164 1.77 11.10 -25.12
C ILE B 164 0.57 10.28 -25.62
N ALA B 165 -0.63 10.81 -25.42
CA ALA B 165 -1.87 10.18 -25.87
C ALA B 165 -2.08 10.28 -27.39
N GLY B 166 -1.11 10.85 -28.10
CA GLY B 166 -1.19 10.99 -29.56
C GLY B 166 -1.99 12.17 -30.08
N LEU B 167 -2.26 13.16 -29.23
CA LEU B 167 -3.07 14.32 -29.64
C LEU B 167 -2.17 15.50 -29.96
N ASN B 168 -2.57 16.25 -30.98
CA ASN B 168 -2.05 17.59 -31.20
C ASN B 168 -2.87 18.51 -30.32
N VAL B 169 -2.22 19.18 -29.37
CA VAL B 169 -2.96 20.01 -28.40
C VAL B 169 -3.09 21.41 -28.96
N LEU B 170 -4.27 21.71 -29.51
CA LEU B 170 -4.49 22.99 -30.17
C LEU B 170 -4.31 24.14 -29.18
N ARG B 171 -4.77 23.94 -27.96
CA ARG B 171 -4.70 24.94 -26.90
C ARG B 171 -5.02 24.29 -25.56
N ILE B 172 -4.35 24.75 -24.50
CA ILE B 172 -4.76 24.49 -23.12
C ILE B 172 -5.54 25.71 -22.68
N ILE B 173 -6.80 25.52 -22.27
CA ILE B 173 -7.62 26.66 -21.86
C ILE B 173 -8.19 26.48 -20.45
N ASN B 174 -8.47 27.60 -19.79
CA ASN B 174 -9.04 27.57 -18.47
C ASN B 174 -10.45 26.98 -18.50
N GLU B 175 -10.74 26.12 -17.54
CA GLU B 175 -12.09 25.58 -17.32
C GLU B 175 -13.23 26.64 -17.23
N PRO B 176 -13.10 27.69 -16.42
CA PRO B 176 -14.21 28.67 -16.38
C PRO B 176 -14.35 29.49 -17.69
N THR B 177 -13.26 29.61 -18.43
CA THR B 177 -13.25 30.20 -19.75
C THR B 177 -14.06 29.32 -20.71
N ALA B 178 -13.80 28.01 -20.67
CA ALA B 178 -14.57 27.02 -21.40
C ALA B 178 -16.09 27.06 -21.10
N ALA B 179 -16.46 27.04 -19.82
CA ALA B 179 -17.86 27.23 -19.42
C ALA B 179 -18.48 28.53 -19.97
N ALA B 180 -17.68 29.59 -20.03
CA ALA B 180 -18.13 30.88 -20.57
C ALA B 180 -18.36 30.82 -22.10
N ILE B 181 -17.43 30.20 -22.82
CA ILE B 181 -17.57 29.99 -24.27
C ILE B 181 -18.79 29.13 -24.59
N ALA B 182 -19.08 28.16 -23.72
CA ALA B 182 -20.27 27.30 -23.87
C ALA B 182 -21.57 28.12 -23.98
N TYR B 183 -21.68 29.15 -23.13
CA TYR B 183 -22.82 30.07 -23.07
C TYR B 183 -22.75 31.29 -23.97
N GLY B 184 -21.69 31.39 -24.79
CA GLY B 184 -21.53 32.47 -25.75
C GLY B 184 -21.25 33.84 -25.15
N LEU B 185 -20.62 33.86 -23.99
CA LEU B 185 -20.31 35.13 -23.33
C LEU B 185 -19.16 35.88 -24.00
N ASP B 186 -18.49 35.23 -24.93
CA ASP B 186 -17.41 35.83 -25.73
C ASP B 186 -17.93 36.38 -27.07
N ARG B 187 -19.25 36.34 -27.26
CA ARG B 187 -19.88 36.84 -28.47
C ARG B 187 -20.52 38.22 -28.27
N THR B 188 -20.31 38.83 -27.11
CA THR B 188 -21.05 40.06 -26.77
C THR B 188 -20.36 41.39 -27.15
N GLY B 189 -19.39 41.32 -28.05
CA GLY B 189 -18.69 42.51 -28.54
C GLY B 189 -17.88 43.28 -27.50
N LYS B 190 -17.43 44.47 -27.87
CA LYS B 190 -16.62 45.36 -27.02
C LYS B 190 -17.31 45.81 -25.73
N GLY B 191 -16.53 46.23 -24.74
CA GLY B 191 -17.05 46.56 -23.42
C GLY B 191 -16.85 45.39 -22.45
N GLU B 192 -16.35 45.70 -21.27
CA GLU B 192 -15.99 44.66 -20.31
C GLU B 192 -17.21 44.12 -19.61
N ARG B 193 -17.34 42.80 -19.56
CA ARG B 193 -18.30 42.15 -18.67
C ARG B 193 -17.52 41.29 -17.70
N ASN B 194 -17.88 41.41 -16.42
CA ASN B 194 -17.37 40.58 -15.34
C ASN B 194 -18.27 39.38 -15.14
N VAL B 195 -17.67 38.19 -15.23
CA VAL B 195 -18.37 36.92 -15.15
C VAL B 195 -17.84 36.14 -13.96
N LEU B 196 -18.74 35.73 -13.07
CA LEU B 196 -18.40 34.80 -12.00
C LEU B 196 -18.81 33.36 -12.39
N ILE B 197 -17.84 32.46 -12.45
CA ILE B 197 -18.12 31.03 -12.68
C ILE B 197 -18.04 30.34 -11.33
N PHE B 198 -19.13 29.67 -10.98
CA PHE B 198 -19.33 29.02 -9.70
C PHE B 198 -19.34 27.53 -9.97
N ASP B 199 -18.29 26.84 -9.53
CA ASP B 199 -18.04 25.46 -9.96
C ASP B 199 -17.91 24.54 -8.74
N LEU B 200 -19.05 23.96 -8.36
CA LEU B 200 -19.16 23.14 -7.16
C LEU B 200 -19.60 21.75 -7.57
N GLY B 201 -18.74 20.77 -7.35
CA GLY B 201 -19.14 19.39 -7.59
C GLY B 201 -18.07 18.33 -7.56
N GLY B 202 -18.24 17.40 -6.61
CA GLY B 202 -17.35 16.24 -6.44
C GLY B 202 -16.34 16.57 -5.35
N GLY B 203 -16.86 17.11 -4.24
CA GLY B 203 -16.04 17.63 -3.13
C GLY B 203 -15.42 18.99 -3.42
N THR B 204 -14.98 19.18 -4.67
CA THR B 204 -14.17 20.33 -5.12
C THR B 204 -14.94 21.59 -5.54
N PHE B 205 -14.40 22.74 -5.16
CA PHE B 205 -15.10 24.01 -5.23
C PHE B 205 -14.20 25.16 -5.71
N ASP B 206 -14.51 25.67 -6.89
CA ASP B 206 -13.74 26.75 -7.50
C ASP B 206 -14.66 27.89 -7.93
N VAL B 207 -14.37 29.09 -7.46
CA VAL B 207 -15.02 30.30 -7.93
C VAL B 207 -13.99 31.09 -8.73
N SER B 208 -14.40 31.56 -9.90
CA SER B 208 -13.53 32.35 -10.76
C SER B 208 -14.29 33.58 -11.24
N ILE B 209 -13.62 34.72 -11.19
CA ILE B 209 -14.10 35.92 -11.85
C ILE B 209 -13.21 36.19 -13.07
N LEU B 210 -13.87 36.20 -14.22
CA LEU B 210 -13.20 36.55 -15.47
C LEU B 210 -13.73 37.90 -15.93
N THR B 211 -12.89 38.61 -16.66
CA THR B 211 -13.36 39.79 -17.35
C THR B 211 -13.28 39.47 -18.84
N ILE B 212 -14.36 39.77 -19.57
CA ILE B 212 -14.44 39.53 -21.01
C ILE B 212 -14.70 40.82 -21.77
N ASP B 213 -13.91 41.03 -22.81
CA ASP B 213 -14.00 42.24 -23.61
C ASP B 213 -13.60 41.83 -25.02
N ASP B 214 -14.56 41.90 -25.95
CA ASP B 214 -14.30 41.65 -27.38
C ASP B 214 -13.82 40.22 -27.58
N GLY B 215 -14.40 39.29 -26.80
CA GLY B 215 -14.01 37.89 -26.84
C GLY B 215 -12.64 37.59 -26.22
N ILE B 216 -12.05 38.58 -25.56
CA ILE B 216 -10.76 38.42 -24.86
C ILE B 216 -11.00 38.22 -23.36
N PHE B 217 -10.41 37.14 -22.84
CA PHE B 217 -10.58 36.75 -21.44
C PHE B 217 -9.40 37.15 -20.56
N GLU B 218 -9.71 37.68 -19.37
CA GLU B 218 -8.69 37.90 -18.33
C GLU B 218 -9.18 37.37 -16.98
N VAL B 219 -8.34 36.57 -16.33
CA VAL B 219 -8.65 36.07 -14.98
C VAL B 219 -8.45 37.16 -13.93
N LYS B 220 -9.52 37.47 -13.19
CA LYS B 220 -9.47 38.49 -12.14
C LYS B 220 -9.18 37.86 -10.78
N ALA B 221 -9.81 36.73 -10.49
CA ALA B 221 -9.64 36.06 -9.20
C ALA B 221 -9.97 34.57 -9.27
N THR B 222 -9.40 33.81 -8.34
CA THR B 222 -9.78 32.43 -8.18
C THR B 222 -9.84 32.12 -6.70
N ALA B 223 -10.92 31.50 -6.24
CA ALA B 223 -11.05 31.11 -4.83
C ALA B 223 -11.42 29.63 -4.68
N GLY B 224 -10.57 28.91 -3.94
CA GLY B 224 -10.68 27.47 -3.78
C GLY B 224 -10.99 27.09 -2.34
N ASP B 225 -12.26 26.78 -2.10
CA ASP B 225 -12.75 26.33 -0.79
C ASP B 225 -12.94 24.81 -0.91
N THR B 226 -12.04 24.18 -1.68
CA THR B 226 -12.27 22.86 -2.32
C THR B 226 -12.25 21.60 -1.43
N HIS B 227 -12.94 21.66 -0.30
CA HIS B 227 -13.59 20.49 0.30
C HIS B 227 -14.85 20.86 1.08
N LEU B 228 -15.98 20.75 0.37
CA LEU B 228 -17.33 20.80 0.94
C LEU B 228 -18.24 20.02 0.00
N GLY B 229 -18.96 19.03 0.55
CA GLY B 229 -20.01 18.36 -0.23
C GLY B 229 -19.95 16.85 -0.24
N GLY B 230 -20.64 16.25 0.73
CA GLY B 230 -20.78 14.80 0.79
C GLY B 230 -21.40 14.36 2.09
N GLU B 231 -20.55 13.76 2.94
CA GLU B 231 -20.95 13.11 4.18
C GLU B 231 -21.67 14.02 5.18
N ASP B 232 -21.30 15.31 5.21
CA ASP B 232 -21.82 16.27 6.18
C ASP B 232 -23.33 16.54 6.09
N PHE B 233 -23.84 16.71 4.87
CA PHE B 233 -25.27 16.83 4.63
C PHE B 233 -26.03 15.54 5.00
N ASP B 234 -25.40 14.39 4.74
CA ASP B 234 -25.95 13.08 5.07
C ASP B 234 -26.05 12.89 6.58
N ASN B 235 -25.00 13.31 7.28
CA ASN B 235 -24.93 13.26 8.75
C ASN B 235 -26.07 14.04 9.39
N ARG B 236 -26.42 15.17 8.80
CA ARG B 236 -27.49 16.02 9.32
C ARG B 236 -28.84 15.32 9.24
N LEU B 237 -29.07 14.60 8.15
CA LEU B 237 -30.30 13.84 7.97
C LEU B 237 -30.36 12.59 8.87
N VAL B 238 -29.22 11.91 9.05
CA VAL B 238 -29.12 10.73 9.92
C VAL B 238 -29.42 11.10 11.38
N ASN B 239 -28.71 12.12 11.88
CA ASN B 239 -28.90 12.66 13.23
C ASN B 239 -30.33 13.13 13.51
N HIS B 240 -30.92 13.82 12.53
CA HIS B 240 -32.33 14.25 12.56
C HIS B 240 -33.31 13.06 12.72
N PHE B 241 -33.09 12.02 11.92
CA PHE B 241 -33.97 10.87 11.91
C PHE B 241 -33.72 9.91 13.09
N VAL B 242 -32.45 9.80 13.53
CA VAL B 242 -32.12 9.09 14.78
C VAL B 242 -32.92 9.68 15.93
N GLU B 243 -33.02 11.01 15.92
CA GLU B 243 -33.75 11.77 16.91
C GLU B 243 -35.28 11.55 16.85
N GLU B 244 -35.81 11.38 15.64
CA GLU B 244 -37.21 10.95 15.45
C GLU B 244 -37.50 9.58 16.09
N PHE B 245 -36.69 8.58 15.75
CA PHE B 245 -36.84 7.22 16.25
C PHE B 245 -36.73 7.24 17.77
N LYS B 246 -35.78 8.03 18.28
CA LYS B 246 -35.67 8.33 19.71
C LYS B 246 -36.98 8.85 20.27
N ARG B 247 -37.57 9.83 19.57
CA ARG B 247 -38.81 10.46 20.02
C ARG B 247 -40.03 9.55 19.96
N LYS B 248 -40.27 8.94 18.80
CA LYS B 248 -41.47 8.13 18.54
C LYS B 248 -41.50 6.80 19.29
N HIS B 249 -40.35 6.13 19.39
CA HIS B 249 -40.30 4.77 19.97
C HIS B 249 -39.59 4.70 21.32
N LYS B 250 -39.16 5.85 21.81
CA LYS B 250 -38.44 5.98 23.10
C LYS B 250 -37.16 5.13 23.17
N LYS B 251 -36.60 4.80 22.01
CA LYS B 251 -35.39 3.99 21.92
C LYS B 251 -34.31 4.68 21.08
N ASP B 252 -33.05 4.51 21.48
CA ASP B 252 -31.94 5.12 20.76
C ASP B 252 -31.19 4.15 19.85
N ILE B 253 -31.15 4.47 18.56
CA ILE B 253 -30.54 3.61 17.54
C ILE B 253 -29.06 3.95 17.24
N SER B 254 -28.54 4.99 17.90
CA SER B 254 -27.18 5.51 17.67
C SER B 254 -26.05 4.47 17.72
N GLN B 255 -26.08 3.59 18.70
CA GLN B 255 -25.00 2.62 18.91
C GLN B 255 -25.27 1.29 18.18
N ASN B 256 -25.72 1.39 16.94
CA ASN B 256 -26.02 0.21 16.11
C ASN B 256 -25.47 0.38 14.69
N LYS B 257 -24.34 -0.28 14.40
CA LYS B 257 -23.59 -0.09 13.14
C LYS B 257 -24.41 -0.33 11.87
N ARG B 258 -25.04 -1.51 11.77
CA ARG B 258 -25.83 -1.88 10.59
C ARG B 258 -27.07 -0.99 10.43
N ALA B 259 -27.73 -0.68 11.55
CA ALA B 259 -28.94 0.15 11.55
C ALA B 259 -28.69 1.59 11.08
N VAL B 260 -27.52 2.15 11.41
CA VAL B 260 -27.18 3.51 10.99
C VAL B 260 -26.83 3.54 9.49
N ARG B 261 -26.00 2.61 9.06
CA ARG B 261 -25.63 2.45 7.65
C ARG B 261 -26.87 2.30 6.75
N ARG B 262 -27.88 1.60 7.25
CA ARG B 262 -29.17 1.40 6.56
C ARG B 262 -29.95 2.70 6.53
N LEU B 263 -29.97 3.41 7.66
CA LEU B 263 -30.62 4.72 7.71
C LEU B 263 -29.87 5.74 6.85
N ARG B 264 -28.54 5.69 6.87
CA ARG B 264 -27.72 6.59 6.07
C ARG B 264 -28.00 6.47 4.58
N THR B 265 -28.09 5.23 4.11
CA THR B 265 -28.40 4.87 2.72
C THR B 265 -29.72 5.50 2.26
N ALA B 266 -30.74 5.36 3.10
CA ALA B 266 -32.04 5.97 2.86
C ALA B 266 -31.94 7.50 2.83
N CYS B 267 -31.03 8.07 3.63
CA CYS B 267 -30.84 9.54 3.71
C CYS B 267 -30.16 10.11 2.47
N GLU B 268 -29.20 9.38 1.90
CA GLU B 268 -28.53 9.73 0.63
C GLU B 268 -29.51 9.77 -0.57
N ARG B 269 -30.40 8.79 -0.60
CA ARG B 269 -31.46 8.68 -1.60
C ARG B 269 -32.42 9.84 -1.45
N ALA B 270 -32.87 10.10 -0.21
CA ALA B 270 -33.84 11.19 0.06
C ALA B 270 -33.31 12.57 -0.33
N LYS B 271 -32.07 12.83 0.05
CA LYS B 271 -31.35 14.05 -0.32
C LYS B 271 -31.36 14.30 -1.84
N ARG B 272 -30.99 13.29 -2.63
CA ARG B 272 -31.02 13.36 -4.09
C ARG B 272 -32.44 13.67 -4.61
N THR B 273 -33.43 12.94 -4.11
CA THR B 273 -34.85 13.18 -4.46
C THR B 273 -35.24 14.65 -4.22
N LEU B 274 -34.77 15.22 -3.11
CA LEU B 274 -35.07 16.63 -2.75
C LEU B 274 -34.48 17.74 -3.64
N SER B 275 -33.60 17.39 -4.56
CA SER B 275 -33.18 18.31 -5.63
C SER B 275 -34.25 18.57 -6.69
N SER B 276 -35.14 17.60 -6.90
CA SER B 276 -36.19 17.73 -7.92
C SER B 276 -37.62 17.63 -7.38
N SER B 277 -37.78 17.26 -6.11
CA SER B 277 -39.05 17.28 -5.40
C SER B 277 -38.93 18.04 -4.07
N THR B 278 -40.05 18.57 -3.62
CA THR B 278 -40.14 19.39 -2.44
C THR B 278 -40.29 18.53 -1.16
N GLN B 279 -40.50 17.22 -1.35
CA GLN B 279 -40.50 16.25 -0.24
C GLN B 279 -40.01 14.86 -0.65
N ALA B 280 -39.64 14.04 0.33
CA ALA B 280 -39.12 12.70 0.09
C ALA B 280 -39.52 11.81 1.26
N SER B 281 -39.88 10.57 0.96
CA SER B 281 -40.27 9.58 1.94
C SER B 281 -39.09 8.71 2.29
N LEU B 282 -39.02 8.28 3.54
CA LEU B 282 -38.09 7.22 3.96
C LEU B 282 -38.91 6.02 4.42
N GLU B 283 -38.48 4.83 4.02
CA GLU B 283 -39.18 3.62 4.43
C GLU B 283 -38.20 2.48 4.68
N ILE B 284 -37.80 2.31 5.93
CA ILE B 284 -36.91 1.23 6.30
C ILE B 284 -37.62 0.16 7.11
N ASP B 285 -37.84 -1.01 6.49
CA ASP B 285 -38.41 -2.15 7.19
C ASP B 285 -37.47 -2.64 8.25
N SER B 286 -38.03 -3.01 9.41
CA SER B 286 -37.27 -3.51 10.57
C SER B 286 -35.95 -2.75 10.74
N LEU B 287 -36.02 -1.43 10.95
CA LEU B 287 -34.81 -0.63 11.08
C LEU B 287 -34.02 -1.12 12.28
N PHE B 288 -34.64 -0.98 13.46
CA PHE B 288 -34.02 -1.32 14.73
C PHE B 288 -34.94 -2.22 15.53
N GLU B 289 -34.40 -3.34 16.00
CA GLU B 289 -35.10 -4.26 16.91
C GLU B 289 -36.53 -4.57 16.45
N GLY B 290 -36.71 -4.71 15.13
CA GLY B 290 -37.97 -5.16 14.53
C GLY B 290 -39.02 -4.09 14.32
N ILE B 291 -38.59 -2.83 14.34
CA ILE B 291 -39.51 -1.70 14.19
C ILE B 291 -39.39 -1.01 12.83
N ASP B 292 -40.53 -0.81 12.18
CA ASP B 292 -40.61 -0.13 10.91
C ASP B 292 -40.45 1.37 11.11
N PHE B 293 -39.65 1.98 10.26
CA PHE B 293 -39.49 3.43 10.25
C PHE B 293 -39.90 4.01 8.90
N TYR B 294 -41.14 4.50 8.86
CA TYR B 294 -41.69 5.13 7.69
C TYR B 294 -41.94 6.60 8.03
N THR B 295 -41.27 7.48 7.30
CA THR B 295 -41.40 8.91 7.53
C THR B 295 -41.14 9.71 6.25
N SER B 296 -41.20 11.04 6.34
CA SER B 296 -40.94 11.92 5.21
C SER B 296 -40.16 13.13 5.64
N ILE B 297 -39.57 13.83 4.68
CA ILE B 297 -38.92 15.11 4.96
C ILE B 297 -39.10 16.08 3.78
N THR B 298 -39.35 17.36 4.11
CA THR B 298 -39.53 18.37 3.11
C THR B 298 -38.18 18.91 2.70
N ARG B 299 -38.11 19.50 1.50
CA ARG B 299 -36.92 20.19 1.06
C ARG B 299 -36.57 21.33 1.99
N ALA B 300 -37.57 22.10 2.42
CA ALA B 300 -37.33 23.21 3.37
C ALA B 300 -36.69 22.74 4.69
N ARG B 301 -37.19 21.64 5.27
CA ARG B 301 -36.61 21.09 6.49
C ARG B 301 -35.15 20.68 6.30
N PHE B 302 -34.86 19.97 5.22
CA PHE B 302 -33.51 19.56 4.89
C PHE B 302 -32.54 20.75 4.71
N GLU B 303 -32.98 21.75 3.96
CA GLU B 303 -32.17 22.97 3.82
C GLU B 303 -31.85 23.56 5.17
N GLU B 304 -32.86 23.60 6.06
CA GLU B 304 -32.69 24.20 7.37
C GLU B 304 -31.72 23.38 8.24
N LEU B 305 -31.79 22.06 8.17
CA LEU B 305 -30.87 21.18 8.89
C LEU B 305 -29.41 21.45 8.52
N CYS B 306 -29.23 21.90 7.27
CA CYS B 306 -27.92 22.09 6.65
C CYS B 306 -27.64 23.57 6.32
N SER B 307 -28.34 24.47 7.02
CA SER B 307 -28.31 25.91 6.71
C SER B 307 -26.92 26.53 6.70
N ASP B 308 -26.11 26.20 7.72
CA ASP B 308 -24.71 26.60 7.78
C ASP B 308 -23.87 25.97 6.68
N LEU B 309 -24.08 24.68 6.40
CA LEU B 309 -23.33 24.00 5.33
C LEU B 309 -23.60 24.60 3.95
N PHE B 310 -24.82 25.07 3.74
CA PHE B 310 -25.20 25.69 2.47
C PHE B 310 -24.66 27.12 2.37
N ARG B 311 -24.87 27.88 3.44
CA ARG B 311 -24.43 29.27 3.55
C ARG B 311 -22.91 29.42 3.30
N SER B 312 -22.14 28.41 3.70
CA SER B 312 -20.69 28.41 3.55
C SER B 312 -20.18 28.45 2.12
N THR B 313 -21.02 28.08 1.14
CA THR B 313 -20.67 28.20 -0.29
C THR B 313 -20.43 29.64 -0.79
N LEU B 314 -20.87 30.61 0.00
CA LEU B 314 -20.76 32.02 -0.36
C LEU B 314 -19.43 32.61 0.08
N GLU B 315 -18.76 31.92 1.00
CA GLU B 315 -17.46 32.33 1.47
C GLU B 315 -16.44 32.56 0.34
N PRO B 316 -16.16 31.56 -0.53
CA PRO B 316 -15.27 31.79 -1.68
C PRO B 316 -15.75 32.83 -2.69
N VAL B 317 -17.05 33.05 -2.75
CA VAL B 317 -17.62 34.09 -3.59
C VAL B 317 -17.16 35.45 -3.09
N GLU B 318 -17.35 35.69 -1.80
CA GLU B 318 -16.95 36.92 -1.15
C GLU B 318 -15.43 37.13 -1.19
N LYS B 319 -14.68 36.04 -0.99
CA LYS B 319 -13.24 36.04 -1.12
C LYS B 319 -12.79 36.45 -2.54
N ALA B 320 -13.36 35.79 -3.55
CA ALA B 320 -13.06 36.09 -4.95
C ALA B 320 -13.36 37.54 -5.33
N LEU B 321 -14.45 38.08 -4.79
CA LEU B 321 -14.85 39.47 -5.03
C LEU B 321 -13.87 40.46 -4.43
N ARG B 322 -13.34 40.10 -3.26
CA ARG B 322 -12.29 40.89 -2.61
C ARG B 322 -11.00 40.90 -3.40
N ASP B 323 -10.49 39.72 -3.80
CA ASP B 323 -9.25 39.66 -4.59
C ASP B 323 -9.37 40.43 -5.89
N ALA B 324 -10.54 40.31 -6.53
CA ALA B 324 -10.89 41.02 -7.76
C ALA B 324 -11.10 42.52 -7.54
N LYS B 325 -11.28 42.91 -6.28
CA LYS B 325 -11.61 44.29 -5.87
C LYS B 325 -12.91 44.79 -6.51
N LEU B 326 -13.87 43.88 -6.63
CA LEU B 326 -15.20 44.16 -7.16
C LEU B 326 -16.28 44.07 -6.10
N ASP B 327 -17.36 44.80 -6.33
CA ASP B 327 -18.57 44.70 -5.52
C ASP B 327 -19.51 43.72 -6.21
N LYS B 328 -20.37 43.07 -5.43
CA LYS B 328 -21.29 42.06 -6.00
C LYS B 328 -22.18 42.63 -7.13
N ALA B 329 -22.58 43.90 -7.01
CA ALA B 329 -23.30 44.59 -8.10
C ALA B 329 -22.50 44.83 -9.39
N GLN B 330 -21.21 44.53 -9.38
CA GLN B 330 -20.34 44.71 -10.55
C GLN B 330 -20.16 43.42 -11.37
N ILE B 331 -20.71 42.32 -10.85
CA ILE B 331 -20.68 41.05 -11.56
C ILE B 331 -21.86 41.07 -12.51
N HIS B 332 -21.58 40.98 -13.81
CA HIS B 332 -22.65 41.08 -14.81
C HIS B 332 -23.34 39.75 -15.09
N ASP B 333 -22.59 38.64 -15.02
CA ASP B 333 -23.02 37.33 -15.50
C ASP B 333 -22.60 36.20 -14.56
N LEU B 334 -23.48 35.22 -14.39
CA LEU B 334 -23.20 34.10 -13.52
C LEU B 334 -23.28 32.78 -14.30
N VAL B 335 -22.28 31.91 -14.13
CA VAL B 335 -22.27 30.61 -14.79
C VAL B 335 -22.13 29.48 -13.75
N LEU B 336 -23.06 28.51 -13.81
CA LEU B 336 -23.06 27.42 -12.85
C LEU B 336 -22.51 26.17 -13.53
N VAL B 337 -21.43 25.61 -12.97
CA VAL B 337 -20.90 24.33 -13.43
C VAL B 337 -20.73 23.36 -12.25
N GLY B 338 -20.62 22.06 -12.52
CA GLY B 338 -20.51 21.05 -11.46
C GLY B 338 -21.85 20.57 -10.93
N GLY B 339 -21.91 19.28 -10.59
CA GLY B 339 -23.17 18.59 -10.22
C GLY B 339 -23.97 19.16 -9.06
N SER B 340 -23.27 19.70 -8.06
CA SER B 340 -23.95 20.25 -6.88
C SER B 340 -24.73 21.53 -7.15
N THR B 341 -24.46 22.21 -8.26
CA THR B 341 -25.26 23.38 -8.65
C THR B 341 -26.69 23.02 -9.08
N ARG B 342 -27.00 21.74 -9.23
CA ARG B 342 -28.39 21.29 -9.44
C ARG B 342 -29.25 21.43 -8.17
N ILE B 343 -28.60 21.53 -7.02
CA ILE B 343 -29.31 21.60 -5.73
C ILE B 343 -30.01 22.96 -5.69
N PRO B 344 -31.35 22.99 -5.56
CA PRO B 344 -32.06 24.27 -5.59
C PRO B 344 -31.51 25.33 -4.65
N LYS B 345 -31.12 24.93 -3.43
CA LYS B 345 -30.64 25.88 -2.41
C LYS B 345 -29.37 26.58 -2.87
N VAL B 346 -28.45 25.84 -3.50
CA VAL B 346 -27.24 26.42 -4.09
C VAL B 346 -27.62 27.53 -5.08
N GLN B 347 -28.61 27.27 -5.94
CA GLN B 347 -29.09 28.26 -6.91
C GLN B 347 -29.79 29.43 -6.23
N LYS B 348 -30.63 29.13 -5.25
CA LYS B 348 -31.33 30.14 -4.45
C LYS B 348 -30.39 31.07 -3.67
N LEU B 349 -29.42 30.51 -2.94
CA LEU B 349 -28.44 31.31 -2.16
C LEU B 349 -27.65 32.27 -3.05
N LEU B 350 -27.12 31.72 -4.13
CA LEU B 350 -26.34 32.47 -5.10
C LEU B 350 -27.20 33.58 -5.69
N GLN B 351 -28.36 33.21 -6.20
CA GLN B 351 -29.25 34.18 -6.81
C GLN B 351 -29.71 35.29 -5.84
N ASP B 352 -30.02 34.91 -4.60
CA ASP B 352 -30.39 35.88 -3.54
C ASP B 352 -29.20 36.77 -3.09
N PHE B 353 -27.99 36.20 -3.05
CA PHE B 353 -26.76 36.97 -2.79
C PHE B 353 -26.54 38.07 -3.84
N PHE B 354 -26.71 37.73 -5.11
CA PHE B 354 -26.54 38.69 -6.20
C PHE B 354 -27.85 39.37 -6.60
N ASN B 355 -28.78 39.48 -5.65
CA ASN B 355 -30.03 40.21 -5.85
C ASN B 355 -30.83 39.82 -7.09
N GLY B 356 -31.00 38.51 -7.30
CA GLY B 356 -31.88 38.02 -8.35
C GLY B 356 -31.34 38.10 -9.76
N ARG B 357 -30.02 38.21 -9.91
CA ARG B 357 -29.38 38.11 -11.24
C ARG B 357 -29.67 36.73 -11.81
N ASP B 358 -29.88 36.66 -13.13
CA ASP B 358 -30.07 35.39 -13.83
C ASP B 358 -28.84 34.48 -13.76
N LEU B 359 -29.06 33.19 -13.95
CA LEU B 359 -27.97 32.24 -13.91
C LEU B 359 -27.89 31.59 -15.27
N ASN B 360 -26.69 31.54 -15.85
CA ASN B 360 -26.41 30.64 -16.98
C ASN B 360 -26.29 29.23 -16.43
N LYS B 361 -27.27 28.40 -16.72
CA LYS B 361 -27.37 27.08 -16.08
C LYS B 361 -28.05 25.99 -16.93
N SER B 362 -28.50 26.32 -18.14
CA SER B 362 -29.28 25.37 -18.99
C SER B 362 -28.48 24.23 -19.59
N ILE B 363 -27.17 24.41 -19.75
CA ILE B 363 -26.27 23.32 -20.15
C ILE B 363 -25.94 22.41 -18.94
N ASN B 364 -26.11 21.09 -19.10
CA ASN B 364 -25.74 20.14 -18.05
C ASN B 364 -24.44 20.59 -17.36
N PRO B 365 -24.51 20.85 -16.03
CA PRO B 365 -23.32 21.42 -15.34
C PRO B 365 -22.08 20.53 -15.28
N ASP B 366 -22.24 19.25 -15.54
CA ASP B 366 -21.12 18.32 -15.65
C ASP B 366 -20.51 18.35 -17.04
N GLU B 367 -21.24 18.92 -18.00
CA GLU B 367 -20.83 18.88 -19.41
C GLU B 367 -20.43 20.22 -20.01
N ALA B 368 -20.70 21.32 -19.31
CA ALA B 368 -20.53 22.66 -19.87
C ALA B 368 -19.07 22.99 -20.22
N VAL B 369 -18.14 22.44 -19.44
CA VAL B 369 -16.69 22.64 -19.71
C VAL B 369 -16.25 21.92 -21.00
N ALA B 370 -16.61 20.64 -21.18
CA ALA B 370 -16.30 19.92 -22.43
C ALA B 370 -17.02 20.55 -23.60
N TYR B 371 -18.21 21.05 -23.33
CA TYR B 371 -19.00 21.80 -24.30
C TYR B 371 -18.19 22.95 -24.88
N GLY B 372 -17.70 23.85 -24.03
CA GLY B 372 -16.95 25.01 -24.50
C GLY B 372 -15.61 24.67 -25.12
N ALA B 373 -14.94 23.63 -24.61
CA ALA B 373 -13.66 23.18 -25.19
C ALA B 373 -13.85 22.71 -26.65
N ALA B 374 -14.98 22.01 -26.90
CA ALA B 374 -15.38 21.55 -28.24
C ALA B 374 -15.68 22.71 -29.20
N VAL B 375 -16.40 23.74 -28.72
CA VAL B 375 -16.65 24.93 -29.51
C VAL B 375 -15.33 25.57 -29.85
N GLN B 376 -14.46 25.73 -28.85
CA GLN B 376 -13.16 26.35 -29.09
C GLN B 376 -12.26 25.54 -30.01
N ALA B 377 -12.32 24.22 -29.93
CA ALA B 377 -11.53 23.37 -30.80
C ALA B 377 -11.93 23.54 -32.28
N ALA B 378 -13.23 23.69 -32.53
CA ALA B 378 -13.77 23.91 -33.87
C ALA B 378 -13.32 25.26 -34.42
N ILE B 379 -13.37 26.29 -33.58
CA ILE B 379 -12.89 27.63 -33.95
C ILE B 379 -11.41 27.62 -34.35
N LEU B 380 -10.58 26.94 -33.56
CA LEU B 380 -9.13 26.87 -33.83
C LEU B 380 -8.78 26.04 -35.06
N MET B 381 -9.67 25.12 -35.44
CA MET B 381 -9.47 24.36 -36.68
C MET B 381 -9.78 25.15 -37.95
N GLY B 382 -10.87 25.92 -37.94
CA GLY B 382 -11.35 26.65 -39.11
C GLY B 382 -11.06 28.14 -39.04
N SER C 2 45.58 -7.89 40.97
CA SER C 2 45.16 -7.86 39.54
C SER C 2 43.97 -8.80 39.30
N THR C 3 43.33 -8.64 38.14
CA THR C 3 42.22 -9.51 37.77
C THR C 3 42.64 -10.56 36.71
N PRO C 4 42.27 -11.83 36.94
CA PRO C 4 42.58 -12.92 36.02
C PRO C 4 41.93 -12.70 34.64
N PHE C 5 42.71 -12.98 33.61
CA PHE C 5 42.33 -12.74 32.21
C PHE C 5 42.44 -14.01 31.38
N GLY C 6 41.31 -14.43 30.80
CA GLY C 6 41.26 -15.55 29.87
C GLY C 6 41.12 -15.15 28.42
N LEU C 7 41.85 -15.85 27.55
CA LEU C 7 41.91 -15.48 26.13
C LEU C 7 41.58 -16.68 25.23
N ASP C 8 40.44 -16.61 24.55
CA ASP C 8 40.20 -17.52 23.44
C ASP C 8 40.80 -16.89 22.19
N LEU C 9 42.00 -17.34 21.81
CA LEU C 9 42.67 -16.78 20.64
C LEU C 9 42.25 -17.61 19.41
N GLY C 10 41.17 -17.18 18.78
CA GLY C 10 40.62 -17.85 17.61
C GLY C 10 41.29 -17.41 16.32
N ASN C 11 41.23 -18.27 15.30
CA ASN C 11 41.81 -17.92 14.01
C ASN C 11 41.08 -16.77 13.31
N ASN C 12 39.76 -16.73 13.50
CA ASN C 12 38.94 -15.66 13.00
C ASN C 12 38.66 -14.58 14.07
N ASN C 13 38.26 -14.97 15.28
CA ASN C 13 38.02 -13.96 16.30
C ASN C 13 38.40 -14.42 17.69
N SER C 14 38.68 -13.44 18.55
CA SER C 14 39.11 -13.76 19.90
C SER C 14 38.12 -13.22 20.91
N VAL C 15 37.91 -13.99 21.97
CA VAL C 15 36.99 -13.61 23.05
C VAL C 15 37.77 -13.42 24.36
N LEU C 16 37.42 -12.35 25.06
CA LEU C 16 38.12 -11.89 26.25
C LEU C 16 37.19 -12.04 27.46
N ALA C 17 37.66 -12.76 28.47
CA ALA C 17 36.91 -12.97 29.71
C ALA C 17 37.78 -12.70 30.94
N VAL C 18 37.09 -12.38 32.03
CA VAL C 18 37.72 -11.85 33.22
C VAL C 18 37.01 -12.35 34.48
N ALA C 19 37.77 -12.80 35.46
CA ALA C 19 37.21 -13.22 36.75
C ALA C 19 37.14 -12.01 37.69
N ARG C 20 35.93 -11.54 37.99
CA ARG C 20 35.73 -10.41 38.92
C ARG C 20 34.34 -10.43 39.53
N ASN C 21 34.16 -9.70 40.64
CA ASN C 21 32.87 -9.62 41.35
C ASN C 21 32.28 -11.02 41.58
N ARG C 22 31.03 -11.20 41.15
CA ARG C 22 30.35 -12.50 41.11
C ARG C 22 31.25 -13.63 40.59
N GLY C 23 31.61 -13.57 39.31
CA GLY C 23 32.24 -14.67 38.61
C GLY C 23 32.99 -14.20 37.38
N ILE C 24 32.53 -14.62 36.21
CA ILE C 24 33.27 -14.43 34.97
C ILE C 24 32.50 -13.58 33.95
N ASP C 25 33.17 -12.54 33.45
CA ASP C 25 32.57 -11.55 32.56
C ASP C 25 33.25 -11.51 31.22
N ILE C 26 32.45 -11.41 30.16
CA ILE C 26 32.97 -11.18 28.82
C ILE C 26 33.30 -9.70 28.67
N VAL C 27 34.47 -9.43 28.10
CA VAL C 27 34.93 -8.07 27.89
C VAL C 27 34.67 -7.67 26.45
N VAL C 28 34.02 -6.52 26.33
CA VAL C 28 33.56 -5.92 25.10
C VAL C 28 34.64 -4.96 24.60
N ASN C 29 34.80 -4.83 23.27
CA ASN C 29 35.85 -3.95 22.71
C ASN C 29 35.41 -2.49 22.44
N GLU C 30 36.23 -1.72 21.73
CA GLU C 30 35.95 -0.29 21.52
C GLU C 30 34.80 -0.03 20.54
N VAL C 31 34.46 -1.02 19.72
CA VAL C 31 33.24 -0.92 18.93
C VAL C 31 32.04 -1.64 19.58
N SER C 32 32.23 -2.08 20.82
CA SER C 32 31.19 -2.72 21.63
C SER C 32 30.96 -4.20 21.32
N ASN C 33 31.82 -4.79 20.49
CA ASN C 33 31.63 -6.17 20.13
C ASN C 33 32.15 -7.15 21.18
N ARG C 34 31.54 -8.33 21.22
CA ARG C 34 31.81 -9.37 22.22
C ARG C 34 32.95 -10.31 21.81
N SER C 35 33.43 -10.12 20.58
CA SER C 35 34.65 -10.76 20.13
C SER C 35 35.42 -9.72 19.31
N THR C 36 36.72 -9.95 19.16
CA THR C 36 37.54 -9.08 18.34
C THR C 36 38.26 -9.81 17.20
N PRO C 37 38.16 -9.25 15.98
CA PRO C 37 38.85 -9.84 14.81
C PRO C 37 40.34 -10.05 15.09
N SER C 38 40.79 -11.27 14.84
CA SER C 38 42.16 -11.68 15.13
C SER C 38 43.08 -11.24 13.99
N VAL C 39 43.20 -9.92 13.84
CA VAL C 39 43.86 -9.33 12.69
C VAL C 39 44.96 -8.36 13.12
N VAL C 40 46.12 -8.47 12.44
CA VAL C 40 47.22 -7.55 12.62
C VAL C 40 47.58 -6.92 11.26
N GLY C 41 47.25 -5.64 11.10
CA GLY C 41 47.58 -4.90 9.88
C GLY C 41 48.55 -3.76 10.12
N PHE C 42 49.15 -3.28 9.03
CA PHE C 42 50.15 -2.22 9.13
C PHE C 42 49.87 -1.09 8.16
N GLY C 43 50.10 0.14 8.61
CA GLY C 43 49.96 1.31 7.76
C GLY C 43 51.22 2.15 7.81
N PRO C 44 51.23 3.28 7.08
CA PRO C 44 52.36 4.23 7.01
C PRO C 44 52.78 4.88 8.34
N LYS C 45 51.88 4.96 9.32
CA LYS C 45 52.15 5.65 10.59
C LYS C 45 52.06 4.75 11.83
N ASN C 46 51.24 3.72 11.75
CA ASN C 46 50.87 2.95 12.94
C ASN C 46 50.38 1.59 12.52
N ARG C 47 50.10 0.72 13.49
CA ARG C 47 49.43 -0.50 13.08
C ARG C 47 47.94 -0.52 13.36
N TYR C 48 47.29 -1.52 12.77
CA TYR C 48 45.84 -1.65 12.77
C TYR C 48 45.54 -2.99 13.40
N LEU C 49 45.17 -2.94 14.68
CA LEU C 49 45.07 -4.14 15.49
C LEU C 49 43.63 -4.45 15.89
N GLY C 50 43.21 -5.70 15.69
CA GLY C 50 41.83 -6.10 15.99
C GLY C 50 40.82 -5.45 15.06
N GLU C 51 39.84 -4.76 15.65
CA GLU C 51 38.74 -4.17 14.89
C GLU C 51 39.18 -3.25 13.72
N THR C 52 40.16 -2.40 13.97
CA THR C 52 40.75 -1.52 12.94
C THR C 52 41.52 -2.28 11.86
N GLY C 53 42.19 -3.37 12.26
CA GLY C 53 42.82 -4.28 11.33
C GLY C 53 41.82 -4.80 10.31
N LYS C 54 40.69 -5.30 10.82
CA LYS C 54 39.59 -5.80 9.99
C LYS C 54 38.93 -4.69 9.13
N ASN C 55 38.75 -3.51 9.71
CA ASN C 55 38.27 -2.32 8.99
C ASN C 55 39.09 -1.96 7.76
N LYS C 56 40.41 -1.93 7.95
CA LYS C 56 41.36 -1.50 6.94
C LYS C 56 41.75 -2.63 6.00
N GLN C 57 41.25 -3.84 6.25
N GLN C 57 41.29 -3.84 6.29
CA GLN C 57 41.69 -5.08 5.57
CA GLN C 57 41.70 -5.05 5.55
C GLN C 57 41.46 -5.09 4.07
C GLN C 57 41.54 -4.85 4.05
N THR C 58 40.31 -4.60 3.64
CA THR C 58 39.93 -4.60 2.24
C THR C 58 40.83 -3.68 1.36
N SER C 59 41.16 -2.51 1.89
CA SER C 59 41.98 -1.51 1.24
C SER C 59 43.49 -1.72 1.48
N ASN C 60 43.83 -2.74 2.26
CA ASN C 60 45.20 -2.93 2.72
C ASN C 60 45.61 -4.41 2.75
N ILE C 61 45.22 -5.20 1.75
CA ILE C 61 45.41 -6.66 1.88
C ILE C 61 46.87 -7.12 1.94
N LYS C 62 47.76 -6.39 1.30
CA LYS C 62 49.14 -6.84 1.25
C LYS C 62 49.75 -6.75 2.64
N ASN C 63 49.19 -5.87 3.48
CA ASN C 63 49.79 -5.54 4.78
C ASN C 63 48.92 -5.90 5.97
N THR C 64 48.03 -6.85 5.74
CA THR C 64 47.13 -7.34 6.77
C THR C 64 47.44 -8.81 6.96
N VAL C 65 47.77 -9.16 8.20
CA VAL C 65 48.01 -10.54 8.52
C VAL C 65 46.93 -11.07 9.45
N ALA C 66 46.42 -12.22 9.10
CA ALA C 66 45.50 -12.93 9.96
C ALA C 66 46.05 -14.36 10.04
N ASN C 67 45.19 -15.33 10.29
CA ASN C 67 45.61 -16.72 10.50
C ASN C 67 46.82 -16.80 11.44
N LEU C 68 46.88 -15.89 12.41
CA LEU C 68 48.00 -15.74 13.35
C LEU C 68 48.41 -17.03 14.08
N LYS C 69 47.44 -17.77 14.57
CA LYS C 69 47.70 -18.98 15.36
C LYS C 69 48.19 -20.15 14.46
N ARG C 70 47.98 -20.02 13.15
CA ARG C 70 48.33 -21.07 12.20
C ARG C 70 49.81 -21.04 11.83
N ILE C 71 50.39 -19.85 11.78
CA ILE C 71 51.82 -19.72 11.45
C ILE C 71 52.78 -19.82 12.64
N ILE C 72 52.25 -19.81 13.87
CA ILE C 72 53.03 -20.10 15.08
C ILE C 72 53.73 -21.47 14.94
N GLY C 73 55.05 -21.48 15.12
CA GLY C 73 55.88 -22.70 15.01
C GLY C 73 55.93 -23.40 13.66
N LEU C 74 55.49 -22.72 12.60
CA LEU C 74 55.41 -23.32 11.26
C LEU C 74 56.74 -23.28 10.53
N ASP C 75 57.27 -24.45 10.17
CA ASP C 75 58.43 -24.55 9.31
C ASP C 75 58.07 -23.97 7.96
N TYR C 76 58.91 -23.09 7.45
CA TYR C 76 58.67 -22.48 6.15
C TYR C 76 58.60 -23.55 5.06
N HIS C 77 59.33 -24.64 5.23
CA HIS C 77 59.37 -25.70 4.23
C HIS C 77 58.53 -26.93 4.62
N HIS C 78 57.56 -26.74 5.52
CA HIS C 78 56.62 -27.79 5.93
C HIS C 78 55.89 -28.35 4.70
N PRO C 79 55.78 -29.69 4.60
CA PRO C 79 55.12 -30.28 3.42
C PRO C 79 53.68 -29.78 3.18
N ASP C 80 53.03 -29.32 4.24
CA ASP C 80 51.66 -28.79 4.19
C ASP C 80 51.63 -27.25 4.26
N PHE C 81 52.75 -26.61 3.91
CA PHE C 81 52.85 -25.17 3.95
C PHE C 81 51.75 -24.47 3.12
N GLU C 82 51.50 -24.97 1.91
CA GLU C 82 50.50 -24.42 0.98
C GLU C 82 49.08 -24.38 1.55
N GLN C 83 48.71 -25.40 2.32
CA GLN C 83 47.40 -25.42 2.97
C GLN C 83 47.21 -24.25 3.93
N GLU C 84 48.30 -23.79 4.53
CA GLU C 84 48.26 -22.62 5.42
C GLU C 84 48.36 -21.32 4.63
N SER C 85 49.33 -21.26 3.71
CA SER C 85 49.67 -20.01 3.00
C SER C 85 48.59 -19.54 2.04
N LYS C 86 47.81 -20.47 1.49
CA LYS C 86 46.72 -20.11 0.58
C LYS C 86 45.65 -19.20 1.22
N HIS C 87 45.64 -19.13 2.55
CA HIS C 87 44.73 -18.27 3.28
C HIS C 87 45.36 -16.91 3.61
N PHE C 88 46.59 -16.66 3.15
CA PHE C 88 47.27 -15.39 3.41
C PHE C 88 47.23 -14.46 2.22
N THR C 89 47.17 -13.19 2.54
CA THR C 89 47.00 -12.15 1.58
C THR C 89 48.32 -11.35 1.63
N SER C 90 49.03 -11.47 2.76
CA SER C 90 50.36 -10.87 2.88
C SER C 90 51.45 -11.85 2.46
N LYS C 91 52.60 -11.27 2.18
CA LYS C 91 53.83 -11.96 1.86
C LYS C 91 54.39 -12.71 3.09
N LEU C 92 54.70 -13.98 2.90
CA LEU C 92 55.28 -14.79 3.96
C LEU C 92 56.73 -15.01 3.60
N VAL C 93 57.60 -15.09 4.61
CA VAL C 93 59.04 -15.32 4.40
C VAL C 93 59.65 -16.26 5.44
N GLU C 94 60.72 -16.95 5.04
CA GLU C 94 61.50 -17.76 5.96
C GLU C 94 62.30 -16.91 6.93
N LEU C 95 62.26 -17.29 8.20
CA LEU C 95 63.04 -16.64 9.24
C LEU C 95 64.43 -17.28 9.43
N ASP C 96 65.22 -16.65 10.30
CA ASP C 96 66.46 -17.17 10.91
C ASP C 96 66.50 -18.65 11.24
N ASP C 97 65.41 -19.11 11.85
CA ASP C 97 65.32 -20.38 12.55
C ASP C 97 64.54 -21.41 11.70
N LYS C 98 64.45 -21.12 10.40
CA LYS C 98 63.72 -21.94 9.42
C LYS C 98 62.20 -21.85 9.57
N LYS C 99 61.75 -20.96 10.45
CA LYS C 99 60.33 -20.80 10.69
C LYS C 99 59.74 -19.72 9.77
N THR C 100 58.45 -19.43 9.92
CA THR C 100 57.80 -18.46 9.04
C THR C 100 57.32 -17.13 9.63
N GLY C 101 57.65 -16.07 8.89
CA GLY C 101 57.23 -14.72 9.26
C GLY C 101 56.49 -14.06 8.12
N ALA C 102 55.99 -12.87 8.38
CA ALA C 102 55.28 -12.09 7.38
C ALA C 102 56.11 -10.84 7.12
N GLU C 103 56.25 -10.51 5.84
CA GLU C 103 56.87 -9.26 5.45
C GLU C 103 55.79 -8.31 4.97
N VAL C 104 55.98 -7.07 5.35
CA VAL C 104 54.93 -6.11 5.42
C VAL C 104 55.54 -4.73 5.19
N ARG C 105 54.74 -3.83 4.63
CA ARG C 105 55.04 -2.41 4.54
C ARG C 105 54.50 -1.73 5.80
N PHE C 106 55.39 -1.07 6.54
CA PHE C 106 55.05 -0.52 7.83
C PHE C 106 55.91 0.68 8.10
N ALA C 107 55.29 1.81 8.39
CA ALA C 107 56.01 3.04 8.73
C ALA C 107 57.03 3.43 7.67
N GLY C 108 56.64 3.35 6.40
CA GLY C 108 57.56 3.72 5.29
C GLY C 108 58.72 2.75 5.01
N GLU C 109 58.68 1.56 5.60
CA GLU C 109 59.78 0.58 5.47
C GLU C 109 59.29 -0.86 5.34
N LYS C 110 60.19 -1.75 4.93
CA LYS C 110 59.93 -3.19 4.86
C LYS C 110 60.34 -3.83 6.15
N HIS C 111 59.39 -4.53 6.76
CA HIS C 111 59.57 -5.15 8.08
C HIS C 111 59.19 -6.61 8.02
N VAL C 112 60.01 -7.45 8.65
CA VAL C 112 59.68 -8.87 8.83
C VAL C 112 59.39 -9.15 10.30
N PHE C 113 58.25 -9.77 10.55
CA PHE C 113 57.88 -10.12 11.91
C PHE C 113 57.64 -11.61 11.97
N SER C 114 58.21 -12.25 12.99
CA SER C 114 57.94 -13.67 13.24
C SER C 114 56.51 -13.86 13.73
N ALA C 115 56.00 -15.09 13.56
CA ALA C 115 54.68 -15.45 14.02
C ALA C 115 54.48 -15.13 15.52
N THR C 116 55.49 -15.40 16.36
CA THR C 116 55.51 -15.03 17.77
C THR C 116 55.37 -13.53 17.99
N GLN C 117 56.10 -12.72 17.21
CA GLN C 117 55.98 -11.27 17.30
C GLN C 117 54.56 -10.79 16.94
N LEU C 118 54.05 -11.31 15.84
CA LEU C 118 52.74 -10.95 15.33
C LEU C 118 51.61 -11.29 16.30
N ALA C 119 51.64 -12.50 16.85
CA ALA C 119 50.70 -12.89 17.92
C ALA C 119 50.80 -11.96 19.15
N ALA C 120 52.03 -11.58 19.51
CA ALA C 120 52.28 -10.61 20.59
C ALA C 120 51.68 -9.23 20.34
N MET C 121 51.64 -8.79 19.09
CA MET C 121 50.99 -7.53 18.75
C MET C 121 49.50 -7.64 19.05
N PHE C 122 48.90 -8.77 18.68
CA PHE C 122 47.47 -8.94 18.89
C PHE C 122 47.13 -9.08 20.39
N ILE C 123 47.94 -9.85 21.13
CA ILE C 123 47.69 -10.03 22.55
C ILE C 123 47.80 -8.72 23.34
N ASP C 124 48.73 -7.87 22.89
CA ASP C 124 48.97 -6.54 23.51
C ASP C 124 47.76 -5.62 23.33
N LYS C 125 47.17 -5.65 22.13
CA LYS C 125 45.96 -4.87 21.82
C LYS C 125 44.78 -5.32 22.70
N VAL C 126 44.58 -6.62 22.75
CA VAL C 126 43.50 -7.25 23.48
C VAL C 126 43.67 -7.06 25.02
N LYS C 127 44.92 -7.01 25.45
CA LYS C 127 45.25 -6.62 26.82
C LYS C 127 44.82 -5.17 27.10
N ASP C 128 45.20 -4.25 26.21
CA ASP C 128 44.74 -2.88 26.34
C ASP C 128 43.21 -2.81 26.43
N THR C 129 42.53 -3.64 25.65
CA THR C 129 41.06 -3.72 25.69
C THR C 129 40.55 -4.07 27.09
N VAL C 130 41.16 -5.10 27.69
CA VAL C 130 40.78 -5.57 29.02
C VAL C 130 41.02 -4.51 30.10
N LYS C 131 42.13 -3.78 30.02
CA LYS C 131 42.40 -2.80 31.09
C LYS C 131 41.65 -1.47 30.97
N GLN C 132 41.24 -1.11 29.76
CA GLN C 132 40.34 0.03 29.59
C GLN C 132 38.95 -0.30 30.15
N ASP C 133 38.54 -1.57 30.03
CA ASP C 133 37.24 -2.01 30.51
C ASP C 133 37.24 -2.21 32.03
N THR C 134 38.34 -2.76 32.58
CA THR C 134 38.40 -3.11 33.99
C THR C 134 38.91 -1.95 34.85
N LYS C 135 39.63 -1.02 34.22
CA LYS C 135 40.33 0.08 34.89
C LYS C 135 41.40 -0.48 35.84
N ALA C 136 41.65 -1.78 35.69
CA ALA C 136 42.57 -2.52 36.55
C ALA C 136 43.89 -2.81 35.84
N ASN C 137 44.82 -3.35 36.60
CA ASN C 137 46.12 -3.78 36.11
C ASN C 137 46.00 -5.23 35.62
N ILE C 138 46.53 -5.49 34.42
CA ILE C 138 46.46 -6.82 33.85
C ILE C 138 47.88 -7.37 33.72
N THR C 139 48.15 -8.43 34.49
CA THR C 139 49.47 -9.09 34.53
C THR C 139 49.48 -10.57 34.12
N ASP C 140 48.47 -11.36 34.52
CA ASP C 140 48.40 -12.79 34.15
C ASP C 140 47.39 -13.05 33.02
N VAL C 141 47.71 -14.04 32.18
CA VAL C 141 46.79 -14.51 31.17
C VAL C 141 46.78 -16.04 31.07
N CYS C 142 45.60 -16.62 30.88
CA CYS C 142 45.52 -18.02 30.44
C CYS C 142 45.05 -18.06 28.97
N ILE C 143 45.88 -18.64 28.10
CA ILE C 143 45.60 -18.67 26.68
C ILE C 143 45.11 -20.05 26.21
N ALA C 144 43.92 -20.08 25.60
CA ALA C 144 43.36 -21.31 25.05
C ALA C 144 43.79 -21.57 23.60
N VAL C 145 44.40 -22.74 23.38
CA VAL C 145 44.99 -23.11 22.09
C VAL C 145 44.36 -24.42 21.63
N PRO C 146 44.47 -24.75 20.32
CA PRO C 146 43.94 -26.03 19.82
C PRO C 146 44.73 -27.22 20.36
N PRO C 147 44.07 -28.39 20.57
CA PRO C 147 44.77 -29.54 21.15
C PRO C 147 45.85 -30.10 20.23
N TRP C 148 45.75 -29.82 18.94
CA TRP C 148 46.78 -30.23 18.00
C TRP C 148 48.07 -29.42 18.17
N TYR C 149 47.99 -28.28 18.86
CA TYR C 149 49.16 -27.47 19.11
C TYR C 149 50.32 -28.31 19.68
N THR C 150 51.44 -28.16 19.03
CA THR C 150 52.70 -28.78 19.30
C THR C 150 53.31 -28.26 20.63
N GLU C 151 54.20 -29.03 21.26
CA GLU C 151 55.00 -28.52 22.40
C GLU C 151 55.70 -27.18 22.11
N GLU C 152 56.38 -27.09 20.96
CA GLU C 152 56.98 -25.84 20.46
C GLU C 152 55.98 -24.68 20.33
N GLN C 153 54.85 -24.96 19.67
CA GLN C 153 53.82 -23.96 19.45
C GLN C 153 53.27 -23.40 20.76
N ARG C 154 53.17 -24.25 21.78
CA ARG C 154 52.76 -23.84 23.14
C ARG C 154 53.79 -22.92 23.80
N TYR C 155 55.08 -23.27 23.70
CA TYR C 155 56.18 -22.36 24.06
C TYR C 155 56.12 -21.02 23.32
N ASN C 156 55.98 -21.08 21.99
CA ASN C 156 55.89 -19.87 21.16
C ASN C 156 54.79 -18.90 21.61
N ILE C 157 53.57 -19.42 21.79
CA ILE C 157 52.43 -18.58 22.19
C ILE C 157 52.57 -18.01 23.61
N ALA C 158 53.20 -18.76 24.51
CA ALA C 158 53.58 -18.25 25.85
C ALA C 158 54.60 -17.11 25.79
N ASP C 159 55.60 -17.23 24.93
CA ASP C 159 56.58 -16.15 24.74
C ASP C 159 55.93 -14.91 24.11
N ALA C 160 54.96 -15.11 23.21
CA ALA C 160 54.15 -14.01 22.68
C ALA C 160 53.38 -13.26 23.80
N ALA C 161 52.82 -13.99 24.76
CA ALA C 161 52.22 -13.37 25.96
C ALA C 161 53.25 -12.51 26.73
N ARG C 162 54.46 -13.01 26.91
CA ARG C 162 55.56 -12.28 27.55
C ARG C 162 56.02 -10.98 26.84
N ILE C 163 56.19 -11.04 25.53
CA ILE C 163 56.44 -9.84 24.71
C ILE C 163 55.34 -8.76 24.89
N ALA C 164 54.11 -9.19 25.16
CA ALA C 164 52.95 -8.33 25.47
C ALA C 164 52.83 -7.94 26.96
N GLY C 165 53.80 -8.35 27.77
CA GLY C 165 53.86 -7.92 29.18
C GLY C 165 52.91 -8.70 30.10
N LEU C 166 52.60 -9.94 29.68
CA LEU C 166 51.77 -10.81 30.50
C LEU C 166 52.52 -12.05 30.98
N ASN C 167 52.14 -12.56 32.16
CA ASN C 167 52.60 -13.87 32.60
C ASN C 167 51.65 -14.93 32.06
N PRO C 168 52.15 -15.80 31.14
CA PRO C 168 51.35 -16.91 30.60
C PRO C 168 51.23 -18.00 31.66
N VAL C 169 50.13 -17.94 32.39
CA VAL C 169 49.98 -18.71 33.62
C VAL C 169 49.70 -20.20 33.31
N ARG C 170 48.99 -20.43 32.21
CA ARG C 170 48.85 -21.76 31.59
C ARG C 170 48.47 -21.56 30.12
N ILE C 171 48.98 -22.46 29.29
CA ILE C 171 48.49 -22.61 27.92
C ILE C 171 47.64 -23.89 27.93
N VAL C 172 46.32 -23.68 27.85
CA VAL C 172 45.34 -24.74 28.02
C VAL C 172 44.74 -25.16 26.67
N ASN C 173 44.41 -26.44 26.55
CA ASN C 173 43.68 -26.90 25.37
C ASN C 173 42.30 -26.28 25.37
N ASP C 174 41.87 -25.77 24.22
CA ASP C 174 40.68 -24.92 24.18
C ASP C 174 39.41 -25.63 24.63
N VAL C 175 39.18 -26.83 24.10
CA VAL C 175 37.94 -27.54 24.42
C VAL C 175 37.95 -28.08 25.85
N THR C 176 39.16 -28.28 26.41
CA THR C 176 39.34 -28.59 27.84
C THR C 176 38.85 -27.42 28.70
N ALA C 177 39.24 -26.20 28.34
CA ALA C 177 38.72 -24.97 28.97
C ALA C 177 37.18 -24.82 28.88
N ALA C 178 36.59 -25.19 27.75
CA ALA C 178 35.12 -25.23 27.62
C ALA C 178 34.48 -26.30 28.52
N GLY C 179 35.22 -27.40 28.75
CA GLY C 179 34.81 -28.45 29.67
C GLY C 179 34.87 -27.98 31.11
N VAL C 180 35.87 -27.16 31.42
CA VAL C 180 35.98 -26.51 32.74
C VAL C 180 34.79 -25.58 32.97
N SER C 181 34.45 -24.75 31.97
CA SER C 181 33.32 -23.83 32.11
C SER C 181 31.98 -24.57 32.28
N TYR C 182 31.87 -25.68 31.57
CA TYR C 182 30.79 -26.64 31.78
C TYR C 182 30.75 -27.16 33.22
N GLY C 183 31.91 -27.58 33.75
CA GLY C 183 32.02 -28.16 35.08
C GLY C 183 31.69 -27.21 36.23
N ILE C 184 32.18 -25.97 36.15
CA ILE C 184 31.90 -24.95 37.16
C ILE C 184 30.49 -24.35 37.07
N PHE C 185 29.82 -24.54 35.92
CA PHE C 185 28.53 -23.91 35.64
C PHE C 185 27.34 -24.86 35.84
N LYS C 186 27.53 -26.14 35.54
CA LYS C 186 26.49 -27.15 35.74
C LYS C 186 26.37 -27.55 37.22
N THR C 187 25.12 -27.69 37.69
CA THR C 187 24.85 -27.85 39.14
C THR C 187 24.25 -29.20 39.60
N ASP C 188 24.05 -30.13 38.67
CA ASP C 188 23.44 -31.43 39.01
C ASP C 188 24.36 -32.65 38.74
N LEU C 189 25.67 -32.43 38.84
CA LEU C 189 26.66 -33.45 38.49
C LEU C 189 26.74 -34.62 39.51
N PRO C 190 27.09 -35.84 39.04
CA PRO C 190 27.30 -37.00 39.92
C PRO C 190 28.36 -36.77 41.01
N GLU C 191 28.15 -37.38 42.18
CA GLU C 191 28.94 -37.10 43.39
C GLU C 191 30.16 -38.01 43.56
N GLY C 192 30.21 -38.75 44.66
CA GLY C 192 31.37 -39.57 44.99
C GLY C 192 31.29 -41.00 44.47
N GLU C 193 30.13 -41.63 44.67
CA GLU C 193 29.89 -43.03 44.27
C GLU C 193 29.49 -43.15 42.77
N GLU C 194 28.55 -42.22 42.40
CA GLU C 194 27.86 -42.31 41.12
C GLU C 194 28.84 -42.36 39.93
N LYS C 195 28.40 -43.11 38.89
CA LYS C 195 29.13 -43.18 37.62
C LYS C 195 29.31 -41.77 37.04
N PRO C 196 30.52 -41.48 36.50
CA PRO C 196 30.77 -40.16 35.90
C PRO C 196 29.85 -39.84 34.73
N ARG C 197 29.48 -38.54 34.62
CA ARG C 197 28.75 -38.06 33.45
C ARG C 197 29.71 -37.93 32.27
N ILE C 198 29.42 -38.64 31.19
CA ILE C 198 30.27 -38.57 29.99
C ILE C 198 29.70 -37.65 28.92
N VAL C 199 30.36 -36.50 28.76
CA VAL C 199 29.96 -35.47 27.80
C VAL C 199 31.01 -35.30 26.69
N ALA C 200 30.59 -35.50 25.45
CA ALA C 200 31.42 -35.26 24.27
C ALA C 200 31.29 -33.80 23.83
N PHE C 201 32.42 -33.13 23.67
CA PHE C 201 32.42 -31.74 23.19
C PHE C 201 32.94 -31.70 21.77
N VAL C 202 32.16 -31.12 20.87
CA VAL C 202 32.61 -30.92 19.49
C VAL C 202 32.71 -29.41 19.19
N ASP C 203 33.90 -29.00 18.78
CA ASP C 203 34.19 -27.59 18.46
C ASP C 203 34.66 -27.48 17.01
N ILE C 204 33.89 -26.79 16.17
CA ILE C 204 34.34 -26.49 14.81
C ILE C 204 34.31 -24.98 14.62
N GLY C 205 35.49 -24.40 14.42
CA GLY C 205 35.60 -22.97 14.25
C GLY C 205 35.95 -22.58 12.84
N HIS C 206 36.76 -21.54 12.74
CA HIS C 206 37.14 -20.98 11.46
C HIS C 206 38.12 -21.89 10.76
N SER C 207 38.87 -22.68 11.53
CA SER C 207 39.95 -23.46 10.94
C SER C 207 40.06 -24.93 11.40
N SER C 208 39.64 -25.22 12.63
CA SER C 208 39.84 -26.54 13.25
C SER C 208 38.55 -27.23 13.66
N TYR C 209 38.61 -28.55 13.73
CA TYR C 209 37.52 -29.39 14.18
C TYR C 209 38.09 -30.30 15.26
N THR C 210 37.66 -30.06 16.50
CA THR C 210 38.08 -30.84 17.67
C THR C 210 36.90 -31.58 18.29
N CYS C 211 37.10 -32.89 18.53
CA CYS C 211 36.18 -33.66 19.37
C CYS C 211 36.90 -34.13 20.63
N SER C 212 36.25 -33.90 21.77
CA SER C 212 36.86 -34.19 23.06
C SER C 212 35.85 -34.77 24.05
N ILE C 213 36.10 -36.01 24.48
CA ILE C 213 35.24 -36.76 25.39
C ILE C 213 35.76 -36.68 26.84
N MET C 214 34.88 -36.30 27.76
CA MET C 214 35.27 -36.06 29.16
C MET C 214 34.29 -36.69 30.14
N ALA C 215 34.79 -37.08 31.31
CA ALA C 215 33.97 -37.59 32.41
C ALA C 215 33.84 -36.56 33.54
N PHE C 216 32.60 -36.31 33.97
CA PHE C 216 32.30 -35.25 34.93
C PHE C 216 31.78 -35.76 36.27
N LYS C 217 32.35 -35.24 37.34
CA LYS C 217 31.80 -35.36 38.70
C LYS C 217 31.87 -33.98 39.35
N LYS C 218 31.15 -33.77 40.44
CA LYS C 218 31.18 -32.46 41.11
C LYS C 218 32.60 -32.04 41.47
N GLY C 219 33.02 -30.89 40.96
CA GLY C 219 34.33 -30.34 41.28
C GLY C 219 35.49 -30.93 40.51
N GLN C 220 35.20 -31.80 39.53
CA GLN C 220 36.28 -32.43 38.74
C GLN C 220 35.91 -32.89 37.32
N LEU C 221 36.92 -32.95 36.44
CA LEU C 221 36.79 -33.59 35.13
C LEU C 221 38.06 -34.31 34.68
N LYS C 222 37.89 -35.43 33.99
CA LYS C 222 38.99 -36.10 33.30
C LYS C 222 38.69 -36.18 31.79
N VAL C 223 39.59 -35.65 30.97
CA VAL C 223 39.44 -35.87 29.53
C VAL C 223 39.97 -37.27 29.15
N LEU C 224 39.11 -38.00 28.45
CA LEU C 224 39.28 -39.41 28.13
C LEU C 224 39.81 -39.61 26.70
N GLY C 225 39.44 -38.72 25.79
CA GLY C 225 39.90 -38.82 24.41
C GLY C 225 39.70 -37.55 23.63
N THR C 226 40.71 -37.21 22.83
CA THR C 226 40.70 -36.02 21.99
C THR C 226 41.25 -36.36 20.60
N ALA C 227 40.54 -35.91 19.57
CA ALA C 227 40.97 -36.05 18.19
C ALA C 227 40.65 -34.76 17.43
N CYS C 228 41.51 -34.43 16.47
CA CYS C 228 41.44 -33.18 15.73
C CYS C 228 41.51 -33.36 14.23
N ASP C 229 40.86 -32.46 13.52
CA ASP C 229 41.16 -32.23 12.12
C ASP C 229 41.45 -30.74 12.03
N LYS C 230 42.71 -30.38 11.90
CA LYS C 230 43.12 -28.98 11.87
C LYS C 230 42.90 -28.35 10.50
N HIS C 231 42.42 -29.15 9.56
CA HIS C 231 42.11 -28.65 8.20
C HIS C 231 40.63 -28.74 7.90
N PHE C 232 39.82 -28.36 8.89
CA PHE C 232 38.38 -28.51 8.83
C PHE C 232 37.70 -27.38 9.64
N GLY C 233 37.27 -26.33 8.95
CA GLY C 233 36.64 -25.18 9.58
C GLY C 233 35.91 -24.35 8.53
N GLY C 234 35.21 -23.30 8.99
CA GLY C 234 34.42 -22.39 8.15
C GLY C 234 35.17 -21.75 6.98
N ARG C 235 36.46 -21.53 7.20
CA ARG C 235 37.49 -21.07 6.24
C ARG C 235 37.47 -21.85 4.92
N ASP C 236 37.26 -23.16 5.04
CA ASP C 236 37.30 -24.10 3.92
C ASP C 236 35.96 -24.06 3.16
N PHE C 237 34.91 -23.65 3.87
CA PHE C 237 33.59 -23.44 3.27
C PHE C 237 33.58 -22.15 2.44
N ASP C 238 34.15 -21.08 2.99
CA ASP C 238 34.21 -19.79 2.30
C ASP C 238 35.01 -19.90 1.00
N LEU C 239 36.14 -20.60 1.09
CA LEU C 239 37.08 -20.78 -0.01
C LEU C 239 36.49 -21.66 -1.11
N ALA C 240 35.81 -22.74 -0.71
CA ALA C 240 35.08 -23.59 -1.66
C ALA C 240 33.97 -22.81 -2.40
N ILE C 241 33.30 -21.90 -1.70
CA ILE C 241 32.27 -21.04 -2.29
C ILE C 241 32.88 -20.06 -3.27
N THR C 242 34.00 -19.45 -2.88
CA THR C 242 34.68 -18.42 -3.67
C THR C 242 35.25 -18.98 -4.97
N GLU C 243 35.79 -20.20 -4.90
CA GLU C 243 36.32 -20.91 -6.06
C GLU C 243 35.23 -21.28 -7.07
N HIS C 244 34.09 -21.72 -6.56
CA HIS C 244 32.91 -21.99 -7.37
C HIS C 244 32.55 -20.75 -8.18
N PHE C 245 32.37 -19.62 -7.50
CA PHE C 245 32.03 -18.36 -8.17
C PHE C 245 33.14 -17.78 -9.05
N ALA C 246 34.40 -18.02 -8.69
CA ALA C 246 35.51 -17.67 -9.57
C ALA C 246 35.37 -18.36 -10.92
N ASP C 247 35.01 -19.65 -10.92
CA ASP C 247 34.69 -20.38 -12.14
C ASP C 247 33.42 -19.87 -12.80
N GLU C 248 32.35 -19.69 -12.01
CA GLU C 248 31.09 -19.22 -12.58
C GLU C 248 31.23 -17.87 -13.29
N PHE C 249 32.02 -16.97 -12.71
CA PHE C 249 32.11 -15.61 -13.22
C PHE C 249 32.96 -15.45 -14.48
N LYS C 250 33.87 -16.40 -14.74
CA LYS C 250 34.64 -16.41 -16.00
C LYS C 250 33.73 -16.68 -17.18
N THR C 251 32.77 -17.58 -16.99
CA THR C 251 31.82 -17.93 -18.04
C THR C 251 30.66 -16.93 -18.11
N LYS C 252 30.12 -16.56 -16.94
CA LYS C 252 28.95 -15.67 -16.88
C LYS C 252 29.24 -14.21 -17.24
N TYR C 253 30.35 -13.69 -16.73
CA TYR C 253 30.63 -12.27 -16.80
C TYR C 253 31.91 -11.99 -17.59
N LYS C 254 32.59 -13.07 -17.96
CA LYS C 254 33.88 -12.97 -18.65
C LYS C 254 34.93 -12.23 -17.81
N ILE C 255 34.87 -12.39 -16.50
CA ILE C 255 35.84 -11.81 -15.60
C ILE C 255 36.58 -12.91 -14.85
N ASP C 256 37.87 -12.71 -14.59
CA ASP C 256 38.65 -13.71 -13.88
C ASP C 256 39.24 -13.13 -12.60
N ILE C 257 38.53 -13.38 -11.50
CA ILE C 257 38.89 -12.83 -10.17
C ILE C 257 40.17 -13.43 -9.59
N ARG C 258 40.63 -14.56 -10.14
CA ARG C 258 41.91 -15.17 -9.77
C ARG C 258 43.13 -14.35 -10.23
N GLU C 259 42.94 -13.51 -11.25
CA GLU C 259 44.01 -12.62 -11.68
C GLU C 259 43.94 -11.24 -11.01
N ASN C 260 43.06 -11.08 -10.03
CA ASN C 260 42.79 -9.77 -9.41
C ASN C 260 42.53 -10.01 -7.94
N PRO C 261 43.60 -10.02 -7.13
CA PRO C 261 43.55 -10.31 -5.68
C PRO C 261 42.54 -9.48 -4.87
N LYS C 262 42.44 -8.19 -5.18
CA LYS C 262 41.45 -7.29 -4.61
C LYS C 262 39.98 -7.74 -4.87
N ALA C 263 39.64 -7.96 -6.13
CA ALA C 263 38.34 -8.52 -6.53
C ALA C 263 38.07 -9.88 -5.87
N TYR C 264 39.07 -10.74 -5.87
CA TYR C 264 38.97 -12.06 -5.21
C TYR C 264 38.61 -11.94 -3.73
N ASN C 265 39.31 -11.06 -3.03
CA ASN C 265 39.05 -10.77 -1.63
C ASN C 265 37.64 -10.30 -1.35
N ARG C 266 37.09 -9.46 -2.21
CA ARG C 266 35.70 -9.00 -2.05
C ARG C 266 34.69 -10.15 -2.16
N ILE C 267 34.98 -11.11 -3.05
CA ILE C 267 34.14 -12.28 -3.22
C ILE C 267 34.28 -13.19 -1.99
N LEU C 268 35.52 -13.40 -1.51
CA LEU C 268 35.79 -14.20 -0.32
C LEU C 268 35.04 -13.67 0.93
N THR C 269 35.14 -12.36 1.18
CA THR C 269 34.38 -11.69 2.24
C THR C 269 32.87 -11.95 2.11
N ALA C 270 32.33 -11.74 0.91
CA ALA C 270 30.90 -11.93 0.66
C ALA C 270 30.46 -13.40 0.76
N ALA C 271 31.38 -14.32 0.42
CA ALA C 271 31.14 -15.75 0.45
C ALA C 271 30.78 -16.22 1.87
N GLU C 272 31.40 -15.61 2.87
CA GLU C 272 31.17 -15.96 4.26
C GLU C 272 29.74 -15.68 4.71
N LYS C 273 29.20 -14.56 4.24
CA LYS C 273 27.85 -14.13 4.53
C LYS C 273 26.84 -14.99 3.83
N LEU C 274 27.17 -15.38 2.60
CA LEU C 274 26.36 -16.34 1.85
C LEU C 274 26.29 -17.67 2.62
N LYS C 275 27.46 -18.17 3.01
CA LYS C 275 27.59 -19.39 3.81
C LYS C 275 26.67 -19.38 5.05
N LYS C 276 26.76 -18.32 5.84
CA LYS C 276 25.90 -18.11 7.00
C LYS C 276 24.39 -18.16 6.71
N VAL C 277 23.95 -17.47 5.65
CA VAL C 277 22.56 -17.56 5.20
C VAL C 277 22.12 -19.03 4.93
N LEU C 278 23.01 -19.83 4.35
CA LEU C 278 22.70 -21.23 4.02
C LEU C 278 22.62 -22.19 5.22
N SER C 279 22.92 -21.67 6.41
CA SER C 279 22.69 -22.39 7.66
C SER C 279 21.25 -22.20 8.11
N ALA C 280 20.63 -21.12 7.66
CA ALA C 280 19.25 -20.81 8.01
C ALA C 280 18.25 -21.10 6.87
N ASN C 281 18.74 -21.03 5.62
CA ASN C 281 17.90 -21.16 4.43
C ASN C 281 18.45 -22.20 3.44
N THR C 282 17.58 -22.76 2.62
CA THR C 282 18.00 -23.75 1.63
C THR C 282 18.48 -23.10 0.35
N ASN C 283 18.27 -21.78 0.25
CA ASN C 283 18.69 -20.98 -0.89
C ASN C 283 19.00 -19.53 -0.55
N ALA C 284 19.99 -18.97 -1.25
CA ALA C 284 20.45 -17.61 -1.02
C ALA C 284 20.98 -16.95 -2.29
N PRO C 285 20.62 -15.67 -2.51
CA PRO C 285 21.21 -14.88 -3.60
C PRO C 285 22.63 -14.44 -3.25
N PHE C 286 23.44 -14.23 -4.28
CA PHE C 286 24.80 -13.78 -4.12
C PHE C 286 24.96 -12.57 -5.02
N SER C 287 25.00 -11.39 -4.41
CA SER C 287 25.21 -10.17 -5.19
C SER C 287 26.32 -9.32 -4.60
N VAL C 288 27.26 -8.95 -5.46
CA VAL C 288 28.38 -8.08 -5.09
C VAL C 288 28.48 -7.02 -6.18
N GLU C 289 28.47 -5.76 -5.76
CA GLU C 289 28.49 -4.68 -6.73
C GLU C 289 29.91 -4.18 -7.00
N SER C 290 30.12 -3.73 -8.24
CA SER C 290 31.45 -3.37 -8.75
C SER C 290 32.59 -4.24 -8.21
N VAL C 291 32.54 -5.55 -8.49
CA VAL C 291 33.62 -6.44 -8.01
C VAL C 291 34.90 -6.18 -8.81
N MET C 292 34.74 -5.88 -10.09
CA MET C 292 35.84 -5.53 -10.98
C MET C 292 35.49 -4.36 -11.91
N ASN C 293 35.42 -4.69 -13.20
CA ASN C 293 35.30 -3.75 -14.31
C ASN C 293 33.91 -3.14 -14.36
N ASP C 294 33.56 -2.34 -13.35
CA ASP C 294 32.24 -1.70 -13.30
C ASP C 294 31.15 -2.80 -13.39
N VAL C 295 31.50 -4.00 -12.93
CA VAL C 295 30.64 -5.16 -13.12
C VAL C 295 30.02 -5.68 -11.81
N ASP C 296 28.69 -5.63 -11.76
CA ASP C 296 27.91 -6.19 -10.66
C ASP C 296 27.61 -7.67 -10.93
N VAL C 297 27.95 -8.53 -9.98
CA VAL C 297 27.57 -9.94 -10.08
C VAL C 297 26.28 -10.21 -9.30
N SER C 298 25.41 -11.00 -9.90
CA SER C 298 24.14 -11.35 -9.28
C SER C 298 23.88 -12.82 -9.56
N SER C 299 24.27 -13.67 -8.61
CA SER C 299 24.09 -15.10 -8.74
C SER C 299 23.27 -15.64 -7.56
N GLN C 300 23.33 -16.96 -7.36
CA GLN C 300 22.78 -17.58 -6.15
C GLN C 300 23.44 -18.96 -5.88
N LEU C 301 23.12 -19.54 -4.72
CA LEU C 301 23.59 -20.88 -4.35
C LEU C 301 22.62 -21.52 -3.35
N SER C 302 22.34 -22.80 -3.55
CA SER C 302 21.49 -23.55 -2.64
C SER C 302 22.34 -24.30 -1.62
N ARG C 303 21.70 -24.68 -0.51
CA ARG C 303 22.32 -25.53 0.49
C ARG C 303 22.86 -26.84 -0.13
N GLU C 304 22.01 -27.59 -0.84
CA GLU C 304 22.46 -28.77 -1.59
C GLU C 304 23.71 -28.57 -2.46
N GLU C 305 23.80 -27.43 -3.14
CA GLU C 305 24.99 -27.11 -3.95
C GLU C 305 26.21 -26.86 -3.08
N LEU C 306 26.01 -26.19 -1.94
CA LEU C 306 27.09 -25.95 -0.98
C LEU C 306 27.64 -27.26 -0.41
N GLU C 307 26.74 -28.16 -0.03
CA GLU C 307 27.10 -29.48 0.47
C GLU C 307 27.91 -30.28 -0.54
N GLU C 308 27.51 -30.22 -1.81
CA GLU C 308 28.28 -30.81 -2.92
C GLU C 308 29.70 -30.19 -3.14
N LEU C 309 29.83 -28.87 -2.91
CA LEU C 309 31.11 -28.17 -3.04
C LEU C 309 32.21 -28.58 -2.04
N VAL C 310 31.80 -28.91 -0.81
CA VAL C 310 32.70 -29.38 0.24
C VAL C 310 32.61 -30.89 0.44
N LYS C 311 32.08 -31.60 -0.54
CA LYS C 311 31.96 -33.06 -0.48
C LYS C 311 33.26 -33.78 -0.04
N PRO C 312 34.44 -33.38 -0.60
CA PRO C 312 35.67 -34.08 -0.18
C PRO C 312 36.06 -33.84 1.28
N LEU C 313 35.85 -32.63 1.76
CA LEU C 313 36.03 -32.29 3.17
C LEU C 313 35.08 -33.12 4.03
N LEU C 314 33.85 -33.31 3.56
CA LEU C 314 32.81 -34.01 4.33
C LEU C 314 33.02 -35.52 4.47
N GLU C 315 33.91 -36.09 3.67
CA GLU C 315 34.28 -37.50 3.81
C GLU C 315 35.01 -37.73 5.14
N ARG C 316 35.55 -36.66 5.71
CA ARG C 316 36.29 -36.75 6.97
C ARG C 316 35.45 -36.37 8.18
N VAL C 317 34.16 -36.16 7.99
CA VAL C 317 33.29 -35.54 8.99
C VAL C 317 33.10 -36.33 10.32
N THR C 318 33.15 -37.66 10.27
CA THR C 318 32.96 -38.47 11.47
C THR C 318 34.31 -38.92 12.08
N GLU C 319 35.41 -38.59 11.41
CA GLU C 319 36.73 -39.06 11.86
C GLU C 319 37.18 -38.62 13.27
N PRO C 320 37.13 -37.31 13.60
CA PRO C 320 37.45 -36.91 14.98
C PRO C 320 36.59 -37.57 16.08
N VAL C 321 35.35 -37.91 15.74
CA VAL C 321 34.40 -38.57 16.65
C VAL C 321 34.77 -40.04 16.92
N THR C 322 34.94 -40.83 15.86
CA THR C 322 35.32 -42.24 16.01
C THR C 322 36.72 -42.39 16.59
N LYS C 323 37.60 -41.42 16.31
CA LYS C 323 38.94 -41.44 16.87
C LYS C 323 38.96 -41.10 18.37
N ALA C 324 38.18 -40.09 18.77
CA ALA C 324 38.06 -39.72 20.19
C ALA C 324 37.41 -40.83 21.04
N LEU C 325 36.38 -41.49 20.50
CA LEU C 325 35.76 -42.64 21.15
C LEU C 325 36.74 -43.81 21.31
N ALA C 326 37.48 -44.11 20.24
CA ALA C 326 38.48 -45.18 20.26
C ALA C 326 39.61 -44.95 21.27
N GLN C 327 40.09 -43.70 21.36
CA GLN C 327 41.13 -43.33 22.34
C GLN C 327 40.61 -43.42 23.77
N ALA C 328 39.35 -43.07 23.97
CA ALA C 328 38.70 -43.19 25.27
C ALA C 328 38.33 -44.66 25.55
N LYS C 329 38.61 -45.51 24.56
CA LYS C 329 38.29 -46.94 24.61
C LYS C 329 36.84 -47.19 24.99
N LEU C 330 35.92 -46.49 24.30
CA LEU C 330 34.49 -46.66 24.55
C LEU C 330 33.59 -46.51 23.31
N SER C 331 32.35 -46.95 23.45
CA SER C 331 31.34 -46.91 22.39
C SER C 331 30.54 -45.62 22.45
N ALA C 332 29.93 -45.27 21.32
CA ALA C 332 29.13 -44.05 21.20
C ALA C 332 27.93 -44.02 22.17
N GLU C 333 27.40 -45.20 22.46
CA GLU C 333 26.26 -45.38 23.37
C GLU C 333 26.55 -45.01 24.84
N GLU C 334 27.83 -45.11 25.22
CA GLU C 334 28.27 -44.77 26.58
C GLU C 334 28.39 -43.25 26.80
N VAL C 335 28.18 -42.47 25.75
CA VAL C 335 28.18 -41.00 25.87
C VAL C 335 26.79 -40.54 26.31
N ASP C 336 26.74 -39.68 27.32
CA ASP C 336 25.47 -39.22 27.90
C ASP C 336 24.91 -38.01 27.17
N PHE C 337 25.80 -37.07 26.83
CA PHE C 337 25.42 -35.83 26.16
C PHE C 337 26.51 -35.40 25.19
N VAL C 338 26.10 -34.82 24.07
CA VAL C 338 27.02 -34.18 23.12
C VAL C 338 26.78 -32.67 23.12
N GLU C 339 27.76 -31.92 23.62
CA GLU C 339 27.72 -30.46 23.60
C GLU C 339 28.49 -29.90 22.41
N ILE C 340 27.85 -29.04 21.63
CA ILE C 340 28.53 -28.38 20.48
C ILE C 340 28.83 -26.90 20.75
N ILE C 341 30.04 -26.50 20.37
CA ILE C 341 30.52 -25.11 20.39
C ILE C 341 31.24 -24.79 19.07
N GLY C 342 31.61 -23.54 18.87
CA GLY C 342 32.26 -23.10 17.63
C GLY C 342 31.22 -22.70 16.60
N GLY C 343 31.51 -21.67 15.83
CA GLY C 343 30.55 -21.12 14.86
C GLY C 343 30.26 -22.02 13.66
N THR C 344 31.20 -22.89 13.30
CA THR C 344 30.97 -23.78 12.15
C THR C 344 30.03 -24.99 12.48
N THR C 345 29.78 -25.26 13.76
CA THR C 345 28.78 -26.28 14.12
C THR C 345 27.32 -25.83 13.89
N ARG C 346 27.13 -24.60 13.41
CA ARG C 346 25.79 -24.12 13.07
C ARG C 346 25.37 -24.57 11.67
N ILE C 347 26.32 -25.15 10.92
CA ILE C 347 26.05 -25.75 9.61
C ILE C 347 25.24 -27.05 9.77
N PRO C 348 24.00 -27.09 9.20
CA PRO C 348 23.09 -28.24 9.26
C PRO C 348 23.68 -29.63 8.90
N THR C 349 24.45 -29.73 7.82
CA THR C 349 25.05 -31.02 7.46
C THR C 349 26.05 -31.52 8.50
N LEU C 350 26.73 -30.59 9.15
CA LEU C 350 27.70 -30.95 10.17
C LEU C 350 26.99 -31.44 11.43
N LYS C 351 25.89 -30.77 11.78
CA LYS C 351 25.05 -31.14 12.92
C LYS C 351 24.52 -32.55 12.76
N GLN C 352 23.90 -32.79 11.61
CA GLN C 352 23.34 -34.09 11.25
C GLN C 352 24.38 -35.21 11.36
N SER C 353 25.57 -34.97 10.82
CA SER C 353 26.69 -35.92 10.92
C SER C 353 27.18 -36.18 12.34
N ILE C 354 27.32 -35.11 13.13
CA ILE C 354 27.73 -35.22 14.53
C ILE C 354 26.68 -35.97 15.35
N SER C 355 25.41 -35.65 15.13
CA SER C 355 24.30 -36.31 15.81
C SER C 355 24.16 -37.78 15.38
N GLU C 356 24.32 -38.03 14.08
CA GLU C 356 24.31 -39.39 13.57
C GLU C 356 25.51 -40.20 14.05
N ALA C 357 26.69 -39.57 14.10
CA ALA C 357 27.92 -40.26 14.51
C ALA C 357 27.81 -40.82 15.94
N PHE C 358 27.13 -40.06 16.81
CA PHE C 358 26.96 -40.46 18.21
C PHE C 358 25.69 -41.29 18.45
N GLY C 359 24.63 -41.00 17.71
CA GLY C 359 23.32 -41.58 17.98
C GLY C 359 22.66 -40.88 19.15
N LYS C 360 22.85 -39.56 19.21
CA LYS C 360 22.38 -38.75 20.32
C LYS C 360 21.96 -37.38 19.80
N PRO C 361 20.90 -36.79 20.39
CA PRO C 361 20.54 -35.40 20.08
C PRO C 361 21.64 -34.44 20.54
N LEU C 362 21.80 -33.31 19.86
CA LEU C 362 22.86 -32.36 20.19
C LEU C 362 22.42 -31.38 21.27
N SER C 363 23.28 -31.17 22.26
CA SER C 363 22.99 -30.27 23.36
C SER C 363 23.65 -28.93 23.12
N THR C 364 23.04 -27.88 23.67
CA THR C 364 23.36 -26.52 23.29
C THR C 364 23.21 -25.60 24.54
N THR C 365 23.64 -26.11 25.71
CA THR C 365 23.44 -25.44 27.00
C THR C 365 24.56 -24.52 27.48
N LEU C 366 25.63 -24.42 26.69
CA LEU C 366 26.69 -23.44 26.89
C LEU C 366 26.46 -22.27 25.94
N ASN C 367 27.04 -21.11 26.25
CA ASN C 367 27.19 -20.10 25.21
C ASN C 367 28.34 -20.54 24.35
N GLN C 368 28.03 -20.85 23.09
CA GLN C 368 28.98 -21.47 22.17
C GLN C 368 30.20 -20.60 21.85
N ASP C 369 29.98 -19.29 21.85
CA ASP C 369 31.03 -18.29 21.58
C ASP C 369 31.94 -18.04 22.78
N GLU C 370 31.36 -18.13 23.98
CA GLU C 370 32.01 -17.66 25.20
C GLU C 370 32.63 -18.73 26.09
N ALA C 371 32.26 -20.00 25.87
CA ALA C 371 32.60 -21.08 26.81
C ALA C 371 34.10 -21.23 27.02
N ILE C 372 34.87 -21.14 25.93
CA ILE C 372 36.33 -21.30 25.97
C ILE C 372 37.02 -20.15 26.71
N ALA C 373 36.65 -18.91 26.39
CA ALA C 373 37.16 -17.72 27.10
C ALA C 373 36.87 -17.78 28.60
N LYS C 374 35.62 -18.11 28.95
CA LYS C 374 35.20 -18.23 30.35
C LYS C 374 35.99 -19.31 31.10
N GLY C 375 36.24 -20.45 30.43
CA GLY C 375 37.05 -21.50 31.01
C GLY C 375 38.47 -21.04 31.27
N ALA C 376 39.05 -20.36 30.27
CA ALA C 376 40.38 -19.77 30.39
C ALA C 376 40.47 -18.74 31.53
N ALA C 377 39.41 -17.95 31.73
CA ALA C 377 39.32 -17.00 32.87
C ALA C 377 39.26 -17.66 34.24
N PHE C 378 38.50 -18.74 34.37
CA PHE C 378 38.42 -19.49 35.63
C PHE C 378 39.76 -20.16 35.92
N ILE C 379 40.35 -20.78 34.90
CA ILE C 379 41.69 -21.39 35.03
C ILE C 379 42.76 -20.34 35.41
N CYS C 380 42.73 -19.17 34.79
CA CYS C 380 43.64 -18.10 35.18
C CYS C 380 43.47 -17.74 36.67
N ALA C 381 42.24 -17.81 37.16
CA ALA C 381 41.92 -17.53 38.55
C ALA C 381 42.43 -18.60 39.53
N ILE C 382 42.45 -19.87 39.11
CA ILE C 382 43.08 -20.94 39.90
C ILE C 382 44.55 -20.60 40.20
N HIS C 383 45.24 -20.02 39.22
CA HIS C 383 46.66 -19.67 39.38
C HIS C 383 46.86 -18.32 40.07
N SER C 384 45.79 -17.59 40.34
CA SER C 384 45.87 -16.32 41.07
C SER C 384 46.29 -16.57 42.52
N PRO C 385 47.42 -15.99 42.93
CA PRO C 385 47.85 -16.16 44.32
C PRO C 385 46.89 -15.57 45.36
N THR C 386 45.98 -14.69 44.92
CA THR C 386 45.07 -13.98 45.82
C THR C 386 43.60 -14.39 45.68
N LEU C 387 43.09 -14.37 44.46
CA LEU C 387 41.68 -14.66 44.21
C LEU C 387 41.37 -16.14 44.49
N ARG C 388 40.44 -16.37 45.42
CA ARG C 388 40.02 -17.73 45.76
C ARG C 388 38.77 -18.10 45.01
N VAL C 389 38.80 -19.28 44.41
CA VAL C 389 37.80 -19.67 43.44
C VAL C 389 37.26 -21.05 43.81
N ARG C 390 35.99 -21.31 43.50
CA ARG C 390 35.33 -22.56 43.93
C ARG C 390 36.11 -23.73 43.36
N PRO C 391 36.57 -24.65 44.25
CA PRO C 391 37.57 -25.65 43.82
C PRO C 391 37.15 -26.49 42.61
N PHE C 392 38.06 -26.65 41.67
CA PHE C 392 37.82 -27.49 40.51
C PHE C 392 39.13 -28.08 40.03
N LYS C 393 39.20 -29.40 40.02
CA LYS C 393 40.36 -30.08 39.45
C LYS C 393 40.04 -30.61 38.06
N PHE C 394 41.06 -30.69 37.21
CA PHE C 394 40.89 -31.34 35.92
C PHE C 394 42.20 -31.90 35.39
N GLU C 395 42.08 -33.02 34.69
CA GLU C 395 43.21 -33.70 34.09
C GLU C 395 42.98 -33.82 32.60
N ASP C 396 44.01 -33.51 31.82
CA ASP C 396 43.91 -33.56 30.38
C ASP C 396 44.78 -34.70 29.84
N ILE C 397 44.37 -35.29 28.73
CA ILE C 397 45.06 -36.43 28.13
C ILE C 397 46.46 -36.07 27.55
N HIS C 398 47.41 -36.97 27.83
CA HIS C 398 48.81 -36.89 27.42
C HIS C 398 49.01 -37.95 26.35
N PRO C 399 48.80 -37.57 25.06
CA PRO C 399 48.59 -38.56 23.98
C PRO C 399 49.81 -39.41 23.59
N TYR C 400 51.01 -38.85 23.73
CA TYR C 400 52.22 -39.52 23.29
C TYR C 400 53.12 -39.98 24.45
N SER C 401 53.76 -41.14 24.25
CA SER C 401 54.76 -41.64 25.20
C SER C 401 56.00 -40.76 25.18
N VAL C 402 56.34 -40.21 26.34
CA VAL C 402 57.53 -39.38 26.48
C VAL C 402 58.54 -40.05 27.41
N SER C 403 59.81 -40.01 26.99
CA SER C 403 60.88 -40.64 27.72
C SER C 403 62.03 -39.66 27.94
N TYR C 404 62.80 -39.86 29.00
CA TYR C 404 63.96 -39.02 29.32
C TYR C 404 65.24 -39.85 29.26
N SER C 405 66.34 -39.20 28.91
CA SER C 405 67.65 -39.84 28.86
C SER C 405 68.67 -39.06 29.69
N TRP C 406 69.79 -39.71 30.01
CA TRP C 406 70.87 -39.09 30.78
C TRP C 406 72.20 -39.68 30.35
N ASP C 407 73.31 -38.95 30.62
CA ASP C 407 74.63 -39.52 30.43
C ASP C 407 74.69 -40.84 31.19
N LYS C 408 75.19 -41.88 30.51
CA LYS C 408 75.18 -43.24 31.03
C LYS C 408 75.88 -43.30 32.40
N GLN C 409 77.15 -42.86 32.43
CA GLN C 409 78.00 -42.87 33.63
C GLN C 409 78.05 -44.24 34.37
N VAL C 410 77.67 -44.25 35.67
CA VAL C 410 77.70 -45.50 36.48
C VAL C 410 76.31 -46.17 36.64
N GLU C 411 75.40 -45.82 35.71
CA GLU C 411 74.06 -46.42 35.68
C GLU C 411 74.02 -47.64 34.72
N ASP C 412 72.98 -48.50 34.93
CA ASP C 412 72.67 -49.58 34.00
C ASP C 412 72.08 -49.02 32.68
N GLU C 413 71.01 -48.21 32.79
CA GLU C 413 70.36 -47.62 31.63
C GLU C 413 70.76 -46.15 31.43
N ASP C 414 70.57 -45.65 30.20
CA ASP C 414 70.79 -44.24 29.91
C ASP C 414 69.51 -43.51 29.49
N HIS C 415 68.40 -44.24 29.49
CA HIS C 415 67.07 -43.68 29.19
C HIS C 415 65.99 -44.46 29.96
N MET C 416 64.72 -44.07 29.75
CA MET C 416 63.60 -44.55 30.55
C MET C 416 62.32 -43.87 30.07
N GLU C 417 61.22 -44.62 29.93
CA GLU C 417 59.90 -44.01 29.74
C GLU C 417 59.41 -43.35 31.03
N VAL C 418 59.11 -42.05 30.96
CA VAL C 418 58.71 -41.25 32.13
C VAL C 418 57.22 -40.89 32.11
N PHE C 419 56.74 -40.41 30.97
CA PHE C 419 55.32 -40.05 30.80
C PHE C 419 54.69 -40.86 29.66
N PRO C 420 54.01 -41.97 30.01
CA PRO C 420 53.45 -42.91 29.01
C PRO C 420 52.37 -42.30 28.10
N ALA C 421 52.10 -43.01 26.99
CA ALA C 421 51.07 -42.62 26.01
C ALA C 421 49.69 -42.89 26.56
N GLY C 422 48.86 -41.86 26.62
CA GLY C 422 47.51 -42.00 27.18
C GLY C 422 47.43 -41.78 28.68
N SER C 423 48.54 -41.33 29.27
CA SER C 423 48.53 -40.88 30.66
C SER C 423 47.88 -39.50 30.73
N SER C 424 47.99 -38.84 31.88
CA SER C 424 47.35 -37.55 32.07
C SER C 424 48.37 -36.51 32.48
N PHE C 425 48.03 -35.24 32.32
CA PHE C 425 48.86 -34.14 32.80
C PHE C 425 48.01 -33.06 33.49
N PRO C 426 48.62 -32.26 34.40
CA PRO C 426 50.04 -32.28 34.82
C PRO C 426 50.44 -33.56 35.57
N SER C 427 51.71 -33.97 35.40
CA SER C 427 52.23 -35.17 36.07
C SER C 427 53.64 -34.91 36.58
N THR C 428 53.98 -35.54 37.71
CA THR C 428 55.31 -35.47 38.32
C THR C 428 55.87 -36.89 38.51
N LYS C 429 57.14 -37.06 38.14
CA LYS C 429 57.84 -38.31 38.33
C LYS C 429 59.23 -38.04 38.94
N LEU C 430 59.44 -38.55 40.15
CA LEU C 430 60.70 -38.42 40.88
C LEU C 430 61.59 -39.63 40.61
N ILE C 431 62.73 -39.39 39.96
CA ILE C 431 63.70 -40.45 39.72
C ILE C 431 64.97 -40.17 40.52
N THR C 432 65.80 -41.20 40.66
CA THR C 432 67.04 -41.03 41.41
C THR C 432 68.20 -41.68 40.63
N LEU C 433 69.32 -40.98 40.52
CA LEU C 433 70.43 -41.42 39.68
C LEU C 433 71.77 -41.32 40.40
N ASN C 434 72.53 -42.45 40.39
CA ASN C 434 73.92 -42.47 40.82
C ASN C 434 74.79 -41.78 39.76
N ARG C 435 75.51 -40.68 40.23
CA ARG C 435 76.25 -39.79 39.31
C ARG C 435 77.73 -39.64 39.73
N THR C 436 78.60 -39.39 38.72
CA THR C 436 80.05 -39.26 38.97
C THR C 436 80.54 -37.80 38.98
N GLY C 437 79.76 -36.94 38.30
CA GLY C 437 80.06 -35.50 38.22
C GLY C 437 78.91 -34.79 37.53
N ASP C 438 79.16 -33.57 37.07
CA ASP C 438 78.15 -32.82 36.33
C ASP C 438 77.72 -33.60 35.08
N PHE C 439 76.43 -33.63 34.81
CA PHE C 439 75.88 -34.44 33.71
C PHE C 439 74.79 -33.72 32.89
N SER C 440 74.54 -34.22 31.68
CA SER C 440 73.47 -33.68 30.84
C SER C 440 72.31 -34.67 30.65
N MET C 441 71.15 -34.15 30.28
CA MET C 441 69.91 -34.95 30.12
C MET C 441 69.07 -34.43 28.94
N ALA C 442 68.12 -35.26 28.49
CA ALA C 442 67.26 -34.93 27.34
C ALA C 442 65.89 -35.60 27.46
N ALA C 443 64.89 -35.04 26.78
CA ALA C 443 63.54 -35.61 26.72
C ALA C 443 63.13 -35.77 25.26
N SER C 444 62.51 -36.91 24.95
CA SER C 444 62.14 -37.20 23.57
C SER C 444 60.94 -38.14 23.47
N TYR C 445 60.33 -38.18 22.29
CA TYR C 445 59.23 -39.09 22.03
C TYR C 445 59.75 -40.52 21.85
N THR C 446 59.19 -41.45 22.63
CA THR C 446 59.64 -42.84 22.68
C THR C 446 59.52 -43.56 21.33
N ASP C 447 58.36 -43.41 20.70
CA ASP C 447 58.05 -44.05 19.44
C ASP C 447 57.60 -42.97 18.48
N ILE C 448 58.56 -42.45 17.71
CA ILE C 448 58.32 -41.27 16.86
C ILE C 448 57.23 -41.48 15.79
N THR C 449 56.96 -42.75 15.47
CA THR C 449 55.96 -43.11 14.45
C THR C 449 54.53 -42.73 14.87
N GLN C 450 54.31 -42.55 16.16
CA GLN C 450 52.99 -42.18 16.70
C GLN C 450 52.66 -40.69 16.55
N LEU C 451 53.67 -39.92 16.15
CA LEU C 451 53.56 -38.47 16.05
C LEU C 451 53.33 -37.97 14.63
N PRO C 452 52.82 -36.72 14.49
CA PRO C 452 52.58 -36.17 13.16
C PRO C 452 53.85 -36.24 12.31
N PRO C 453 53.71 -36.47 10.99
CA PRO C 453 54.84 -36.46 10.08
C PRO C 453 55.74 -35.25 10.32
N ASN C 454 57.06 -35.46 10.12
CA ASN C 454 58.06 -34.40 10.28
C ASN C 454 58.23 -33.84 11.71
N THR C 455 57.87 -34.63 12.74
CA THR C 455 58.10 -34.25 14.13
C THR C 455 59.53 -34.64 14.54
N PRO C 456 60.28 -33.69 15.13
CA PRO C 456 61.59 -34.03 15.70
C PRO C 456 61.47 -34.94 16.91
N GLU C 457 62.48 -35.78 17.13
CA GLU C 457 62.46 -36.73 18.24
C GLU C 457 62.68 -36.05 19.58
N GLN C 458 63.69 -35.19 19.66
CA GLN C 458 64.01 -34.51 20.92
C GLN C 458 63.08 -33.32 21.23
N ILE C 459 62.62 -33.27 22.49
CA ILE C 459 61.74 -32.23 23.01
C ILE C 459 62.52 -31.10 23.72
N ALA C 460 63.49 -31.49 24.53
CA ALA C 460 64.26 -30.55 25.35
C ALA C 460 65.52 -31.22 25.87
N ASN C 461 66.46 -30.42 26.35
CA ASN C 461 67.65 -30.96 26.99
C ASN C 461 68.18 -30.02 28.08
N TRP C 462 68.91 -30.59 29.05
CA TRP C 462 69.38 -29.86 30.23
C TRP C 462 70.79 -30.29 30.57
N GLU C 463 71.51 -29.41 31.28
CA GLU C 463 72.80 -29.76 31.88
C GLU C 463 72.74 -29.43 33.37
N ILE C 464 73.07 -30.43 34.18
CA ILE C 464 72.97 -30.32 35.63
C ILE C 464 74.38 -30.16 36.23
N THR C 465 74.57 -29.03 36.91
CA THR C 465 75.90 -28.55 37.31
C THR C 465 76.08 -28.45 38.84
N GLY C 466 77.32 -28.60 39.30
CA GLY C 466 77.65 -28.41 40.73
C GLY C 466 77.62 -29.67 41.59
N VAL C 467 77.65 -30.82 40.93
CA VAL C 467 77.75 -32.12 41.59
C VAL C 467 79.12 -32.21 42.28
N GLN C 468 79.09 -32.29 43.62
CA GLN C 468 80.29 -32.49 44.41
C GLN C 468 80.22 -33.80 45.18
N LEU C 469 81.30 -34.57 45.12
CA LEU C 469 81.42 -35.80 45.91
C LEU C 469 81.95 -35.46 47.30
N PRO C 470 81.24 -35.94 48.37
CA PRO C 470 81.71 -35.83 49.76
C PRO C 470 83.15 -36.31 49.98
N GLU C 471 83.74 -35.93 51.11
CA GLU C 471 85.15 -36.17 51.44
C GLU C 471 85.63 -37.61 51.19
N GLY C 472 84.79 -38.63 51.56
CA GLY C 472 85.03 -40.03 51.19
C GLY C 472 84.48 -40.22 49.77
N GLN C 473 83.37 -40.95 49.69
CA GLN C 473 82.43 -40.94 48.51
C GLN C 473 82.98 -41.34 47.11
N ASP C 474 82.40 -42.55 46.69
CA ASP C 474 82.64 -43.08 45.35
C ASP C 474 81.77 -42.35 44.33
N SER C 475 80.55 -42.01 44.75
CA SER C 475 79.57 -41.32 43.92
C SER C 475 78.60 -40.58 44.84
N VAL C 476 77.66 -39.84 44.24
CA VAL C 476 76.58 -39.18 44.99
C VAL C 476 75.24 -39.46 44.27
N PRO C 477 74.23 -39.90 45.04
CA PRO C 477 72.88 -40.03 44.49
C PRO C 477 72.26 -38.65 44.23
N VAL C 478 71.65 -38.48 43.07
CA VAL C 478 71.00 -37.22 42.67
C VAL C 478 69.48 -37.43 42.57
N LYS C 479 68.73 -36.62 43.33
CA LYS C 479 67.27 -36.60 43.26
C LYS C 479 66.83 -35.69 42.12
N LEU C 480 66.00 -36.21 41.23
CA LEU C 480 65.51 -35.43 40.09
C LEU C 480 63.98 -35.40 40.03
N LYS C 481 63.42 -34.20 39.99
CA LYS C 481 61.98 -34.00 39.79
C LYS C 481 61.70 -33.69 38.32
N LEU C 482 61.08 -34.66 37.63
CA LEU C 482 60.66 -34.52 36.24
C LEU C 482 59.17 -34.16 36.16
N ARG C 483 58.82 -33.19 35.31
CA ARG C 483 57.42 -32.76 35.25
C ARG C 483 56.87 -32.54 33.86
N CYS C 484 55.65 -33.05 33.64
CA CYS C 484 54.79 -32.59 32.55
C CYS C 484 53.84 -31.57 33.15
N ASP C 485 54.13 -30.28 32.96
CA ASP C 485 53.40 -29.23 33.68
C ASP C 485 51.94 -29.03 33.18
N PRO C 486 51.18 -28.08 33.80
CA PRO C 486 49.77 -27.89 33.41
C PRO C 486 49.50 -27.43 31.96
N SER C 487 50.53 -26.92 31.28
CA SER C 487 50.45 -26.68 29.85
C SER C 487 50.91 -27.90 29.03
N GLY C 488 51.28 -28.98 29.71
CA GLY C 488 51.73 -30.22 29.06
C GLY C 488 53.17 -30.14 28.56
N LEU C 489 53.95 -29.21 29.14
CA LEU C 489 55.35 -29.05 28.77
C LEU C 489 56.27 -29.87 29.69
N HIS C 490 57.32 -30.41 29.09
CA HIS C 490 58.20 -31.37 29.73
C HIS C 490 59.46 -30.70 30.23
N THR C 491 59.59 -30.63 31.56
CA THR C 491 60.68 -29.93 32.23
C THR C 491 61.44 -30.83 33.20
N ILE C 492 62.53 -30.29 33.75
CA ILE C 492 63.13 -30.79 34.98
C ILE C 492 63.04 -29.65 36.00
N GLU C 493 62.33 -29.91 37.10
CA GLU C 493 61.99 -28.88 38.08
C GLU C 493 63.03 -28.67 39.19
N GLU C 494 63.62 -29.77 39.68
CA GLU C 494 64.61 -29.70 40.76
C GLU C 494 65.66 -30.81 40.64
N ALA C 495 66.88 -30.52 41.10
CA ALA C 495 67.97 -31.50 41.20
C ALA C 495 68.83 -31.23 42.43
N TYR C 496 69.11 -32.27 43.22
CA TYR C 496 69.77 -32.12 44.51
C TYR C 496 70.43 -33.41 45.00
N THR C 497 71.72 -33.34 45.33
CA THR C 497 72.43 -34.46 45.97
C THR C 497 72.08 -34.53 47.46
N ILE C 498 72.04 -35.74 47.99
CA ILE C 498 71.77 -35.95 49.42
C ILE C 498 72.92 -36.66 50.14
N LYS C 508 74.00 -40.65 54.81
CA LYS C 508 72.68 -40.47 55.53
C LYS C 508 71.67 -39.64 54.71
N THR C 509 70.52 -39.31 55.32
CA THR C 509 69.53 -38.47 54.66
C THR C 509 69.71 -36.99 55.02
N VAL C 510 70.75 -36.39 54.45
CA VAL C 510 71.02 -34.97 54.62
C VAL C 510 71.21 -34.31 53.27
N LYS C 511 70.57 -33.17 53.06
CA LYS C 511 70.83 -32.36 51.86
C LYS C 511 72.26 -31.84 51.89
N LYS C 512 73.00 -32.07 50.80
CA LYS C 512 74.31 -31.48 50.62
C LYS C 512 74.17 -30.17 49.84
N ASP C 513 73.86 -30.27 48.55
CA ASP C 513 73.72 -29.10 47.71
C ASP C 513 72.74 -29.29 46.54
N ASP C 514 71.76 -28.40 46.45
CA ASP C 514 70.89 -28.34 45.29
C ASP C 514 71.68 -27.87 44.06
N LEU C 515 71.45 -28.55 42.94
CA LEU C 515 72.27 -28.41 41.74
C LEU C 515 71.64 -27.43 40.76
N THR C 516 72.48 -26.61 40.15
CA THR C 516 72.04 -25.65 39.15
C THR C 516 71.72 -26.34 37.83
N ILE C 517 70.54 -26.00 37.28
CA ILE C 517 70.01 -26.61 36.06
C ILE C 517 69.98 -25.58 34.94
N VAL C 518 70.67 -25.87 33.84
CA VAL C 518 70.59 -25.04 32.64
C VAL C 518 69.69 -25.71 31.60
N ALA C 519 68.57 -25.05 31.29
CA ALA C 519 67.54 -25.62 30.42
C ALA C 519 67.62 -25.14 28.97
N HIS C 520 67.31 -26.06 28.06
CA HIS C 520 67.22 -25.77 26.62
C HIS C 520 65.91 -26.33 26.07
N THR C 521 64.95 -25.43 25.89
CA THR C 521 63.60 -25.77 25.46
C THR C 521 63.28 -25.00 24.18
N PHE C 522 62.02 -25.08 23.74
CA PHE C 522 61.53 -24.25 22.65
C PHE C 522 61.26 -22.80 23.07
N GLY C 523 61.30 -22.56 24.38
CA GLY C 523 61.15 -21.21 24.94
C GLY C 523 62.33 -20.34 24.64
N LEU C 524 62.11 -19.06 24.43
CA LEU C 524 63.18 -18.10 24.15
C LEU C 524 64.05 -17.85 25.36
N ASP C 525 65.36 -17.81 25.15
CA ASP C 525 66.31 -17.30 26.14
C ASP C 525 65.99 -15.85 26.49
N ALA C 526 66.48 -15.39 27.63
CA ALA C 526 66.15 -14.05 28.16
C ALA C 526 66.60 -12.88 27.27
N LYS C 527 67.69 -13.08 26.52
CA LYS C 527 68.28 -12.02 25.69
C LYS C 527 67.38 -11.70 24.50
N LYS C 528 67.01 -12.74 23.73
CA LYS C 528 66.08 -12.62 22.62
C LYS C 528 64.77 -11.99 23.10
N LEU C 529 64.10 -12.64 24.07
CA LEU C 529 62.90 -12.09 24.75
C LEU C 529 62.94 -10.59 24.98
N ASN C 530 63.98 -10.12 25.68
CA ASN C 530 64.15 -8.70 26.02
C ASN C 530 64.27 -7.79 24.80
N GLU C 531 64.89 -8.32 23.75
CA GLU C 531 64.98 -7.64 22.45
C GLU C 531 63.60 -7.48 21.82
N LEU C 532 62.79 -8.54 21.87
CA LEU C 532 61.43 -8.55 21.33
C LEU C 532 60.43 -7.73 22.14
N ILE C 533 60.54 -7.79 23.48
CA ILE C 533 59.76 -6.93 24.37
C ILE C 533 59.99 -5.45 24.03
N GLU C 534 61.26 -5.05 23.92
CA GLU C 534 61.65 -3.67 23.59
C GLU C 534 61.11 -3.19 22.24
N LYS C 535 61.23 -4.04 21.22
CA LYS C 535 60.65 -3.78 19.92
C LYS C 535 59.13 -3.58 19.99
N GLU C 536 58.45 -4.44 20.75
CA GLU C 536 57.01 -4.31 20.94
C GLU C 536 56.65 -3.03 21.70
N ASN C 537 57.49 -2.66 22.67
CA ASN C 537 57.35 -1.40 23.40
C ASN C 537 57.44 -0.18 22.50
N GLU C 538 58.40 -0.18 21.56
CA GLU C 538 58.57 0.90 20.58
C GLU C 538 57.34 1.07 19.66
N MET C 539 56.82 -0.05 19.17
CA MET C 539 55.65 -0.02 18.32
C MET C 539 54.39 0.47 19.05
N LEU C 540 54.23 0.07 20.30
CA LEU C 540 53.12 0.53 21.14
C LEU C 540 53.15 2.01 21.33
N ALA C 541 54.31 2.51 21.77
CA ALA C 541 54.54 3.95 21.96
C ALA C 541 54.14 4.75 20.72
N GLN C 542 54.61 4.29 19.56
CA GLN C 542 54.32 4.95 18.29
C GLN C 542 52.82 4.94 17.95
N ASP C 543 52.16 3.79 18.09
CA ASP C 543 50.70 3.66 17.88
C ASP C 543 49.95 4.61 18.78
N LYS C 544 50.40 4.68 20.03
CA LYS C 544 49.80 5.51 21.08
C LYS C 544 49.97 6.99 20.76
N LEU C 545 51.16 7.38 20.35
CA LEU C 545 51.42 8.75 19.92
C LEU C 545 50.54 9.17 18.74
N VAL C 546 50.44 8.30 17.73
CA VAL C 546 49.60 8.57 16.56
C VAL C 546 48.12 8.68 16.94
N ALA C 547 47.63 7.78 17.80
CA ALA C 547 46.23 7.80 18.22
C ALA C 547 45.89 9.07 19.01
N GLU C 548 46.79 9.47 19.89
CA GLU C 548 46.64 10.69 20.69
C GLU C 548 46.69 11.96 19.84
N THR C 549 47.58 11.95 18.85
CA THR C 549 47.70 13.07 17.93
C THR C 549 46.42 13.25 17.11
N GLU C 550 45.80 12.14 16.69
CA GLU C 550 44.53 12.18 15.95
C GLU C 550 43.34 12.60 16.80
N ASP C 551 43.33 12.15 18.05
CA ASP C 551 42.29 12.50 19.00
C ASP C 551 42.36 14.00 19.40
N ARG C 552 43.57 14.47 19.71
CA ARG C 552 43.79 15.90 19.97
C ARG C 552 43.41 16.79 18.77
N LYS C 553 43.68 16.33 17.55
CA LYS C 553 43.28 17.04 16.34
C LYS C 553 41.76 17.10 16.23
N ASN C 554 41.10 15.97 16.46
CA ASN C 554 39.65 15.93 16.44
C ASN C 554 38.95 16.75 17.55
N THR C 555 39.58 16.76 18.73
CA THR C 555 39.11 17.49 19.89
C THR C 555 39.23 19.00 19.65
N LEU C 556 40.30 19.44 18.99
CA LEU C 556 40.45 20.82 18.55
C LEU C 556 39.37 21.25 17.56
N GLU C 557 39.13 20.44 16.53
CA GLU C 557 38.10 20.75 15.51
C GLU C 557 36.71 20.88 16.14
N GLU C 558 36.37 19.95 17.04
CA GLU C 558 35.07 19.94 17.68
C GLU C 558 34.84 21.17 18.57
N TYR C 559 35.88 21.52 19.34
CA TYR C 559 35.83 22.67 20.22
C TYR C 559 35.65 24.00 19.48
N ILE C 560 36.30 24.13 18.32
CA ILE C 560 36.07 25.26 17.41
C ILE C 560 34.57 25.43 17.06
N TYR C 561 33.94 24.37 16.59
CA TYR C 561 32.52 24.46 16.21
C TYR C 561 31.60 24.69 17.41
N THR C 562 31.91 24.04 18.54
CA THR C 562 31.05 24.04 19.73
C THR C 562 31.06 25.41 20.42
N LEU C 563 32.26 25.93 20.69
CA LEU C 563 32.47 27.25 21.26
C LEU C 563 32.04 28.40 20.37
N ARG C 564 32.24 28.30 19.06
CA ARG C 564 31.72 29.32 18.15
C ARG C 564 30.20 29.42 18.30
N GLY C 565 29.53 28.26 18.41
CA GLY C 565 28.08 28.20 18.49
C GLY C 565 27.56 28.75 19.79
N LYS C 566 28.25 28.41 20.87
CA LYS C 566 27.88 28.88 22.20
C LYS C 566 28.09 30.39 22.41
N LEU C 567 29.13 30.96 21.81
CA LEU C 567 29.35 32.41 21.83
C LEU C 567 28.21 33.20 21.18
N GLU C 568 27.61 32.62 20.16
CA GLU C 568 26.43 33.21 19.49
C GLU C 568 25.16 33.03 20.34
N GLU C 569 25.14 32.02 21.21
CA GLU C 569 23.95 31.64 21.96
C GLU C 569 24.04 31.90 23.49
N GLU C 570 24.14 30.81 24.25
CA GLU C 570 24.09 30.86 25.73
C GLU C 570 25.17 31.72 26.36
N TYR C 571 26.33 31.79 25.71
CA TYR C 571 27.49 32.53 26.24
C TYR C 571 27.48 34.01 25.91
N ALA C 572 26.56 34.45 25.05
CA ALA C 572 26.56 35.81 24.50
C ALA C 572 26.46 36.93 25.54
N PRO C 573 25.60 36.78 26.56
CA PRO C 573 25.57 37.75 27.67
C PRO C 573 26.79 37.74 28.61
N PHE C 574 27.77 36.85 28.43
CA PHE C 574 28.81 36.67 29.46
C PHE C 574 30.22 37.03 28.97
N ALA C 575 30.28 37.81 27.91
CA ALA C 575 31.54 38.15 27.29
C ALA C 575 31.50 39.61 26.84
N SER C 576 32.54 40.36 27.20
CA SER C 576 32.71 41.71 26.65
C SER C 576 32.87 41.67 25.14
N ASP C 577 32.65 42.80 24.47
CA ASP C 577 32.82 42.84 23.01
C ASP C 577 34.24 42.40 22.60
N ALA C 578 35.24 42.94 23.30
CA ALA C 578 36.65 42.60 23.11
C ALA C 578 36.95 41.11 23.25
N GLU C 579 36.39 40.48 24.27
CA GLU C 579 36.55 39.04 24.50
C GLU C 579 35.93 38.22 23.37
N LYS C 580 34.72 38.59 22.98
CA LYS C 580 33.99 37.94 21.90
C LYS C 580 34.74 38.05 20.55
N THR C 581 35.21 39.25 20.21
CA THR C 581 35.88 39.44 18.90
C THR C 581 37.24 38.76 18.82
N LYS C 582 38.01 38.84 19.90
CA LYS C 582 39.28 38.13 20.01
C LYS C 582 39.10 36.60 19.83
N LEU C 583 38.16 36.03 20.58
CA LEU C 583 37.88 34.59 20.50
C LEU C 583 37.39 34.16 19.12
N GLN C 584 36.47 34.93 18.53
CA GLN C 584 35.96 34.67 17.17
C GLN C 584 37.08 34.63 16.13
N GLY C 585 37.99 35.60 16.21
CA GLY C 585 39.13 35.69 15.32
C GLY C 585 40.06 34.50 15.51
N MET C 586 40.20 34.08 16.77
CA MET C 586 41.08 32.95 17.10
C MET C 586 40.48 31.62 16.64
N LEU C 587 39.16 31.49 16.77
CA LEU C 587 38.43 30.34 16.26
C LEU C 587 38.59 30.21 14.75
N ASN C 588 38.51 31.35 14.05
CA ASN C 588 38.67 31.38 12.60
C ASN C 588 40.08 31.00 12.19
N LYS C 589 41.07 31.56 12.90
CA LYS C 589 42.46 31.27 12.61
C LYS C 589 42.77 29.77 12.82
N ALA C 590 42.32 29.22 13.94
CA ALA C 590 42.53 27.80 14.24
C ALA C 590 41.84 26.84 13.25
N GLU C 591 40.68 27.25 12.73
CA GLU C 591 39.98 26.48 11.70
C GLU C 591 40.72 26.50 10.36
N GLU C 592 41.25 27.67 10.01
CA GLU C 592 42.05 27.86 8.79
C GLU C 592 43.35 27.03 8.91
N TRP C 593 43.89 26.99 10.12
CA TRP C 593 45.11 26.26 10.42
C TRP C 593 44.95 24.75 10.22
N LEU C 594 43.77 24.21 10.56
CA LEU C 594 43.46 22.79 10.39
C LEU C 594 43.56 22.31 8.93
N TYR C 595 43.32 23.20 7.99
CA TYR C 595 43.43 22.87 6.57
C TYR C 595 44.83 23.08 5.99
N ASP C 596 45.68 23.79 6.72
CA ASP C 596 47.03 24.07 6.25
C ASP C 596 48.05 23.25 7.03
N GLU C 597 48.82 23.91 7.90
CA GLU C 597 49.85 23.26 8.70
C GLU C 597 49.26 22.31 9.74
N GLY C 598 48.00 22.55 10.10
CA GLY C 598 47.29 21.71 11.06
C GLY C 598 46.69 20.45 10.46
N PHE C 599 46.76 20.31 9.15
CA PHE C 599 46.31 19.10 8.47
C PHE C 599 47.10 17.89 8.95
N ASP C 600 48.42 18.00 8.99
CA ASP C 600 49.26 16.90 9.47
C ASP C 600 50.34 17.43 10.41
N SER C 601 49.94 17.74 11.63
CA SER C 601 50.84 18.39 12.59
C SER C 601 51.22 17.46 13.73
N ILE C 602 51.92 17.99 14.74
CA ILE C 602 52.28 17.20 15.92
C ILE C 602 51.33 17.42 17.10
N LYS C 603 51.27 16.42 17.98
CA LYS C 603 50.40 16.44 19.16
C LYS C 603 50.46 17.74 19.97
N ALA C 604 51.69 18.23 20.22
CA ALA C 604 51.94 19.42 21.05
C ALA C 604 51.29 20.68 20.49
N LYS C 605 51.12 20.74 19.16
CA LYS C 605 50.50 21.89 18.52
C LYS C 605 48.97 21.83 18.55
N TYR C 606 48.40 20.63 18.46
CA TYR C 606 46.95 20.42 18.63
C TYR C 606 46.48 20.76 20.06
N ILE C 607 47.32 20.39 21.03
CA ILE C 607 47.12 20.74 22.44
C ILE C 607 47.23 22.27 22.67
N ALA C 608 48.32 22.86 22.20
CA ALA C 608 48.58 24.29 22.35
C ALA C 608 47.54 25.18 21.67
N LYS C 609 47.15 24.82 20.43
CA LYS C 609 46.09 25.55 19.72
C LYS C 609 44.77 25.48 20.47
N TYR C 610 44.49 24.30 21.00
CA TYR C 610 43.30 24.08 21.84
C TYR C 610 43.31 24.93 23.12
N GLU C 611 44.44 24.89 23.84
CA GLU C 611 44.57 25.56 25.14
C GLU C 611 44.37 27.06 25.01
N GLU C 612 45.00 27.66 23.99
CA GLU C 612 44.85 29.08 23.70
C GLU C 612 43.38 29.49 23.65
N LEU C 613 42.59 28.70 22.94
CA LEU C 613 41.14 28.89 22.78
C LEU C 613 40.37 28.62 24.06
N ALA C 614 40.72 27.52 24.72
CA ALA C 614 39.96 27.01 25.86
C ALA C 614 40.18 27.84 27.12
N SER C 615 41.37 28.39 27.29
CA SER C 615 41.68 29.22 28.46
C SER C 615 40.82 30.47 28.44
N LEU C 616 40.52 30.98 27.24
CA LEU C 616 39.52 32.03 27.06
C LEU C 616 38.08 31.50 27.09
N GLY C 617 37.83 30.40 26.37
CA GLY C 617 36.51 29.76 26.37
C GLY C 617 35.97 29.39 27.75
N ASN C 618 36.83 28.79 28.57
CA ASN C 618 36.45 28.38 29.93
C ASN C 618 36.14 29.54 30.86
N ILE C 619 36.78 30.69 30.64
CA ILE C 619 36.48 31.89 31.45
C ILE C 619 35.04 32.35 31.24
N ILE C 620 34.62 32.40 29.97
CA ILE C 620 33.25 32.73 29.61
C ILE C 620 32.27 31.63 30.07
N ARG C 621 32.61 30.35 29.86
CA ARG C 621 31.82 29.25 30.44
C ARG C 621 31.62 29.39 31.94
N GLY C 622 32.71 29.66 32.66
CA GLY C 622 32.69 29.87 34.11
C GLY C 622 31.66 30.89 34.55
N ARG C 623 31.55 31.97 33.79
CA ARG C 623 30.59 33.03 34.08
C ARG C 623 29.16 32.56 33.86
N TYR C 624 28.92 31.93 32.71
CA TYR C 624 27.63 31.37 32.37
C TYR C 624 27.11 30.40 33.46
N LEU C 625 27.93 29.40 33.79
CA LEU C 625 27.59 28.42 34.83
C LEU C 625 27.31 29.01 36.21
N ALA C 626 27.87 30.19 36.47
CA ALA C 626 27.67 30.89 37.74
C ALA C 626 26.36 31.66 37.81
N LYS C 627 25.87 32.14 36.68
CA LYS C 627 24.56 32.82 36.63
C LYS C 627 23.43 31.80 36.63
N GLU C 628 23.76 30.56 36.27
CA GLU C 628 22.84 29.43 36.42
C GLU C 628 22.63 29.11 37.92
N GLU C 629 23.71 28.61 38.54
CA GLU C 629 23.74 28.19 39.94
C GLU C 629 23.04 29.13 40.92
N GLU C 630 23.19 30.44 40.68
CA GLU C 630 22.77 31.44 41.65
C GLU C 630 21.29 31.85 41.57
N LYS C 631 20.63 31.48 40.47
CA LYS C 631 19.17 31.56 40.40
C LYS C 631 18.51 30.18 40.65
N LYS C 632 19.35 29.14 40.72
CA LYS C 632 18.95 27.83 41.26
C LYS C 632 18.96 27.88 42.80
N GLN C 633 19.46 29.00 43.34
CA GLN C 633 19.46 29.28 44.77
C GLN C 633 18.31 30.21 45.14
N ALA C 634 18.00 31.13 44.21
CA ALA C 634 16.77 31.94 44.28
C ALA C 634 15.55 31.04 44.13
N ILE C 635 15.74 29.92 43.43
CA ILE C 635 14.76 28.84 43.33
C ILE C 635 14.69 28.07 44.66
N ARG C 636 15.80 27.43 45.04
CA ARG C 636 15.89 26.57 46.23
C ARG C 636 15.59 27.31 47.56
N SER C 637 15.80 28.63 47.58
CA SER C 637 15.48 29.46 48.74
C SER C 637 14.65 30.67 48.33
N ALA D 4 12.05 -24.50 35.19
CA ALA D 4 12.00 -23.82 36.53
C ALA D 4 12.10 -22.30 36.39
N ALA D 5 13.04 -21.83 35.56
CA ALA D 5 13.34 -20.41 35.41
C ALA D 5 12.43 -19.68 34.42
N ALA D 6 12.07 -18.44 34.75
CA ALA D 6 11.28 -17.59 33.87
C ALA D 6 12.21 -16.75 33.00
N ILE D 7 11.68 -16.31 31.86
CA ILE D 7 12.46 -15.54 30.89
C ILE D 7 11.92 -14.12 30.71
N GLY D 8 12.74 -13.27 30.11
CA GLY D 8 12.34 -11.90 29.80
C GLY D 8 12.50 -11.72 28.31
N ILE D 9 11.43 -11.24 27.66
CA ILE D 9 11.41 -11.07 26.22
C ILE D 9 11.14 -9.62 25.85
N ASP D 10 12.11 -8.99 25.18
CA ASP D 10 11.88 -7.73 24.48
C ASP D 10 11.20 -8.01 23.13
N LEU D 11 9.91 -7.76 23.04
CA LEU D 11 9.17 -7.98 21.80
C LEU D 11 9.22 -6.70 20.97
N GLY D 12 10.26 -6.62 20.13
CA GLY D 12 10.57 -5.42 19.37
C GLY D 12 9.84 -5.37 18.06
N THR D 13 9.67 -4.16 17.55
CA THR D 13 8.99 -3.98 16.27
C THR D 13 9.79 -4.59 15.10
N THR D 14 11.12 -4.52 15.19
CA THR D 14 12.03 -4.98 14.16
C THR D 14 12.79 -6.25 14.58
N TYR D 15 13.28 -6.24 15.81
N TYR D 15 13.32 -6.24 15.80
CA TYR D 15 14.08 -7.35 16.37
CA TYR D 15 14.03 -7.40 16.32
C TYR D 15 13.57 -7.69 17.76
C TYR D 15 13.49 -7.72 17.71
N SER D 16 13.63 -8.98 18.11
CA SER D 16 13.31 -9.40 19.48
C SER D 16 14.56 -9.93 20.18
N CYS D 17 14.52 -9.92 21.51
CA CYS D 17 15.67 -10.31 22.31
C CYS D 17 15.16 -11.03 23.54
N VAL D 18 15.76 -12.17 23.88
CA VAL D 18 15.38 -12.91 25.09
C VAL D 18 16.57 -13.05 26.10
N GLY D 19 16.24 -12.99 27.39
CA GLY D 19 17.21 -13.12 28.45
C GLY D 19 16.72 -13.93 29.63
N VAL D 20 17.68 -14.49 30.36
CA VAL D 20 17.38 -15.25 31.57
C VAL D 20 18.29 -14.79 32.72
N PHE D 21 17.70 -14.71 33.92
CA PHE D 21 18.46 -14.48 35.15
C PHE D 21 18.88 -15.82 35.77
N GLN D 22 20.16 -16.15 35.65
CA GLN D 22 20.72 -17.39 36.20
C GLN D 22 22.09 -17.15 36.85
N HIS D 23 22.38 -17.87 37.94
CA HIS D 23 23.61 -17.69 38.74
C HIS D 23 23.78 -16.24 39.21
N GLY D 24 22.69 -15.59 39.60
CA GLY D 24 22.74 -14.20 40.04
C GLY D 24 23.19 -13.18 39.00
N LYS D 25 22.99 -13.47 37.71
CA LYS D 25 23.33 -12.53 36.63
C LYS D 25 22.44 -12.75 35.41
N VAL D 26 22.22 -11.70 34.63
CA VAL D 26 21.44 -11.82 33.39
C VAL D 26 22.27 -12.39 32.24
N GLU D 27 21.76 -13.45 31.61
CA GLU D 27 22.30 -14.01 30.38
C GLU D 27 21.36 -13.74 29.19
N ILE D 28 21.87 -13.04 28.17
CA ILE D 28 21.15 -12.86 26.92
C ILE D 28 21.47 -14.08 26.05
N ILE D 29 20.43 -14.69 25.48
CA ILE D 29 20.53 -15.98 24.79
C ILE D 29 20.63 -15.81 23.26
N ALA D 30 21.73 -16.29 22.69
CA ALA D 30 21.91 -16.35 21.24
C ALA D 30 21.02 -17.44 20.60
N ASN D 31 20.47 -17.15 19.42
CA ASN D 31 19.70 -18.16 18.67
C ASN D 31 20.62 -19.16 17.99
N ASP D 32 20.06 -20.05 17.17
CA ASP D 32 20.86 -21.14 16.63
C ASP D 32 21.84 -20.69 15.56
N GLN D 33 21.69 -19.42 15.15
CA GLN D 33 22.59 -18.77 14.19
C GLN D 33 23.68 -17.95 14.85
N GLY D 34 23.62 -17.87 16.18
CA GLY D 34 24.63 -17.14 16.95
C GLY D 34 24.28 -15.70 17.26
N ASN D 35 23.07 -15.29 16.88
CA ASN D 35 22.59 -13.92 16.99
C ASN D 35 21.86 -13.63 18.31
N ARG D 36 22.25 -12.54 18.96
CA ARG D 36 21.72 -12.19 20.27
C ARG D 36 20.39 -11.44 20.16
N THR D 37 20.03 -11.07 18.93
CA THR D 37 18.67 -10.62 18.62
C THR D 37 18.14 -11.41 17.42
N THR D 38 16.81 -11.52 17.33
CA THR D 38 16.14 -12.29 16.28
C THR D 38 15.10 -11.39 15.61
N PRO D 39 15.14 -11.28 14.26
CA PRO D 39 14.12 -10.48 13.55
C PRO D 39 12.68 -10.90 13.88
N SER D 40 11.82 -9.90 14.12
CA SER D 40 10.38 -10.11 14.30
C SER D 40 9.73 -10.30 12.93
N TYR D 41 10.09 -11.41 12.28
CA TYR D 41 9.69 -11.72 10.92
C TYR D 41 9.18 -13.14 10.89
N VAL D 42 8.07 -13.32 10.17
CA VAL D 42 7.48 -14.61 9.90
C VAL D 42 7.19 -14.64 8.40
N ALA D 43 7.61 -15.70 7.73
CA ALA D 43 7.34 -15.88 6.30
C ALA D 43 6.60 -17.19 6.07
N PHE D 44 5.76 -17.20 5.05
CA PHE D 44 5.01 -18.38 4.62
C PHE D 44 5.37 -18.71 3.18
N THR D 45 5.77 -19.96 2.94
CA THR D 45 6.19 -20.40 1.62
C THR D 45 5.19 -21.44 1.07
N ASP D 46 5.53 -22.05 -0.06
CA ASP D 46 4.71 -23.13 -0.62
C ASP D 46 4.85 -24.43 0.16
N THR D 47 5.69 -24.41 1.19
CA THR D 47 6.25 -25.64 1.73
C THR D 47 6.37 -25.59 3.27
N GLU D 48 6.48 -24.38 3.82
CA GLU D 48 6.80 -24.21 5.25
C GLU D 48 6.56 -22.79 5.79
N ARG D 49 6.53 -22.70 7.12
CA ARG D 49 6.54 -21.44 7.81
C ARG D 49 7.98 -21.16 8.27
N LEU D 50 8.42 -19.91 8.14
CA LEU D 50 9.76 -19.51 8.61
C LEU D 50 9.67 -18.37 9.61
N ILE D 51 10.51 -18.44 10.66
CA ILE D 51 10.52 -17.41 11.71
C ILE D 51 11.92 -16.85 11.96
N GLY D 52 12.01 -15.53 12.11
CA GLY D 52 13.26 -14.89 12.50
C GLY D 52 14.24 -14.68 11.36
N ASP D 53 15.48 -15.16 11.56
CA ASP D 53 16.55 -14.99 10.59
C ASP D 53 16.20 -15.56 9.20
N ALA D 54 15.63 -16.75 9.19
CA ALA D 54 15.26 -17.42 7.94
C ALA D 54 14.15 -16.67 7.20
N ALA D 55 13.21 -16.08 7.96
CA ALA D 55 12.19 -15.22 7.36
C ALA D 55 12.79 -13.93 6.76
N LYS D 56 13.57 -13.21 7.54
CA LYS D 56 14.22 -11.99 7.06
C LYS D 56 15.16 -12.26 5.88
N ASN D 57 15.92 -13.35 5.90
CA ASN D 57 16.93 -13.63 4.84
C ASN D 57 16.35 -13.72 3.41
N GLN D 58 15.09 -14.12 3.37
CA GLN D 58 14.43 -14.62 2.18
C GLN D 58 13.40 -13.59 1.68
N VAL D 59 13.40 -12.41 2.30
CA VAL D 59 12.34 -11.40 2.13
C VAL D 59 12.24 -10.83 0.72
N ALA D 60 13.38 -10.64 0.06
CA ALA D 60 13.43 -10.03 -1.26
C ALA D 60 12.78 -10.91 -2.35
N LEU D 61 12.86 -12.23 -2.17
CA LEU D 61 12.31 -13.21 -3.13
C LEU D 61 10.87 -13.65 -2.81
N ASN D 62 10.38 -13.34 -1.61
CA ASN D 62 9.03 -13.71 -1.18
C ASN D 62 8.32 -12.56 -0.44
N PRO D 63 8.26 -11.35 -1.04
CA PRO D 63 7.94 -10.18 -0.24
C PRO D 63 6.46 -10.06 0.20
N GLN D 64 5.55 -10.66 -0.55
CA GLN D 64 4.12 -10.57 -0.23
C GLN D 64 3.71 -11.46 0.92
N ASN D 65 4.54 -12.47 1.20
CA ASN D 65 4.22 -13.51 2.17
C ASN D 65 5.16 -13.50 3.37
N THR D 66 6.04 -12.50 3.39
CA THR D 66 6.97 -12.26 4.50
C THR D 66 6.47 -11.10 5.37
N VAL D 67 6.10 -11.41 6.61
CA VAL D 67 5.43 -10.46 7.50
C VAL D 67 6.38 -9.86 8.57
N PHE D 68 6.26 -8.55 8.76
CA PHE D 68 7.01 -7.80 9.75
C PHE D 68 6.14 -6.61 10.20
N ASP D 69 6.63 -5.84 11.19
CA ASP D 69 5.93 -4.65 11.70
C ASP D 69 4.56 -4.95 12.32
N ALA D 70 4.33 -6.18 12.79
CA ALA D 70 3.02 -6.55 13.35
C ALA D 70 2.70 -5.77 14.62
N LYS D 71 3.77 -5.30 15.28
CA LYS D 71 3.68 -4.45 16.47
C LYS D 71 2.99 -3.11 16.15
N ARG D 72 3.12 -2.67 14.89
CA ARG D 72 2.42 -1.47 14.40
C ARG D 72 0.92 -1.74 14.26
N LEU D 73 0.55 -3.02 14.16
CA LEU D 73 -0.83 -3.44 13.96
C LEU D 73 -1.51 -3.94 15.23
N ILE D 74 -0.70 -4.41 16.18
CA ILE D 74 -1.21 -5.16 17.32
C ILE D 74 -2.04 -4.28 18.25
N GLY D 75 -3.24 -4.72 18.56
CA GLY D 75 -4.14 -4.00 19.46
C GLY D 75 -4.82 -2.81 18.86
N ARG D 76 -4.75 -2.70 17.53
CA ARG D 76 -5.39 -1.59 16.82
C ARG D 76 -6.61 -2.05 16.04
N LYS D 77 -7.48 -1.09 15.75
CA LYS D 77 -8.65 -1.31 14.91
C LYS D 77 -8.31 -0.95 13.46
N PHE D 78 -8.74 -1.83 12.52
CA PHE D 78 -8.66 -1.53 11.10
C PHE D 78 -9.52 -0.30 10.85
N GLY D 79 -8.86 0.86 10.71
CA GLY D 79 -9.63 2.10 10.59
C GLY D 79 -8.94 3.31 11.17
N ASP D 80 -8.14 3.07 12.26
CA ASP D 80 -7.40 4.22 12.83
C ASP D 80 -6.23 4.58 11.92
N PRO D 81 -6.08 5.89 11.61
CA PRO D 81 -5.11 6.51 10.71
C PRO D 81 -3.73 5.85 10.63
N VAL D 82 -3.21 5.37 11.76
CA VAL D 82 -1.89 4.72 11.78
C VAL D 82 -1.83 3.47 10.90
N VAL D 83 -2.82 2.59 11.07
CA VAL D 83 -2.96 1.36 10.30
C VAL D 83 -3.12 1.67 8.81
N GLN D 84 -4.02 2.60 8.51
CA GLN D 84 -4.29 3.04 7.14
C GLN D 84 -3.07 3.67 6.45
N SER D 85 -2.28 4.42 7.20
CA SER D 85 -1.10 5.09 6.64
C SER D 85 0.05 4.12 6.41
N ASP D 86 0.15 3.12 7.30
CA ASP D 86 1.22 2.13 7.27
C ASP D 86 1.07 1.12 6.14
N MET D 87 -0.17 0.68 5.90
CA MET D 87 -0.41 -0.45 5.00
C MET D 87 -0.14 -0.14 3.53
N LYS D 88 -0.14 1.16 3.18
CA LYS D 88 0.35 1.65 1.89
C LYS D 88 1.71 1.07 1.53
N HIS D 89 2.58 1.01 2.54
CA HIS D 89 4.00 0.74 2.34
C HIS D 89 4.38 -0.75 2.39
N TRP D 90 3.64 -1.52 3.20
CA TRP D 90 3.85 -2.97 3.29
C TRP D 90 3.55 -3.71 1.99
N PRO D 91 4.41 -4.70 1.62
CA PRO D 91 4.17 -5.52 0.43
C PRO D 91 3.16 -6.66 0.64
N PHE D 92 2.84 -6.97 1.88
CA PHE D 92 1.80 -7.95 2.21
C PHE D 92 0.44 -7.27 2.39
N GLN D 93 -0.63 -8.04 2.23
CA GLN D 93 -1.98 -7.49 2.30
C GLN D 93 -2.55 -7.47 3.73
N VAL D 94 -3.19 -6.36 4.08
CA VAL D 94 -3.90 -6.22 5.35
C VAL D 94 -5.39 -6.06 5.04
N ILE D 95 -6.20 -6.92 5.63
CA ILE D 95 -7.66 -6.93 5.42
C ILE D 95 -8.44 -6.59 6.71
N ASN D 96 -9.74 -6.37 6.55
CA ASN D 96 -10.64 -6.02 7.64
C ASN D 96 -11.50 -7.22 8.05
N ASP D 97 -11.35 -7.67 9.29
CA ASP D 97 -12.18 -8.76 9.83
C ASP D 97 -13.50 -8.26 10.43
N GLY D 98 -13.44 -7.10 11.06
CA GLY D 98 -14.62 -6.47 11.65
C GLY D 98 -14.10 -5.36 12.54
N ASP D 99 -13.42 -4.41 11.88
CA ASP D 99 -12.66 -3.36 12.54
C ASP D 99 -11.30 -3.89 13.03
N LYS D 100 -11.01 -5.16 12.78
CA LYS D 100 -9.71 -5.76 13.17
C LYS D 100 -8.83 -6.06 11.97
N PRO D 101 -7.54 -5.65 12.03
CA PRO D 101 -6.65 -6.00 10.92
C PRO D 101 -6.28 -7.47 10.94
N LYS D 102 -6.12 -8.05 9.75
CA LYS D 102 -5.56 -9.38 9.55
C LYS D 102 -4.58 -9.25 8.40
N VAL D 103 -3.41 -9.89 8.52
CA VAL D 103 -2.50 -10.00 7.38
C VAL D 103 -2.86 -11.25 6.59
N GLN D 104 -3.07 -11.07 5.28
CA GLN D 104 -3.39 -12.17 4.38
C GLN D 104 -2.19 -12.58 3.53
N VAL D 105 -1.96 -13.89 3.42
CA VAL D 105 -0.78 -14.43 2.72
C VAL D 105 -1.12 -15.68 1.89
N SER D 106 -0.20 -16.09 1.00
CA SER D 106 -0.19 -17.46 0.48
C SER D 106 0.67 -18.34 1.39
N TYR D 107 0.09 -19.47 1.81
CA TYR D 107 0.79 -20.44 2.64
C TYR D 107 0.40 -21.84 2.15
N LYS D 108 1.39 -22.52 1.55
CA LYS D 108 1.19 -23.84 0.92
C LYS D 108 0.13 -23.78 -0.19
N GLY D 109 0.32 -22.85 -1.13
CA GLY D 109 -0.58 -22.66 -2.27
C GLY D 109 -2.03 -22.39 -1.90
N GLU D 110 -2.23 -21.64 -0.81
CA GLU D 110 -3.56 -21.41 -0.24
C GLU D 110 -3.59 -20.09 0.51
N THR D 111 -4.74 -19.44 0.52
CA THR D 111 -4.90 -18.13 1.17
C THR D 111 -5.29 -18.26 2.64
N LYS D 112 -4.40 -17.81 3.52
CA LYS D 112 -4.61 -17.78 4.97
C LYS D 112 -4.51 -16.34 5.49
N ALA D 113 -5.21 -16.05 6.59
CA ALA D 113 -5.14 -14.74 7.24
C ALA D 113 -4.91 -14.86 8.75
N PHE D 114 -4.01 -14.03 9.27
CA PHE D 114 -3.62 -14.05 10.67
C PHE D 114 -3.83 -12.69 11.35
N TYR D 115 -4.34 -12.71 12.58
CA TYR D 115 -4.42 -11.50 13.40
C TYR D 115 -3.01 -11.09 13.82
N PRO D 116 -2.77 -9.77 14.04
CA PRO D 116 -1.43 -9.33 14.47
C PRO D 116 -0.88 -10.15 15.64
N GLU D 117 -1.72 -10.45 16.63
CA GLU D 117 -1.26 -11.19 17.82
C GLU D 117 -0.90 -12.66 17.50
N GLU D 118 -1.43 -13.17 16.41
CA GLU D 118 -1.08 -14.51 15.94
C GLU D 118 0.35 -14.59 15.41
N ILE D 119 0.76 -13.65 14.55
CA ILE D 119 2.17 -13.62 14.09
C ILE D 119 3.18 -13.23 15.21
N SER D 120 2.77 -12.32 16.10
CA SER D 120 3.60 -11.99 17.28
C SER D 120 3.78 -13.19 18.21
N SER D 121 2.76 -14.04 18.31
CA SER D 121 2.89 -15.29 19.06
C SER D 121 3.88 -16.24 18.42
N MET D 122 4.02 -16.14 17.10
CA MET D 122 4.94 -17.00 16.35
C MET D 122 6.37 -16.54 16.61
N VAL D 123 6.57 -15.22 16.62
CA VAL D 123 7.83 -14.62 17.05
C VAL D 123 8.15 -15.00 18.50
N LEU D 124 7.16 -14.90 19.39
CA LEU D 124 7.29 -15.26 20.80
C LEU D 124 7.62 -16.73 21.04
N THR D 125 7.01 -17.61 20.24
CA THR D 125 7.34 -19.05 20.22
C THR D 125 8.82 -19.29 19.89
N LYS D 126 9.38 -18.51 18.98
CA LYS D 126 10.78 -18.64 18.58
C LYS D 126 11.69 -18.27 19.75
N MET D 127 11.37 -17.16 20.41
CA MET D 127 12.13 -16.65 21.56
C MET D 127 12.11 -17.63 22.70
N LYS D 128 10.97 -18.30 22.86
CA LYS D 128 10.74 -19.35 23.85
C LYS D 128 11.56 -20.62 23.55
N GLU D 129 11.61 -21.03 22.28
CA GLU D 129 12.41 -22.18 21.87
C GLU D 129 13.92 -21.93 21.99
N ILE D 130 14.36 -20.71 21.64
CA ILE D 130 15.74 -20.26 21.86
C ILE D 130 16.18 -20.42 23.32
N ALA D 131 15.33 -19.98 24.25
CA ALA D 131 15.60 -20.09 25.69
C ALA D 131 15.65 -21.54 26.16
N GLU D 132 14.66 -22.34 25.76
CA GLU D 132 14.58 -23.76 26.08
C GLU D 132 15.75 -24.56 25.55
N ALA D 133 16.22 -24.21 24.36
CA ALA D 133 17.45 -24.77 23.79
C ALA D 133 18.66 -24.50 24.68
N TYR D 134 18.78 -23.29 25.19
CA TYR D 134 19.89 -22.92 26.04
C TYR D 134 19.75 -23.47 27.45
N LEU D 135 18.53 -23.42 28.00
CA LEU D 135 18.27 -23.93 29.35
C LEU D 135 18.29 -25.47 29.43
N GLY D 136 17.81 -26.13 28.38
CA GLY D 136 17.80 -27.59 28.34
C GLY D 136 16.56 -28.19 29.00
N TYR D 137 15.52 -27.37 29.16
CA TYR D 137 14.23 -27.78 29.73
C TYR D 137 13.13 -26.82 29.27
N PRO D 138 11.85 -27.25 29.35
CA PRO D 138 10.72 -26.42 28.92
C PRO D 138 10.56 -25.13 29.74
N VAL D 139 10.25 -24.02 29.06
CA VAL D 139 10.02 -22.72 29.68
C VAL D 139 8.53 -22.35 29.55
N THR D 140 7.88 -22.04 30.66
CA THR D 140 6.46 -21.70 30.67
C THR D 140 6.13 -20.31 31.23
N ASN D 141 7.12 -19.62 31.79
CA ASN D 141 6.89 -18.35 32.48
C ASN D 141 7.68 -17.21 31.85
N ALA D 142 7.02 -16.07 31.63
CA ALA D 142 7.67 -14.96 30.92
C ALA D 142 7.19 -13.55 31.28
N VAL D 143 8.12 -12.62 31.32
CA VAL D 143 7.79 -11.20 31.23
C VAL D 143 7.98 -10.71 29.78
N ILE D 144 6.96 -10.03 29.28
CA ILE D 144 7.01 -9.44 27.94
C ILE D 144 6.89 -7.92 28.09
N THR D 145 7.71 -7.19 27.33
CA THR D 145 7.70 -5.73 27.35
C THR D 145 6.84 -5.12 26.20
N VAL D 146 6.37 -3.90 26.41
CA VAL D 146 5.58 -3.13 25.44
C VAL D 146 6.00 -1.66 25.56
N PRO D 147 5.80 -0.85 24.51
CA PRO D 147 6.03 0.60 24.64
C PRO D 147 5.20 1.22 25.77
N ALA D 148 5.72 2.28 26.40
CA ALA D 148 4.97 2.95 27.47
C ALA D 148 3.63 3.53 27.02
N TYR D 149 3.54 3.91 25.74
CA TYR D 149 2.36 4.58 25.19
C TYR D 149 1.23 3.63 24.78
N PHE D 150 1.53 2.33 24.76
CA PHE D 150 0.55 1.27 24.49
C PHE D 150 -0.70 1.35 25.37
N ASN D 151 -1.89 1.31 24.73
CA ASN D 151 -3.15 1.27 25.47
C ASN D 151 -3.49 -0.14 25.97
N ASP D 152 -4.67 -0.29 26.58
CA ASP D 152 -5.09 -1.57 27.17
C ASP D 152 -5.31 -2.69 26.14
N SER D 153 -5.90 -2.34 24.99
CA SER D 153 -6.07 -3.27 23.89
C SER D 153 -4.69 -3.74 23.39
N GLN D 154 -3.78 -2.79 23.16
CA GLN D 154 -2.41 -3.13 22.75
C GLN D 154 -1.68 -4.04 23.76
N ARG D 155 -1.85 -3.75 25.06
CA ARG D 155 -1.30 -4.59 26.13
C ARG D 155 -1.94 -5.98 26.19
N GLN D 156 -3.26 -6.03 26.06
CA GLN D 156 -4.02 -7.30 26.00
C GLN D 156 -3.64 -8.21 24.84
N ALA D 157 -3.64 -7.66 23.63
CA ALA D 157 -3.24 -8.40 22.44
C ALA D 157 -1.81 -8.96 22.57
N THR D 158 -0.91 -8.19 23.17
CA THR D 158 0.45 -8.67 23.46
C THR D 158 0.43 -9.85 24.46
N LYS D 159 -0.34 -9.70 25.55
CA LYS D 159 -0.56 -10.79 26.50
C LYS D 159 -1.14 -12.04 25.82
N ASP D 160 -2.19 -11.83 25.01
CA ASP D 160 -2.81 -12.86 24.17
C ASP D 160 -1.78 -13.61 23.32
N ALA D 161 -0.85 -12.88 22.71
CA ALA D 161 0.18 -13.48 21.87
C ALA D 161 1.05 -14.44 22.69
N GLY D 162 1.42 -14.02 23.90
CA GLY D 162 2.15 -14.86 24.83
C GLY D 162 1.38 -16.11 25.26
N VAL D 163 0.07 -15.97 25.47
CA VAL D 163 -0.79 -17.10 25.82
C VAL D 163 -0.78 -18.12 24.69
N ILE D 164 -1.12 -17.68 23.48
CA ILE D 164 -1.03 -18.50 22.26
C ILE D 164 0.32 -19.22 22.11
N ALA D 165 1.42 -18.52 22.43
CA ALA D 165 2.78 -19.09 22.39
C ALA D 165 3.06 -20.18 23.45
N GLY D 166 2.15 -20.33 24.41
CA GLY D 166 2.29 -21.33 25.47
C GLY D 166 2.94 -20.81 26.75
N LEU D 167 3.06 -19.49 26.85
CA LEU D 167 3.68 -18.82 27.99
C LEU D 167 2.66 -18.25 28.96
N ASN D 168 2.95 -18.37 30.26
CA ASN D 168 2.25 -17.65 31.30
C ASN D 168 2.90 -16.26 31.40
N VAL D 169 2.11 -15.21 31.13
CA VAL D 169 2.63 -13.83 31.17
C VAL D 169 2.58 -13.28 32.60
N LEU D 170 3.73 -13.32 33.27
CA LEU D 170 3.86 -12.85 34.65
C LEU D 170 3.46 -11.38 34.77
N ARG D 171 3.92 -10.58 33.80
CA ARG D 171 3.57 -9.17 33.70
C ARG D 171 3.88 -8.66 32.30
N ILE D 172 3.19 -7.60 31.92
CA ILE D 172 3.53 -6.78 30.77
C ILE D 172 4.11 -5.51 31.38
N ILE D 173 5.39 -5.24 31.16
CA ILE D 173 5.95 -3.96 31.63
C ILE D 173 6.38 -3.02 30.50
N ASN D 174 6.31 -1.72 30.79
CA ASN D 174 6.79 -0.68 29.90
C ASN D 174 8.24 -0.85 29.62
N GLU D 175 8.63 -0.57 28.37
CA GLU D 175 10.01 -0.69 27.92
C GLU D 175 10.99 0.23 28.69
N PRO D 176 10.68 1.54 28.83
CA PRO D 176 11.55 2.42 29.62
C PRO D 176 11.76 1.97 31.07
N THR D 177 10.75 1.28 31.60
CA THR D 177 10.77 0.80 32.97
C THR D 177 11.64 -0.44 33.10
N ALA D 178 11.60 -1.31 32.09
CA ALA D 178 12.51 -2.44 31.99
C ALA D 178 13.98 -1.99 31.89
N ALA D 179 14.25 -0.99 31.05
CA ALA D 179 15.56 -0.36 30.97
C ALA D 179 16.03 0.18 32.34
N ALA D 180 15.11 0.82 33.07
CA ALA D 180 15.41 1.37 34.40
C ALA D 180 15.75 0.30 35.43
N ILE D 181 15.04 -0.84 35.38
CA ILE D 181 15.37 -1.91 36.32
C ILE D 181 16.68 -2.66 35.97
N ALA D 182 17.00 -2.75 34.68
CA ALA D 182 18.31 -3.23 34.20
C ALA D 182 19.45 -2.47 34.91
N TYR D 183 19.27 -1.17 35.09
CA TYR D 183 20.27 -0.33 35.75
C TYR D 183 20.12 -0.22 37.27
N GLY D 184 19.20 -1.01 37.83
CA GLY D 184 18.93 -1.04 39.26
C GLY D 184 18.42 0.26 39.87
N LEU D 185 17.71 1.05 39.08
CA LEU D 185 17.16 2.35 39.53
C LEU D 185 15.95 2.22 40.46
N ASP D 186 15.40 1.01 40.51
CA ASP D 186 14.32 0.65 41.44
C ASP D 186 14.83 0.26 42.85
N ARG D 187 16.15 0.29 43.02
N ARG D 187 16.14 0.31 43.03
CA ARG D 187 16.81 -0.22 44.22
CA ARG D 187 16.77 -0.22 44.23
C ARG D 187 17.37 0.86 45.15
C ARG D 187 17.42 0.87 45.12
N THR D 188 17.02 2.13 44.90
CA THR D 188 17.59 3.25 45.65
C THR D 188 16.78 3.65 46.87
N GLY D 189 15.71 2.89 47.15
CA GLY D 189 14.90 3.11 48.34
C GLY D 189 14.03 4.36 48.23
N LYS D 190 13.51 4.79 49.39
CA LYS D 190 12.62 5.96 49.50
C LYS D 190 13.23 7.24 48.92
N GLY D 191 12.34 8.15 48.48
CA GLY D 191 12.78 9.41 47.88
C GLY D 191 12.68 9.28 46.37
N GLU D 192 11.85 10.12 45.75
CA GLU D 192 11.60 10.01 44.32
C GLU D 192 12.72 10.58 43.45
N ARG D 193 13.05 9.84 42.39
CA ARG D 193 13.95 10.36 41.38
C ARG D 193 13.27 10.35 40.01
N ASN D 194 13.45 11.45 39.28
CA ASN D 194 12.98 11.58 37.90
C ASN D 194 14.02 11.02 36.92
N VAL D 195 13.57 10.09 36.09
CA VAL D 195 14.44 9.36 35.16
C VAL D 195 13.96 9.56 33.72
N LEU D 196 14.88 9.98 32.85
CA LEU D 196 14.55 10.15 31.44
C LEU D 196 15.23 9.03 30.67
N ILE D 197 14.41 8.26 29.96
CA ILE D 197 14.89 7.17 29.15
C ILE D 197 14.90 7.65 27.70
N PHE D 198 16.06 7.52 27.06
CA PHE D 198 16.29 8.04 25.73
C PHE D 198 16.56 6.82 24.83
N ASP D 199 15.55 6.48 24.03
CA ASP D 199 15.53 5.25 23.24
C ASP D 199 15.51 5.53 21.73
N LEU D 200 16.71 5.66 21.15
CA LEU D 200 16.90 5.97 19.74
C LEU D 200 17.59 4.79 19.07
N GLY D 201 16.85 4.07 18.22
CA GLY D 201 17.41 2.86 17.63
C GLY D 201 16.56 2.13 16.61
N GLY D 202 17.01 2.17 15.36
CA GLY D 202 16.36 1.53 14.21
C GLY D 202 15.07 2.22 13.85
N GLY D 203 15.17 3.52 13.55
CA GLY D 203 14.01 4.33 13.10
C GLY D 203 13.00 4.81 14.15
N THR D 204 12.87 4.06 15.25
CA THR D 204 11.98 4.49 16.36
C THR D 204 12.72 5.34 17.38
N PHE D 205 12.05 6.42 17.77
CA PHE D 205 12.60 7.39 18.71
C PHE D 205 11.59 7.66 19.82
N ASP D 206 11.87 7.07 20.98
CA ASP D 206 11.00 7.15 22.15
C ASP D 206 11.72 7.77 23.35
N VAL D 207 11.08 8.78 23.93
CA VAL D 207 11.55 9.46 25.13
C VAL D 207 10.51 9.33 26.23
N SER D 208 10.91 8.80 27.38
CA SER D 208 10.03 8.67 28.53
C SER D 208 10.65 9.32 29.75
N ILE D 209 9.82 9.97 30.55
CA ILE D 209 10.16 10.39 31.89
C ILE D 209 9.34 9.54 32.89
N LEU D 210 10.05 8.85 33.77
CA LEU D 210 9.43 8.11 34.87
C LEU D 210 9.81 8.77 36.20
N THR D 211 8.96 8.54 37.20
CA THR D 211 9.34 8.80 38.58
C THR D 211 9.45 7.47 39.29
N ILE D 212 10.52 7.32 40.07
N ILE D 212 10.53 7.31 40.07
CA ILE D 212 10.76 6.13 40.87
CA ILE D 212 10.76 6.11 40.85
C ILE D 212 10.85 6.51 42.33
C ILE D 212 10.86 6.49 42.32
N ASP D 213 10.06 5.83 43.16
CA ASP D 213 10.05 6.08 44.59
C ASP D 213 9.78 4.75 45.28
N ASP D 214 10.79 4.22 45.99
CA ASP D 214 10.61 2.99 46.77
C ASP D 214 10.34 1.79 45.85
N GLY D 215 11.05 1.74 44.72
CA GLY D 215 10.83 0.70 43.71
C GLY D 215 9.55 0.84 42.91
N ILE D 216 8.76 1.87 43.20
CA ILE D 216 7.46 2.09 42.56
C ILE D 216 7.59 3.08 41.41
N PHE D 217 7.27 2.59 40.21
CA PHE D 217 7.34 3.36 38.98
C PHE D 217 6.03 4.09 38.66
N GLU D 218 6.16 5.33 38.21
CA GLU D 218 5.07 6.08 37.62
C GLU D 218 5.57 6.74 36.33
N VAL D 219 4.85 6.51 35.23
CA VAL D 219 5.14 7.17 33.96
C VAL D 219 4.60 8.59 33.99
N LYS D 220 5.47 9.56 33.70
CA LYS D 220 5.09 10.97 33.73
C LYS D 220 4.86 11.56 32.33
N ALA D 221 5.68 11.16 31.36
CA ALA D 221 5.59 11.66 30.00
C ALA D 221 6.18 10.67 29.00
N THR D 222 5.61 10.65 27.79
CA THR D 222 6.18 9.96 26.63
C THR D 222 6.17 10.88 25.41
N ALA D 223 7.26 10.88 24.64
CA ALA D 223 7.37 11.68 23.41
C ALA D 223 7.92 10.84 22.25
N GLY D 224 7.08 10.62 21.24
CA GLY D 224 7.32 9.61 20.19
C GLY D 224 7.53 10.14 18.78
N ASP D 225 8.60 9.66 18.15
CA ASP D 225 9.05 10.17 16.85
C ASP D 225 9.13 9.07 15.77
N THR D 226 8.47 9.36 14.64
CA THR D 226 8.37 8.43 13.51
C THR D 226 9.66 8.37 12.67
N HIS D 227 10.07 9.52 12.14
CA HIS D 227 11.23 9.61 11.23
C HIS D 227 12.47 10.31 11.83
N LEU D 228 13.37 9.49 12.36
CA LEU D 228 14.77 9.85 12.59
C LEU D 228 15.54 8.54 12.67
N GLY D 229 16.46 8.32 11.73
CA GLY D 229 17.17 7.03 11.62
C GLY D 229 18.61 7.02 11.15
N GLY D 230 18.82 7.01 9.83
CA GLY D 230 20.14 6.84 9.26
C GLY D 230 20.34 7.53 7.93
N GLU D 231 19.42 7.29 7.00
CA GLU D 231 19.45 7.89 5.65
C GLU D 231 19.66 9.41 5.70
N ASP D 232 19.11 10.03 6.74
CA ASP D 232 19.27 11.45 7.05
C ASP D 232 20.74 11.85 7.12
N PHE D 233 21.51 11.11 7.91
CA PHE D 233 22.92 11.38 8.14
C PHE D 233 23.81 11.00 6.96
N ASP D 234 23.51 9.86 6.31
CA ASP D 234 24.21 9.39 5.12
C ASP D 234 24.12 10.36 3.93
N ASN D 235 22.93 10.96 3.73
CA ASN D 235 22.72 11.93 2.64
C ASN D 235 23.60 13.19 2.72
N ARG D 236 23.95 13.60 3.94
CA ARG D 236 24.81 14.77 4.13
C ARG D 236 26.25 14.44 3.80
N LEU D 237 26.68 13.25 4.19
CA LEU D 237 27.99 12.73 3.81
C LEU D 237 28.10 12.60 2.29
N VAL D 238 27.07 12.02 1.66
CA VAL D 238 27.00 11.88 0.19
C VAL D 238 27.18 13.24 -0.48
N ASN D 239 26.32 14.19 -0.13
CA ASN D 239 26.37 15.57 -0.63
C ASN D 239 27.70 16.27 -0.39
N HIS D 240 28.31 16.01 0.77
CA HIS D 240 29.58 16.61 1.13
C HIS D 240 30.69 16.11 0.22
N PHE D 241 30.69 14.81 -0.07
CA PHE D 241 31.73 14.22 -0.93
C PHE D 241 31.53 14.48 -2.43
N VAL D 242 30.29 14.34 -2.89
CA VAL D 242 29.89 14.83 -4.24
C VAL D 242 30.47 16.24 -4.52
N GLU D 243 30.33 17.14 -3.54
CA GLU D 243 30.87 18.49 -3.69
C GLU D 243 32.41 18.50 -3.71
N GLU D 244 33.03 17.69 -2.85
CA GLU D 244 34.50 17.57 -2.77
C GLU D 244 35.10 17.04 -4.09
N PHE D 245 34.42 16.06 -4.69
CA PHE D 245 34.78 15.51 -5.99
C PHE D 245 34.73 16.57 -7.11
N LYS D 246 33.79 17.51 -7.00
CA LYS D 246 33.67 18.62 -7.94
C LYS D 246 34.79 19.65 -7.80
N ARG D 247 35.11 20.03 -6.57
CA ARG D 247 36.22 20.95 -6.31
C ARG D 247 37.56 20.37 -6.77
N LYS D 248 37.84 19.12 -6.37
CA LYS D 248 39.10 18.46 -6.68
C LYS D 248 39.29 18.15 -8.19
N HIS D 249 38.25 17.59 -8.82
CA HIS D 249 38.37 17.12 -10.21
C HIS D 249 37.61 17.92 -11.28
N LYS D 250 36.86 18.95 -10.85
CA LYS D 250 36.04 19.81 -11.73
C LYS D 250 34.93 19.06 -12.47
N LYS D 251 34.50 17.94 -11.90
CA LYS D 251 33.44 17.10 -12.48
C LYS D 251 32.31 16.87 -11.47
N ASP D 252 31.06 16.91 -11.96
CA ASP D 252 29.88 16.67 -11.11
C ASP D 252 29.44 15.19 -11.28
N ILE D 253 29.60 14.40 -10.19
CA ILE D 253 29.35 12.93 -10.20
C ILE D 253 27.87 12.58 -9.93
N SER D 254 27.08 13.65 -9.62
CA SER D 254 25.63 13.53 -9.49
C SER D 254 24.99 13.13 -10.83
N GLN D 255 23.67 12.67 -10.69
CA GLN D 255 22.88 12.20 -11.85
C GLN D 255 23.47 10.94 -12.50
N ASN D 256 24.30 10.23 -11.75
CA ASN D 256 24.77 8.90 -12.13
C ASN D 256 24.41 7.90 -11.03
N LYS D 257 23.25 7.25 -11.19
CA LYS D 257 22.66 6.39 -10.15
C LYS D 257 23.67 5.46 -9.45
N ARG D 258 24.45 4.73 -10.25
CA ARG D 258 25.42 3.74 -9.76
C ARG D 258 26.59 4.34 -8.96
N ALA D 259 27.11 5.49 -9.41
CA ALA D 259 28.23 6.18 -8.73
C ALA D 259 27.81 6.75 -7.37
N VAL D 260 26.56 7.20 -7.26
CA VAL D 260 26.01 7.66 -5.99
C VAL D 260 25.68 6.45 -5.12
N ARG D 261 25.35 5.32 -5.75
CA ARG D 261 25.12 4.08 -5.02
C ARG D 261 26.42 3.63 -4.33
N ARG D 262 27.51 3.66 -5.10
CA ARG D 262 28.85 3.29 -4.60
C ARG D 262 29.37 4.24 -3.50
N LEU D 263 29.05 5.53 -3.63
CA LEU D 263 29.44 6.53 -2.63
C LEU D 263 28.66 6.35 -1.33
N ARG D 264 27.34 6.20 -1.42
CA ARG D 264 26.49 6.03 -0.25
C ARG D 264 26.91 4.84 0.61
N THR D 265 27.25 3.73 -0.04
CA THR D 265 27.73 2.50 0.62
C THR D 265 28.94 2.79 1.51
N ALA D 266 29.91 3.50 0.94
CA ALA D 266 31.11 3.94 1.64
C ALA D 266 30.81 4.95 2.76
N CYS D 267 29.80 5.80 2.56
CA CYS D 267 29.39 6.81 3.56
C CYS D 267 28.74 6.17 4.79
N GLU D 268 27.95 5.15 4.52
CA GLU D 268 27.26 4.37 5.53
C GLU D 268 28.24 3.66 6.45
N ARG D 269 29.30 3.07 5.87
CA ARG D 269 30.31 2.40 6.68
C ARG D 269 31.30 3.38 7.34
N ALA D 270 31.57 4.51 6.67
CA ALA D 270 32.36 5.55 7.27
C ALA D 270 31.67 6.08 8.51
N LYS D 271 30.35 6.28 8.42
CA LYS D 271 29.56 6.77 9.57
C LYS D 271 29.58 5.83 10.77
N ARG D 272 29.53 4.52 10.51
CA ARG D 272 29.64 3.50 11.55
C ARG D 272 31.04 3.51 12.17
N THR D 273 32.08 3.59 11.35
CA THR D 273 33.45 3.71 11.82
C THR D 273 33.61 4.89 12.79
N LEU D 274 32.97 6.01 12.46
CA LEU D 274 33.07 7.24 13.27
C LEU D 274 32.45 7.14 14.67
N SER D 275 31.71 6.07 14.92
CA SER D 275 31.17 5.84 16.26
C SER D 275 32.25 5.38 17.22
N SER D 276 33.32 4.75 16.70
CA SER D 276 34.41 4.25 17.54
C SER D 276 35.82 4.77 17.20
N SER D 277 35.96 5.47 16.06
CA SER D 277 37.21 6.16 15.70
C SER D 277 36.90 7.63 15.48
N THR D 278 37.91 8.47 15.66
CA THR D 278 37.75 9.91 15.44
C THR D 278 37.92 10.37 13.96
N GLN D 279 38.27 9.44 13.06
CA GLN D 279 38.45 9.67 11.61
C GLN D 279 38.01 8.41 10.87
N ALA D 280 37.58 8.56 9.63
CA ALA D 280 37.30 7.41 8.75
C ALA D 280 37.83 7.69 7.34
N SER D 281 38.36 6.65 6.69
CA SER D 281 38.77 6.72 5.30
C SER D 281 37.65 6.33 4.33
N LEU D 282 37.66 6.95 3.15
CA LEU D 282 36.84 6.50 2.02
C LEU D 282 37.74 6.17 0.84
N GLU D 283 37.63 4.94 0.34
CA GLU D 283 38.35 4.55 -0.88
C GLU D 283 37.44 3.87 -1.87
N ILE D 284 37.15 4.57 -2.95
CA ILE D 284 36.35 4.03 -4.03
C ILE D 284 37.18 3.99 -5.30
N ASP D 285 37.43 2.80 -5.78
CA ASP D 285 38.09 2.63 -7.06
C ASP D 285 37.04 2.87 -8.13
N SER D 286 37.42 3.73 -9.13
CA SER D 286 36.50 4.11 -10.21
C SER D 286 35.12 4.41 -9.66
N LEU D 287 34.97 5.56 -8.99
CA LEU D 287 33.66 6.01 -8.55
C LEU D 287 32.77 6.30 -9.78
N PHE D 288 33.34 7.01 -10.76
CA PHE D 288 32.52 7.59 -11.83
C PHE D 288 32.91 7.14 -13.25
N GLU D 289 34.13 7.56 -13.66
CA GLU D 289 34.64 7.10 -15.00
C GLU D 289 36.18 7.01 -15.04
N GLY D 290 36.64 5.91 -14.25
CA GLY D 290 38.08 5.62 -14.22
C GLY D 290 38.88 6.59 -13.33
N ILE D 291 38.08 7.33 -12.50
CA ILE D 291 38.72 8.25 -11.55
C ILE D 291 38.45 7.77 -10.13
N ASP D 292 39.54 7.47 -9.41
CA ASP D 292 39.44 7.03 -8.03
C ASP D 292 39.08 8.19 -7.11
N PHE D 293 38.49 7.83 -5.97
CA PHE D 293 38.14 8.77 -4.93
C PHE D 293 38.62 8.30 -3.57
N TYR D 294 39.80 8.78 -3.19
CA TYR D 294 40.41 8.46 -1.91
C TYR D 294 40.39 9.71 -1.02
N THR D 295 39.60 9.65 0.05
CA THR D 295 39.45 10.79 0.94
C THR D 295 39.29 10.39 2.43
N SER D 296 39.02 11.37 3.29
CA SER D 296 38.69 11.11 4.68
C SER D 296 37.81 12.17 5.31
N ILE D 297 37.22 11.81 6.43
CA ILE D 297 36.42 12.72 7.21
C ILE D 297 36.70 12.46 8.71
N THR D 298 36.75 13.54 9.48
CA THR D 298 36.85 13.41 10.93
C THR D 298 35.45 13.30 11.54
N ARG D 299 35.40 12.73 12.74
CA ARG D 299 34.19 12.72 13.54
C ARG D 299 33.61 14.14 13.78
N ALA D 300 34.47 15.08 14.16
CA ALA D 300 34.04 16.47 14.32
C ALA D 300 33.41 17.08 13.05
N ARG D 301 34.01 16.79 11.89
CA ARG D 301 33.48 17.28 10.62
C ARG D 301 32.12 16.67 10.34
N PHE D 302 32.01 15.35 10.50
CA PHE D 302 30.74 14.64 10.35
C PHE D 302 29.62 15.17 11.27
N GLU D 303 29.92 15.38 12.56
CA GLU D 303 28.94 15.94 13.51
C GLU D 303 28.50 17.34 13.10
N GLU D 304 29.46 18.15 12.62
CA GLU D 304 29.18 19.52 12.16
C GLU D 304 28.28 19.56 10.92
N LEU D 305 28.54 18.67 9.97
CA LEU D 305 27.69 18.49 8.78
C LEU D 305 26.26 18.11 9.12
N CYS D 306 26.11 17.36 10.20
CA CYS D 306 24.79 16.92 10.67
C CYS D 306 24.33 17.59 11.97
N SER D 307 24.79 18.82 12.22
CA SER D 307 24.55 19.45 13.52
C SER D 307 23.08 19.70 13.81
N ASP D 308 22.32 20.05 12.78
CA ASP D 308 20.88 20.25 12.93
C ASP D 308 20.15 18.93 13.11
N LEU D 309 20.60 17.89 12.41
CA LEU D 309 20.02 16.55 12.62
C LEU D 309 20.26 16.02 14.04
N PHE D 310 21.46 16.26 14.58
CA PHE D 310 21.77 15.87 15.95
C PHE D 310 21.03 16.73 16.98
N ARG D 311 20.95 18.04 16.73
CA ARG D 311 20.24 18.97 17.61
C ARG D 311 18.78 18.56 17.81
N SER D 312 18.16 18.09 16.73
CA SER D 312 16.75 17.67 16.70
C SER D 312 16.44 16.47 17.60
N THR D 313 17.44 15.86 18.22
CA THR D 313 17.20 14.77 19.16
C THR D 313 16.76 15.31 20.53
N LEU D 314 17.04 16.61 20.74
CA LEU D 314 16.65 17.29 21.95
C LEU D 314 15.22 17.82 21.86
N GLU D 315 14.59 17.61 20.70
CA GLU D 315 13.21 18.05 20.49
C GLU D 315 12.18 17.26 21.33
N PRO D 316 12.20 15.91 21.26
CA PRO D 316 11.31 15.14 22.13
C PRO D 316 11.72 15.16 23.59
N VAL D 317 12.96 15.53 23.89
CA VAL D 317 13.43 15.70 25.27
C VAL D 317 12.79 16.95 25.88
N GLU D 318 12.84 18.06 25.15
CA GLU D 318 12.29 19.33 25.58
C GLU D 318 10.77 19.30 25.65
N LYS D 319 10.15 18.54 24.75
CA LYS D 319 8.71 18.28 24.81
C LYS D 319 8.37 17.43 26.04
N ALA D 320 9.03 16.27 26.18
CA ALA D 320 8.80 15.40 27.33
C ALA D 320 8.82 16.17 28.67
N LEU D 321 9.76 17.08 28.82
CA LEU D 321 9.90 17.89 30.03
C LEU D 321 8.76 18.90 30.23
N ARG D 322 8.07 19.23 29.14
CA ARG D 322 6.88 20.09 29.19
C ARG D 322 5.67 19.31 29.66
N ASP D 323 5.48 18.12 29.08
CA ASP D 323 4.41 17.20 29.49
C ASP D 323 4.49 16.86 30.98
N ALA D 324 5.72 16.74 31.49
CA ALA D 324 5.97 16.40 32.89
C ALA D 324 6.02 17.64 33.81
N LYS D 325 5.96 18.82 33.20
CA LYS D 325 6.10 20.12 33.90
C LYS D 325 7.38 20.19 34.75
N LEU D 326 8.49 19.81 34.13
CA LEU D 326 9.81 19.84 34.78
C LEU D 326 10.81 20.68 33.99
N ASP D 327 11.76 21.28 34.71
CA ASP D 327 12.93 21.87 34.08
C ASP D 327 13.99 20.77 34.00
N LYS D 328 14.89 20.89 33.03
CA LYS D 328 15.95 19.90 32.80
C LYS D 328 16.75 19.58 34.08
N ALA D 329 16.83 20.55 34.99
CA ALA D 329 17.55 20.40 36.26
C ALA D 329 16.89 19.37 37.21
N GLN D 330 15.60 19.13 37.03
CA GLN D 330 14.87 18.21 37.91
C GLN D 330 15.01 16.73 37.52
N ILE D 331 15.67 16.45 36.41
CA ILE D 331 15.89 15.08 35.97
C ILE D 331 17.12 14.54 36.69
N HIS D 332 16.96 13.45 37.41
CA HIS D 332 18.04 12.96 38.26
C HIS D 332 18.91 11.94 37.56
N ASP D 333 18.30 11.15 36.67
CA ASP D 333 18.97 10.05 36.01
C ASP D 333 18.60 9.97 34.53
N LEU D 334 19.54 9.47 33.73
CA LEU D 334 19.41 9.37 32.30
C LEU D 334 19.78 7.97 31.87
N VAL D 335 18.89 7.33 31.11
CA VAL D 335 19.16 5.99 30.59
C VAL D 335 19.16 6.01 29.06
N LEU D 336 20.20 5.41 28.46
CA LEU D 336 20.32 5.32 27.00
C LEU D 336 20.10 3.91 26.50
N VAL D 337 19.14 3.78 25.59
CA VAL D 337 18.71 2.52 25.01
C VAL D 337 18.58 2.74 23.49
N GLY D 338 18.65 1.67 22.70
CA GLY D 338 18.57 1.79 21.25
C GLY D 338 19.97 1.94 20.68
N GLY D 339 20.22 1.27 19.56
CA GLY D 339 21.54 1.20 18.93
C GLY D 339 22.19 2.51 18.54
N SER D 340 21.40 3.52 18.17
CA SER D 340 21.95 4.83 17.83
C SER D 340 22.49 5.66 19.00
N THR D 341 22.20 5.24 20.24
CA THR D 341 22.84 5.86 21.41
C THR D 341 24.36 5.57 21.52
N ARG D 342 24.86 4.63 20.72
CA ARG D 342 26.30 4.42 20.56
C ARG D 342 27.01 5.60 19.89
N ILE D 343 26.29 6.38 19.08
CA ILE D 343 26.91 7.56 18.42
C ILE D 343 27.37 8.57 19.47
N PRO D 344 28.69 8.81 19.56
CA PRO D 344 29.24 9.73 20.56
C PRO D 344 28.53 11.09 20.69
N LYS D 345 28.08 11.64 19.56
CA LYS D 345 27.46 12.97 19.54
C LYS D 345 26.13 12.97 20.30
N VAL D 346 25.38 11.87 20.18
CA VAL D 346 24.14 11.71 20.90
C VAL D 346 24.38 11.77 22.43
N GLN D 347 25.42 11.10 22.90
CA GLN D 347 25.78 11.13 24.31
C GLN D 347 26.26 12.53 24.76
N LYS D 348 27.12 13.16 23.94
CA LYS D 348 27.70 14.46 24.23
C LYS D 348 26.67 15.61 24.28
N LEU D 349 25.70 15.60 23.37
CA LEU D 349 24.61 16.58 23.37
C LEU D 349 23.75 16.48 24.61
N LEU D 350 23.36 15.25 24.91
CA LEU D 350 22.52 14.89 26.04
C LEU D 350 23.17 15.31 27.36
N GLN D 351 24.43 14.91 27.52
CA GLN D 351 25.22 15.24 28.69
C GLN D 351 25.41 16.75 28.80
N ASP D 352 25.73 17.41 27.69
CA ASP D 352 25.88 18.88 27.68
C ASP D 352 24.57 19.62 28.04
N PHE D 353 23.46 19.19 27.42
CA PHE D 353 22.14 19.76 27.70
C PHE D 353 21.74 19.62 29.17
N PHE D 354 22.01 18.44 29.74
CA PHE D 354 21.69 18.15 31.14
C PHE D 354 22.87 18.45 32.08
N ASN D 355 23.62 19.50 31.75
CA ASN D 355 24.59 20.12 32.65
C ASN D 355 25.61 19.16 33.25
N GLY D 356 25.98 18.13 32.49
CA GLY D 356 27.01 17.17 32.89
C GLY D 356 26.52 15.90 33.56
N ARG D 357 25.20 15.77 33.75
CA ARG D 357 24.58 14.59 34.37
C ARG D 357 25.17 13.28 33.77
N ASP D 358 25.44 12.30 34.63
CA ASP D 358 25.97 11.00 34.18
C ASP D 358 24.95 10.22 33.35
N LEU D 359 25.45 9.28 32.58
CA LEU D 359 24.62 8.46 31.74
C LEU D 359 24.69 6.99 32.16
N ASN D 360 23.53 6.36 32.30
CA ASN D 360 23.44 4.91 32.33
C ASN D 360 23.47 4.37 30.89
N LYS D 361 24.60 3.79 30.50
CA LYS D 361 24.83 3.34 29.11
C LYS D 361 25.75 2.11 29.02
N SER D 362 26.20 1.56 30.15
CA SER D 362 27.10 0.40 30.12
C SER D 362 26.46 -0.89 29.59
N ILE D 363 25.15 -1.02 29.73
CA ILE D 363 24.44 -2.18 29.18
C ILE D 363 24.19 -1.99 27.67
N ASN D 364 24.62 -2.96 26.87
CA ASN D 364 24.36 -2.98 25.44
C ASN D 364 22.95 -2.43 25.16
N PRO D 365 22.86 -1.30 24.43
CA PRO D 365 21.57 -0.60 24.26
C PRO D 365 20.51 -1.39 23.46
N ASP D 366 20.95 -2.41 22.74
CA ASP D 366 20.04 -3.30 22.04
C ASP D 366 19.44 -4.34 23.00
N GLU D 367 20.13 -4.61 24.10
CA GLU D 367 19.73 -5.70 25.00
C GLU D 367 19.19 -5.24 26.36
N ALA D 368 19.22 -3.93 26.62
CA ALA D 368 18.92 -3.38 27.97
C ALA D 368 17.48 -3.58 28.42
N VAL D 369 16.57 -3.67 27.46
CA VAL D 369 15.15 -3.88 27.74
C VAL D 369 14.88 -5.35 28.13
N ALA D 370 15.38 -6.30 27.34
CA ALA D 370 15.26 -7.73 27.68
C ALA D 370 15.96 -8.10 29.02
N TYR D 371 17.07 -7.43 29.29
CA TYR D 371 17.86 -7.60 30.49
C TYR D 371 17.00 -7.24 31.69
N GLY D 372 16.37 -6.08 31.65
CA GLY D 372 15.45 -5.65 32.71
C GLY D 372 14.22 -6.52 32.84
N ALA D 373 13.70 -6.99 31.71
CA ALA D 373 12.56 -7.93 31.74
C ALA D 373 12.94 -9.25 32.41
N ALA D 374 14.19 -9.69 32.21
CA ALA D 374 14.71 -10.93 32.79
C ALA D 374 14.98 -10.80 34.29
N VAL D 375 15.43 -9.63 34.71
CA VAL D 375 15.63 -9.32 36.15
C VAL D 375 14.28 -9.36 36.88
N GLN D 376 13.28 -8.73 36.27
CA GLN D 376 11.94 -8.66 36.83
C GLN D 376 11.25 -10.01 36.81
N ALA D 377 11.46 -10.77 35.74
CA ALA D 377 10.89 -12.11 35.64
C ALA D 377 11.37 -12.98 36.80
N ALA D 378 12.66 -12.88 37.13
CA ALA D 378 13.25 -13.60 38.29
C ALA D 378 12.68 -13.15 39.62
N ILE D 379 12.46 -11.83 39.77
CA ILE D 379 11.88 -11.27 40.99
C ILE D 379 10.47 -11.81 41.24
N LEU D 380 9.65 -11.82 40.19
CA LEU D 380 8.25 -12.24 40.28
C LEU D 380 8.09 -13.75 40.49
N MET D 381 9.16 -14.51 40.28
CA MET D 381 9.14 -15.95 40.52
C MET D 381 9.46 -16.27 42.00
N GLY D 382 8.97 -17.41 42.46
CA GLY D 382 9.26 -17.87 43.83
C GLY D 382 10.75 -18.15 44.08
MG MG E . -36.00 0.75 -27.24
MG MG F . -43.56 19.80 -42.56
K K G . -35.24 3.89 -24.59
PG ATP H . -37.40 -1.72 -25.35
O1G ATP H . -38.84 -1.38 -25.14
O2G ATP H . -37.16 -3.17 -25.21
O3G ATP H . -36.84 -1.06 -26.59
PB ATP H . -35.91 0.38 -23.86
O1B ATP H . -36.52 1.03 -22.65
O2B ATP H . -35.94 1.22 -25.13
O3B ATP H . -36.55 -1.11 -24.09
PA ATP H . -33.00 0.63 -23.82
O1A ATP H . -33.13 2.04 -23.32
O2A ATP H . -32.50 0.42 -25.24
O3A ATP H . -34.42 -0.10 -23.55
O5' ATP H . -32.04 -0.21 -22.88
C5' ATP H . -32.33 -0.34 -21.47
C4' ATP H . -31.73 -1.66 -21.03
O4' ATP H . -30.35 -1.66 -21.40
C3' ATP H . -31.81 -1.90 -19.53
O3' ATP H . -32.19 -3.28 -19.33
C2' ATP H . -30.39 -1.71 -19.07
O2' ATP H . -30.03 -2.47 -17.92
C1' ATP H . -29.59 -2.14 -20.27
N9 ATP H . -28.24 -1.55 -20.19
C8 ATP H . -27.95 -0.22 -20.16
N7 ATP H . -26.61 -0.04 -20.09
C5 ATP H . -26.03 -1.27 -20.08
C6 ATP H . -24.65 -1.81 -20.01
N6 ATP H . -23.59 -0.95 -19.94
N1 ATP H . -24.50 -3.16 -20.03
C2 ATP H . -25.54 -4.00 -20.11
N3 ATP H . -26.81 -3.58 -20.18
C4 ATP H . -27.12 -2.26 -20.16
C1 GOL I . -52.60 7.32 -38.44
O1 GOL I . -51.42 7.05 -39.21
C2 GOL I . -52.47 6.86 -36.97
O2 GOL I . -51.38 7.56 -36.44
C3 GOL I . -53.74 7.15 -36.13
O3 GOL I . -54.58 6.04 -35.81
MG MG J . -19.11 42.96 -24.19
MG MG K . 37.97 -21.38 18.30
MG MG L . 43.51 -19.04 43.19
K K M . 36.50 -17.54 18.76
PG ATP N . 39.44 -21.60 15.39
O1G ATP N . 38.70 -22.18 16.57
O2G ATP N . 40.75 -20.92 15.71
O3G ATP N . 39.61 -22.57 14.28
PB ATP N . 37.59 -19.34 15.76
O1B ATP N . 37.91 -17.93 15.35
O2B ATP N . 37.65 -19.67 17.22
O3B ATP N . 38.48 -20.39 14.87
PA ATP N . 34.71 -19.47 15.82
O1A ATP N . 34.48 -18.08 16.38
O2A ATP N . 34.41 -20.68 16.69
O3A ATP N . 36.15 -19.62 15.16
O5' ATP N . 33.87 -19.59 14.47
C5' ATP N . 33.89 -18.54 13.52
C4' ATP N . 33.51 -19.16 12.18
O4' ATP N . 32.18 -19.69 12.29
C3' ATP N . 33.49 -18.18 11.02
O3' ATP N . 34.03 -18.89 9.91
C2' ATP N . 32.02 -17.89 10.82
O2' ATP N . 31.70 -17.45 9.49
C1' ATP N . 31.39 -19.23 11.20
N9 ATP N . 29.98 -19.06 11.54
C8 ATP N . 29.44 -18.26 12.50
N7 ATP N . 28.09 -18.33 12.47
C5 ATP N . 27.74 -19.17 11.47
C6 ATP N . 26.48 -19.73 10.89
N6 ATP N . 25.28 -19.39 11.38
N1 ATP N . 26.59 -20.61 9.86
C2 ATP N . 27.79 -20.98 9.36
N3 ATP N . 28.96 -20.53 9.82
C4 ATP N . 28.99 -19.65 10.87
MG MG O . 15.29 7.03 46.12
#